data_1O6X
#
_entry.id   1O6X
#
_cell.length_a   1.000
_cell.length_b   1.000
_cell.length_c   1.000
_cell.angle_alpha   90.00
_cell.angle_beta   90.00
_cell.angle_gamma   90.00
#
_symmetry.space_group_name_H-M   'P 1'
#
_entity_poly.entity_id   1
_entity_poly.type   'polypeptide(L)'
_entity_poly.pdbx_seq_one_letter_code
;MRSLETFVGDQVLEIVPSNEEQIKNLLQLEAQEHLQLDFWKSPTTPGETAHVRVPFVNVQAVKVFLESQGIAYSIMIEDV
Q
;
_entity_poly.pdbx_strand_id   A
#
# COMPACT_ATOMS: atom_id res chain seq x y z
N MET A 1 17.75 15.83 -31.70
CA MET A 1 17.81 16.80 -30.61
C MET A 1 16.64 16.60 -29.65
N ARG A 2 16.64 15.47 -28.97
CA ARG A 2 15.60 15.15 -28.02
C ARG A 2 16.16 14.35 -26.85
N SER A 3 15.36 14.26 -25.79
CA SER A 3 15.76 13.54 -24.60
C SER A 3 14.66 13.59 -23.55
N LEU A 4 14.58 12.54 -22.75
CA LEU A 4 13.57 12.46 -21.71
C LEU A 4 14.14 11.68 -20.52
N GLU A 5 13.73 12.09 -19.34
CA GLU A 5 14.19 11.45 -18.11
C GLU A 5 13.01 10.82 -17.37
N THR A 6 13.33 9.79 -16.61
CA THR A 6 12.31 9.08 -15.85
C THR A 6 12.94 8.34 -14.66
N PHE A 7 12.08 7.79 -13.82
CA PHE A 7 12.54 7.06 -12.66
C PHE A 7 11.38 6.36 -11.96
N VAL A 8 11.68 5.73 -10.83
CA VAL A 8 10.68 5.03 -10.06
C VAL A 8 11.03 5.10 -8.57
N GLY A 9 10.21 4.44 -7.77
CA GLY A 9 10.42 4.44 -6.33
C GLY A 9 9.17 3.94 -5.60
N ASP A 10 9.26 2.73 -5.08
CA ASP A 10 8.16 2.14 -4.35
C ASP A 10 8.25 2.52 -2.87
N GLN A 11 7.34 1.96 -2.09
CA GLN A 11 7.32 2.23 -0.67
C GLN A 11 6.31 1.31 0.04
N VAL A 12 6.77 0.70 1.11
CA VAL A 12 5.93 -0.21 1.88
C VAL A 12 5.15 0.59 2.93
N LEU A 13 4.17 -0.07 3.52
CA LEU A 13 3.35 0.56 4.54
C LEU A 13 2.71 -0.52 5.41
N GLU A 14 2.54 -0.18 6.69
CA GLU A 14 1.93 -1.12 7.63
C GLU A 14 0.45 -0.79 7.82
N ILE A 15 -0.37 -1.80 7.57
CA ILE A 15 -1.81 -1.63 7.71
C ILE A 15 -2.32 -2.53 8.83
N VAL A 16 -3.27 -2.00 9.60
CA VAL A 16 -3.83 -2.75 10.71
C VAL A 16 -5.36 -2.82 10.54
N PRO A 17 -5.80 -3.92 9.86
CA PRO A 17 -7.22 -4.12 9.63
C PRO A 17 -7.93 -4.57 10.91
N SER A 18 -9.21 -4.89 10.76
CA SER A 18 -10.01 -5.33 11.88
C SER A 18 -11.40 -5.77 11.40
N ASN A 19 -11.92 -5.02 10.45
CA ASN A 19 -13.23 -5.32 9.90
C ASN A 19 -13.06 -6.01 8.53
N GLU A 20 -14.14 -6.62 8.07
CA GLU A 20 -14.13 -7.32 6.80
C GLU A 20 -14.10 -6.31 5.65
N GLU A 21 -14.87 -5.23 5.83
CA GLU A 21 -14.93 -4.20 4.81
C GLU A 21 -13.54 -3.63 4.54
N GLN A 22 -12.79 -3.45 5.61
CA GLN A 22 -11.45 -2.91 5.51
C GLN A 22 -10.53 -3.92 4.80
N ILE A 23 -10.85 -5.18 4.99
CA ILE A 23 -10.07 -6.25 4.38
C ILE A 23 -10.44 -6.36 2.90
N LYS A 24 -11.70 -6.12 2.62
CA LYS A 24 -12.19 -6.19 1.25
C LYS A 24 -11.70 -4.97 0.47
N ASN A 25 -11.29 -3.96 1.22
CA ASN A 25 -10.79 -2.73 0.62
C ASN A 25 -9.47 -3.02 -0.09
N LEU A 26 -8.50 -3.47 0.69
CA LEU A 26 -7.19 -3.78 0.14
C LEU A 26 -7.35 -4.66 -1.11
N LEU A 27 -7.94 -5.82 -0.89
CA LEU A 27 -8.16 -6.76 -1.99
C LEU A 27 -8.64 -5.99 -3.22
N GLN A 28 -9.67 -5.18 -3.01
CA GLN A 28 -10.23 -4.39 -4.09
C GLN A 28 -9.15 -3.53 -4.74
N LEU A 29 -8.27 -3.01 -3.89
CA LEU A 29 -7.19 -2.17 -4.36
C LEU A 29 -6.24 -3.01 -5.23
N GLU A 30 -5.64 -4.00 -4.58
CA GLU A 30 -4.72 -4.88 -5.27
C GLU A 30 -5.40 -5.53 -6.47
N ALA A 31 -6.72 -5.61 -6.40
CA ALA A 31 -7.49 -6.20 -7.48
C ALA A 31 -7.36 -5.35 -8.74
N GLN A 32 -7.44 -4.04 -8.53
CA GLN A 32 -7.34 -3.10 -9.63
C GLN A 32 -6.12 -3.43 -10.50
N GLU A 33 -6.36 -4.21 -11.54
CA GLU A 33 -5.30 -4.60 -12.44
C GLU A 33 -4.56 -3.36 -12.97
N HIS A 34 -3.55 -2.96 -12.22
CA HIS A 34 -2.75 -1.80 -12.60
C HIS A 34 -1.61 -1.61 -11.61
N LEU A 35 -1.97 -1.51 -10.33
CA LEU A 35 -0.99 -1.33 -9.28
C LEU A 35 -0.24 -2.64 -9.06
N GLN A 36 -1.00 -3.72 -9.05
CA GLN A 36 -0.42 -5.05 -8.86
C GLN A 36 0.51 -5.04 -7.64
N LEU A 37 -0.07 -4.76 -6.49
CA LEU A 37 0.69 -4.72 -5.25
C LEU A 37 0.75 -6.13 -4.65
N ASP A 38 1.82 -6.37 -3.89
CA ASP A 38 2.00 -7.65 -3.25
C ASP A 38 1.89 -7.49 -1.74
N PHE A 39 1.10 -8.37 -1.13
CA PHE A 39 0.91 -8.34 0.31
C PHE A 39 1.91 -9.25 1.02
N TRP A 40 2.61 -8.66 1.99
CA TRP A 40 3.59 -9.41 2.76
C TRP A 40 2.85 -10.36 3.69
N LYS A 41 2.08 -9.78 4.60
CA LYS A 41 1.32 -10.57 5.54
C LYS A 41 -0.13 -10.68 5.07
N SER A 42 -0.47 -11.86 4.60
CA SER A 42 -1.82 -12.11 4.12
C SER A 42 -2.84 -11.39 5.00
N PRO A 43 -3.29 -10.20 4.51
CA PRO A 43 -4.26 -9.40 5.25
C PRO A 43 -5.66 -10.01 5.15
N THR A 44 -5.73 -11.16 4.48
CA THR A 44 -6.99 -11.86 4.32
C THR A 44 -7.86 -11.70 5.57
N THR A 45 -7.22 -11.87 6.71
CA THR A 45 -7.92 -11.76 7.98
C THR A 45 -7.33 -10.63 8.82
N PRO A 46 -8.15 -10.10 9.75
CA PRO A 46 -7.72 -9.02 10.62
C PRO A 46 -6.77 -9.53 11.71
N GLY A 47 -6.16 -8.59 12.41
CA GLY A 47 -5.23 -8.93 13.48
C GLY A 47 -3.81 -9.08 12.94
N GLU A 48 -3.73 -9.37 11.65
CA GLU A 48 -2.43 -9.54 11.00
C GLU A 48 -2.12 -8.33 10.11
N THR A 49 -1.17 -7.53 10.57
CA THR A 49 -0.77 -6.34 9.84
C THR A 49 -0.30 -6.72 8.44
N ALA A 50 -0.51 -5.80 7.51
CA ALA A 50 -0.11 -6.02 6.13
C ALA A 50 1.04 -5.07 5.78
N HIS A 51 1.90 -5.54 4.88
CA HIS A 51 3.03 -4.75 4.45
C HIS A 51 3.28 -4.98 2.95
N VAL A 52 2.66 -4.13 2.15
CA VAL A 52 2.80 -4.23 0.71
C VAL A 52 3.61 -3.04 0.20
N ARG A 53 4.42 -3.30 -0.83
CA ARG A 53 5.24 -2.27 -1.42
C ARG A 53 4.44 -1.43 -2.41
N VAL A 54 3.80 -0.40 -1.87
CA VAL A 54 2.99 0.49 -2.70
C VAL A 54 3.90 1.51 -3.39
N PRO A 55 3.56 1.81 -4.67
CA PRO A 55 4.34 2.76 -5.44
C PRO A 55 4.04 4.20 -5.00
N PHE A 56 5.11 4.97 -4.86
CA PHE A 56 4.99 6.35 -4.44
C PHE A 56 3.93 7.09 -5.28
N VAL A 57 3.91 6.77 -6.56
CA VAL A 57 2.96 7.37 -7.47
C VAL A 57 1.55 6.94 -7.10
N ASN A 58 1.48 5.83 -6.38
CA ASN A 58 0.20 5.29 -5.95
C ASN A 58 0.12 5.31 -4.43
N VAL A 59 1.08 6.00 -3.83
CA VAL A 59 1.13 6.11 -2.38
C VAL A 59 0.07 7.11 -1.91
N GLN A 60 -0.15 8.11 -2.74
CA GLN A 60 -1.14 9.14 -2.42
C GLN A 60 -2.55 8.58 -2.54
N ALA A 61 -2.89 8.19 -3.77
CA ALA A 61 -4.21 7.63 -4.04
C ALA A 61 -4.53 6.56 -3.01
N VAL A 62 -3.48 5.89 -2.55
CA VAL A 62 -3.64 4.84 -1.56
C VAL A 62 -3.84 5.47 -0.18
N LYS A 63 -3.04 6.48 0.10
CA LYS A 63 -3.12 7.18 1.36
C LYS A 63 -4.54 7.75 1.54
N VAL A 64 -5.13 8.12 0.42
CA VAL A 64 -6.46 8.69 0.43
C VAL A 64 -7.48 7.56 0.61
N PHE A 65 -7.16 6.42 0.01
CA PHE A 65 -8.03 5.26 0.10
C PHE A 65 -8.17 4.78 1.55
N LEU A 66 -7.02 4.48 2.15
CA LEU A 66 -7.00 4.01 3.52
C LEU A 66 -7.93 4.89 4.37
N GLU A 67 -7.64 6.18 4.34
CA GLU A 67 -8.43 7.13 5.10
C GLU A 67 -9.91 7.03 4.71
N SER A 68 -10.15 6.99 3.41
CA SER A 68 -11.50 6.90 2.90
C SER A 68 -12.21 5.69 3.51
N GLN A 69 -11.49 4.57 3.54
CA GLN A 69 -12.03 3.35 4.10
C GLN A 69 -11.99 3.39 5.63
N GLY A 70 -11.57 4.55 6.14
CA GLY A 70 -11.48 4.73 7.59
C GLY A 70 -10.61 3.64 8.22
N ILE A 71 -9.44 3.45 7.64
CA ILE A 71 -8.51 2.44 8.14
C ILE A 71 -7.32 3.14 8.81
N ALA A 72 -6.42 2.33 9.33
CA ALA A 72 -5.23 2.85 9.99
C ALA A 72 -3.99 2.14 9.45
N TYR A 73 -3.09 2.94 8.91
CA TYR A 73 -1.86 2.40 8.34
C TYR A 73 -0.63 3.12 8.92
N SER A 74 0.51 2.85 8.32
CA SER A 74 1.75 3.46 8.75
C SER A 74 2.81 3.35 7.65
N ILE A 75 3.83 4.19 7.76
CA ILE A 75 4.90 4.20 6.78
C ILE A 75 6.09 3.42 7.34
N MET A 76 6.33 2.26 6.74
CA MET A 76 7.42 1.41 7.16
C MET A 76 8.77 1.99 6.72
N ILE A 77 8.99 1.97 5.42
CA ILE A 77 10.24 2.50 4.86
C ILE A 77 9.91 3.44 3.71
N GLU A 78 10.62 4.56 3.68
CA GLU A 78 10.42 5.55 2.64
C GLU A 78 11.39 5.32 1.49
N ASP A 79 11.89 6.42 0.93
CA ASP A 79 12.83 6.34 -0.17
C ASP A 79 13.62 7.64 -0.25
N VAL A 80 14.90 7.55 0.08
CA VAL A 80 15.77 8.71 0.05
C VAL A 80 16.67 8.64 -1.19
N GLN A 81 16.52 9.65 -2.04
CA GLN A 81 17.30 9.72 -3.26
C GLN A 81 18.76 9.34 -2.98
N MET A 1 30.85 12.57 -20.15
CA MET A 1 30.63 12.20 -18.76
C MET A 1 29.63 11.06 -18.63
N ARG A 2 28.36 11.42 -18.62
CA ARG A 2 27.30 10.43 -18.50
C ARG A 2 25.93 11.12 -18.52
N SER A 3 25.05 10.59 -19.35
CA SER A 3 23.71 11.14 -19.48
C SER A 3 22.68 10.06 -19.15
N LEU A 4 22.07 10.19 -17.97
CA LEU A 4 21.07 9.24 -17.55
C LEU A 4 19.98 9.97 -16.76
N GLU A 5 18.92 9.25 -16.44
CA GLU A 5 17.81 9.81 -15.70
C GLU A 5 17.73 9.18 -14.31
N THR A 6 16.80 9.68 -13.51
CA THR A 6 16.61 9.18 -12.16
C THR A 6 15.14 8.80 -11.94
N PHE A 7 14.82 8.53 -10.69
CA PHE A 7 13.46 8.15 -10.32
C PHE A 7 13.26 8.23 -8.81
N VAL A 8 12.07 7.81 -8.39
CA VAL A 8 11.74 7.82 -6.97
C VAL A 8 11.94 6.42 -6.39
N GLY A 9 10.93 5.57 -6.61
CA GLY A 9 10.99 4.21 -6.12
C GLY A 9 9.73 3.86 -5.33
N ASP A 10 9.36 2.59 -5.39
CA ASP A 10 8.18 2.12 -4.69
C ASP A 10 8.32 2.42 -3.19
N GLN A 11 7.34 1.97 -2.43
CA GLN A 11 7.35 2.18 -0.99
C GLN A 11 6.33 1.27 -0.31
N VAL A 12 6.74 0.73 0.83
CA VAL A 12 5.88 -0.17 1.58
C VAL A 12 5.19 0.61 2.70
N LEU A 13 4.19 -0.02 3.29
CA LEU A 13 3.44 0.61 4.37
C LEU A 13 2.80 -0.48 5.23
N GLU A 14 2.72 -0.19 6.52
CA GLU A 14 2.12 -1.13 7.46
C GLU A 14 0.67 -0.75 7.76
N ILE A 15 -0.22 -1.69 7.50
CA ILE A 15 -1.64 -1.46 7.73
C ILE A 15 -2.11 -2.34 8.88
N VAL A 16 -3.07 -1.82 9.63
CA VAL A 16 -3.61 -2.54 10.77
C VAL A 16 -5.14 -2.59 10.65
N PRO A 17 -5.63 -3.71 10.04
CA PRO A 17 -7.06 -3.89 9.86
C PRO A 17 -7.73 -4.27 11.19
N SER A 18 -9.03 -4.50 11.10
CA SER A 18 -9.81 -4.87 12.27
C SER A 18 -11.02 -5.71 11.85
N ASN A 19 -11.70 -5.24 10.82
CA ASN A 19 -12.87 -5.93 10.32
C ASN A 19 -12.54 -6.60 8.98
N GLU A 20 -13.59 -7.00 8.27
CA GLU A 20 -13.41 -7.65 6.99
C GLU A 20 -13.61 -6.63 5.85
N GLU A 21 -14.46 -5.67 6.12
CA GLU A 21 -14.75 -4.63 5.14
C GLU A 21 -13.47 -3.87 4.78
N GLN A 22 -12.77 -3.43 5.82
CA GLN A 22 -11.53 -2.69 5.63
C GLN A 22 -10.51 -3.56 4.89
N ILE A 23 -10.47 -4.83 5.27
CA ILE A 23 -9.55 -5.77 4.65
C ILE A 23 -9.99 -6.04 3.21
N LYS A 24 -11.30 -6.20 3.05
CA LYS A 24 -11.86 -6.48 1.75
C LYS A 24 -11.63 -5.28 0.83
N ASN A 25 -11.29 -4.16 1.45
CA ASN A 25 -11.04 -2.93 0.71
C ASN A 25 -9.72 -3.07 -0.05
N LEU A 26 -8.74 -3.66 0.61
CA LEU A 26 -7.43 -3.86 0.02
C LEU A 26 -7.56 -4.83 -1.16
N LEU A 27 -8.33 -5.89 -0.94
CA LEU A 27 -8.54 -6.89 -1.97
C LEU A 27 -9.00 -6.20 -3.26
N GLN A 28 -10.09 -5.45 -3.12
CA GLN A 28 -10.64 -4.73 -4.26
C GLN A 28 -9.57 -3.87 -4.92
N LEU A 29 -8.72 -3.30 -4.08
CA LEU A 29 -7.65 -2.45 -4.57
C LEU A 29 -6.64 -3.29 -5.34
N GLU A 30 -6.01 -4.21 -4.63
CA GLU A 30 -5.02 -5.09 -5.24
C GLU A 30 -5.63 -5.80 -6.45
N ALA A 31 -6.95 -5.86 -6.47
CA ALA A 31 -7.67 -6.51 -7.56
C ALA A 31 -7.51 -5.67 -8.83
N GLN A 32 -7.53 -4.37 -8.65
CA GLN A 32 -7.39 -3.45 -9.77
C GLN A 32 -6.08 -3.72 -10.51
N GLU A 33 -6.14 -4.67 -11.43
CA GLU A 33 -4.97 -5.02 -12.21
C GLU A 33 -4.42 -3.79 -12.95
N HIS A 34 -3.45 -3.15 -12.33
CA HIS A 34 -2.84 -1.97 -12.91
C HIS A 34 -1.68 -1.49 -12.03
N LEU A 35 -2.01 -1.21 -10.78
CA LEU A 35 -1.00 -0.75 -9.83
C LEU A 35 -0.02 -1.88 -9.55
N GLN A 36 -0.55 -3.11 -9.58
CA GLN A 36 0.27 -4.27 -9.33
C GLN A 36 0.77 -4.27 -7.88
N LEU A 37 -0.18 -4.25 -6.96
CA LEU A 37 0.14 -4.25 -5.55
C LEU A 37 0.22 -5.68 -5.04
N ASP A 38 1.07 -5.89 -4.05
CA ASP A 38 1.25 -7.22 -3.47
C ASP A 38 1.34 -7.09 -1.94
N PHE A 39 0.48 -7.84 -1.27
CA PHE A 39 0.46 -7.82 0.18
C PHE A 39 1.44 -8.84 0.76
N TRP A 40 2.21 -8.37 1.74
CA TRP A 40 3.20 -9.23 2.38
C TRP A 40 2.48 -10.12 3.37
N LYS A 41 1.90 -9.49 4.39
CA LYS A 41 1.18 -10.22 5.42
C LYS A 41 -0.29 -10.36 4.99
N SER A 42 -0.64 -11.57 4.63
CA SER A 42 -2.01 -11.85 4.20
C SER A 42 -3.00 -11.13 5.11
N PRO A 43 -3.52 -9.98 4.59
CA PRO A 43 -4.48 -9.19 5.34
C PRO A 43 -5.86 -9.85 5.36
N THR A 44 -5.92 -11.02 4.73
CA THR A 44 -7.17 -11.77 4.66
C THR A 44 -7.93 -11.66 5.99
N THR A 45 -7.27 -12.12 7.04
CA THR A 45 -7.88 -12.09 8.37
C THR A 45 -7.32 -10.89 9.16
N PRO A 46 -8.12 -10.47 10.18
CA PRO A 46 -7.73 -9.35 11.03
C PRO A 46 -6.64 -9.76 12.01
N GLY A 47 -6.34 -8.86 12.94
CA GLY A 47 -5.32 -9.12 13.94
C GLY A 47 -3.95 -9.33 13.29
N GLU A 48 -3.88 -9.00 12.01
CA GLU A 48 -2.65 -9.14 11.26
C GLU A 48 -2.41 -7.91 10.38
N THR A 49 -1.21 -7.35 10.52
CA THR A 49 -0.85 -6.18 9.74
C THR A 49 -0.46 -6.59 8.32
N ALA A 50 -0.58 -5.62 7.41
CA ALA A 50 -0.24 -5.86 6.02
C ALA A 50 0.94 -4.97 5.63
N HIS A 51 1.66 -5.42 4.60
CA HIS A 51 2.81 -4.69 4.12
C HIS A 51 2.95 -4.89 2.62
N VAL A 52 2.38 -3.95 1.86
CA VAL A 52 2.45 -4.02 0.41
C VAL A 52 3.38 -2.92 -0.11
N ARG A 53 4.10 -3.25 -1.17
CA ARG A 53 5.03 -2.29 -1.76
C ARG A 53 4.30 -1.46 -2.83
N VAL A 54 3.63 -0.42 -2.37
CA VAL A 54 2.90 0.46 -3.27
C VAL A 54 3.85 1.51 -3.83
N PRO A 55 3.60 1.90 -5.10
CA PRO A 55 4.43 2.89 -5.77
C PRO A 55 4.12 4.29 -5.25
N PHE A 56 5.19 5.04 -5.01
CA PHE A 56 5.05 6.40 -4.51
C PHE A 56 4.04 7.19 -5.34
N VAL A 57 4.09 6.97 -6.64
CA VAL A 57 3.18 7.66 -7.55
C VAL A 57 1.75 7.20 -7.28
N ASN A 58 1.64 6.05 -6.63
CA ASN A 58 0.35 5.50 -6.29
C ASN A 58 0.21 5.39 -4.78
N VAL A 59 1.14 6.03 -4.09
CA VAL A 59 1.12 6.03 -2.63
C VAL A 59 0.05 6.98 -2.12
N GLN A 60 -0.14 8.06 -2.87
CA GLN A 60 -1.14 9.06 -2.51
C GLN A 60 -2.55 8.47 -2.65
N ALA A 61 -2.92 8.18 -3.89
CA ALA A 61 -4.22 7.61 -4.17
C ALA A 61 -4.53 6.52 -3.15
N VAL A 62 -3.50 5.79 -2.77
CA VAL A 62 -3.64 4.72 -1.81
C VAL A 62 -3.86 5.31 -0.42
N LYS A 63 -3.06 6.32 -0.10
CA LYS A 63 -3.16 6.98 1.19
C LYS A 63 -4.58 7.51 1.37
N VAL A 64 -5.17 7.96 0.28
CA VAL A 64 -6.52 8.48 0.31
C VAL A 64 -7.51 7.33 0.48
N PHE A 65 -7.16 6.20 -0.12
CA PHE A 65 -8.00 5.02 -0.05
C PHE A 65 -8.14 4.54 1.40
N LEU A 66 -7.00 4.32 2.03
CA LEU A 66 -6.97 3.86 3.40
C LEU A 66 -7.92 4.73 4.23
N GLU A 67 -7.65 6.03 4.21
CA GLU A 67 -8.47 6.97 4.96
C GLU A 67 -9.94 6.82 4.58
N SER A 68 -10.16 6.72 3.27
CA SER A 68 -11.52 6.58 2.75
C SER A 68 -12.21 5.38 3.41
N GLN A 69 -11.45 4.30 3.51
CA GLN A 69 -11.97 3.08 4.10
C GLN A 69 -11.89 3.16 5.63
N GLY A 70 -11.62 4.36 6.11
CA GLY A 70 -11.50 4.58 7.55
C GLY A 70 -10.62 3.52 8.20
N ILE A 71 -9.42 3.38 7.64
CA ILE A 71 -8.47 2.40 8.16
C ILE A 71 -7.29 3.15 8.80
N ALA A 72 -6.39 2.37 9.37
CA ALA A 72 -5.22 2.93 10.02
C ALA A 72 -3.96 2.22 9.51
N TYR A 73 -3.07 3.00 8.93
CA TYR A 73 -1.82 2.47 8.41
C TYR A 73 -0.62 3.28 8.89
N SER A 74 0.52 2.99 8.29
CA SER A 74 1.75 3.68 8.64
C SER A 74 2.81 3.46 7.56
N ILE A 75 3.86 4.26 7.63
CA ILE A 75 4.94 4.16 6.66
C ILE A 75 6.10 3.37 7.29
N MET A 76 6.55 2.38 6.55
CA MET A 76 7.64 1.54 7.01
C MET A 76 8.99 2.02 6.44
N ILE A 77 9.12 1.89 5.13
CA ILE A 77 10.34 2.29 4.46
C ILE A 77 10.02 3.42 3.47
N GLU A 78 10.94 4.37 3.37
CA GLU A 78 10.77 5.50 2.47
C GLU A 78 12.07 5.78 1.73
N ASP A 79 12.31 7.07 1.51
CA ASP A 79 13.51 7.50 0.80
C ASP A 79 14.62 7.74 1.83
N VAL A 80 15.18 6.65 2.32
CA VAL A 80 16.26 6.73 3.30
C VAL A 80 17.21 7.87 2.91
N GLN A 81 17.12 8.96 3.67
CA GLN A 81 17.96 10.11 3.41
C GLN A 81 19.36 9.90 4.00
N MET A 1 23.74 12.00 -29.14
CA MET A 1 22.65 12.77 -29.67
C MET A 1 21.30 12.20 -29.23
N ARG A 2 21.16 12.00 -27.93
CA ARG A 2 19.94 11.45 -27.38
C ARG A 2 19.85 11.75 -25.88
N SER A 3 18.63 11.83 -25.39
CA SER A 3 18.39 12.11 -23.98
C SER A 3 18.36 10.80 -23.18
N LEU A 4 17.83 10.90 -21.98
CA LEU A 4 17.72 9.73 -21.11
C LEU A 4 16.34 9.71 -20.45
N GLU A 5 16.08 8.63 -19.74
CA GLU A 5 14.81 8.46 -19.06
C GLU A 5 15.01 8.49 -17.55
N THR A 6 13.99 8.96 -16.85
CA THR A 6 14.04 9.04 -15.39
C THR A 6 13.11 8.00 -14.78
N PHE A 7 12.97 8.10 -13.46
CA PHE A 7 12.12 7.17 -12.73
C PHE A 7 11.88 7.66 -11.30
N VAL A 8 11.19 6.83 -10.53
CA VAL A 8 10.88 7.17 -9.15
C VAL A 8 11.33 6.03 -8.24
N GLY A 9 10.62 5.89 -7.13
CA GLY A 9 10.93 4.84 -6.17
C GLY A 9 9.67 4.33 -5.47
N ASP A 10 9.73 3.08 -5.04
CA ASP A 10 8.60 2.47 -4.37
C ASP A 10 8.66 2.81 -2.88
N GLN A 11 7.73 2.22 -2.14
CA GLN A 11 7.67 2.46 -0.70
C GLN A 11 6.67 1.50 -0.06
N VAL A 12 7.08 0.95 1.08
CA VAL A 12 6.23 0.02 1.81
C VAL A 12 5.44 0.78 2.88
N LEU A 13 4.45 0.11 3.43
CA LEU A 13 3.61 0.70 4.46
C LEU A 13 2.97 -0.41 5.30
N GLU A 14 2.83 -0.12 6.58
CA GLU A 14 2.23 -1.09 7.50
C GLU A 14 0.76 -0.76 7.72
N ILE A 15 -0.08 -1.76 7.48
CA ILE A 15 -1.51 -1.59 7.66
C ILE A 15 -2.00 -2.51 8.78
N VAL A 16 -2.99 -2.03 9.52
CA VAL A 16 -3.55 -2.79 10.61
C VAL A 16 -5.07 -2.86 10.46
N PRO A 17 -5.53 -3.96 9.82
CA PRO A 17 -6.96 -4.16 9.61
C PRO A 17 -7.66 -4.57 10.90
N SER A 18 -8.94 -4.88 10.77
CA SER A 18 -9.73 -5.29 11.92
C SER A 18 -11.17 -5.56 11.49
N ASN A 19 -11.64 -4.75 10.54
CA ASN A 19 -13.00 -4.89 10.04
C ASN A 19 -12.96 -5.56 8.67
N GLU A 20 -14.04 -6.26 8.36
CA GLU A 20 -14.15 -6.95 7.08
C GLU A 20 -14.19 -5.94 5.93
N GLU A 21 -14.89 -4.84 6.18
CA GLU A 21 -15.02 -3.79 5.18
C GLU A 21 -13.64 -3.24 4.81
N GLN A 22 -12.84 -2.99 5.83
CA GLN A 22 -11.50 -2.46 5.63
C GLN A 22 -10.63 -3.48 4.89
N ILE A 23 -10.80 -4.74 5.28
CA ILE A 23 -10.03 -5.81 4.66
C ILE A 23 -10.56 -6.06 3.24
N LYS A 24 -11.87 -5.93 3.10
CA LYS A 24 -12.51 -6.12 1.80
C LYS A 24 -12.08 -5.00 0.86
N ASN A 25 -11.57 -3.93 1.45
CA ASN A 25 -11.12 -2.79 0.68
C ASN A 25 -9.83 -3.14 -0.05
N LEU A 26 -8.83 -3.54 0.73
CA LEU A 26 -7.54 -3.91 0.18
C LEU A 26 -7.75 -4.90 -0.98
N LEU A 27 -8.32 -6.05 -0.63
CA LEU A 27 -8.58 -7.08 -1.62
C LEU A 27 -9.12 -6.43 -2.89
N GLN A 28 -10.15 -5.62 -2.71
CA GLN A 28 -10.77 -4.94 -3.83
C GLN A 28 -9.73 -4.11 -4.59
N LEU A 29 -8.83 -3.51 -3.82
CA LEU A 29 -7.79 -2.68 -4.41
C LEU A 29 -6.85 -3.56 -5.23
N GLU A 30 -6.18 -4.49 -4.53
CA GLU A 30 -5.26 -5.39 -5.18
C GLU A 30 -5.94 -6.09 -6.36
N ALA A 31 -7.25 -6.15 -6.30
CA ALA A 31 -8.04 -6.79 -7.34
C ALA A 31 -7.88 -5.98 -8.64
N GLN A 32 -7.95 -4.67 -8.48
CA GLN A 32 -7.82 -3.77 -9.63
C GLN A 32 -6.58 -4.13 -10.44
N GLU A 33 -6.78 -4.96 -11.44
CA GLU A 33 -5.68 -5.39 -12.30
C GLU A 33 -4.73 -4.21 -12.56
N HIS A 34 -5.33 -3.08 -12.88
CA HIS A 34 -4.56 -1.88 -13.16
C HIS A 34 -3.40 -1.77 -12.16
N LEU A 35 -3.74 -1.91 -10.90
CA LEU A 35 -2.75 -1.83 -9.84
C LEU A 35 -2.08 -3.19 -9.68
N GLN A 36 -2.60 -3.97 -8.74
CA GLN A 36 -2.06 -5.29 -8.47
C GLN A 36 -0.82 -5.19 -7.58
N LEU A 37 -1.08 -4.83 -6.32
CA LEU A 37 -0.01 -4.70 -5.35
C LEU A 37 0.29 -6.06 -4.73
N ASP A 38 1.50 -6.19 -4.23
CA ASP A 38 1.92 -7.44 -3.60
C ASP A 38 1.89 -7.27 -2.09
N PHE A 39 1.05 -8.07 -1.44
CA PHE A 39 0.91 -8.02 -0.01
C PHE A 39 1.85 -9.03 0.67
N TRP A 40 2.66 -8.51 1.59
CA TRP A 40 3.60 -9.35 2.30
C TRP A 40 2.81 -10.26 3.26
N LYS A 41 2.14 -9.62 4.21
CA LYS A 41 1.35 -10.34 5.19
C LYS A 41 -0.11 -10.39 4.71
N SER A 42 -0.50 -11.55 4.22
CA SER A 42 -1.85 -11.75 3.73
C SER A 42 -2.84 -11.05 4.66
N PRO A 43 -3.29 -9.84 4.22
CA PRO A 43 -4.24 -9.08 5.01
C PRO A 43 -5.65 -9.67 4.91
N THR A 44 -5.74 -10.76 4.16
CA THR A 44 -7.01 -11.44 3.98
C THR A 44 -7.81 -11.43 5.28
N THR A 45 -7.08 -11.43 6.38
CA THR A 45 -7.71 -11.42 7.69
C THR A 45 -7.11 -10.32 8.57
N PRO A 46 -7.92 -9.86 9.56
CA PRO A 46 -7.48 -8.81 10.47
C PRO A 46 -6.47 -9.35 11.48
N GLY A 47 -5.85 -8.43 12.21
CA GLY A 47 -4.88 -8.80 13.21
C GLY A 47 -3.48 -8.91 12.61
N GLU A 48 -3.44 -9.47 11.41
CA GLU A 48 -2.17 -9.64 10.71
C GLU A 48 -1.88 -8.43 9.83
N THR A 49 -1.00 -7.56 10.34
CA THR A 49 -0.63 -6.37 9.62
C THR A 49 -0.16 -6.71 8.21
N ALA A 50 -0.27 -5.74 7.33
CA ALA A 50 0.14 -5.93 5.94
C ALA A 50 1.31 -4.98 5.63
N HIS A 51 2.12 -5.40 4.66
CA HIS A 51 3.27 -4.60 4.26
C HIS A 51 3.53 -4.81 2.77
N VAL A 52 2.95 -3.92 1.98
CA VAL A 52 3.11 -3.99 0.53
C VAL A 52 3.96 -2.81 0.06
N ARG A 53 4.77 -3.08 -0.95
CA ARG A 53 5.64 -2.04 -1.50
C ARG A 53 4.88 -1.23 -2.55
N VAL A 54 4.14 -0.24 -2.07
CA VAL A 54 3.36 0.62 -2.95
C VAL A 54 4.29 1.68 -3.55
N PRO A 55 4.01 2.01 -4.84
CA PRO A 55 4.81 3.01 -5.54
C PRO A 55 4.45 4.41 -5.07
N PHE A 56 5.47 5.15 -4.67
CA PHE A 56 5.28 6.52 -4.21
C PHE A 56 4.22 7.24 -5.03
N VAL A 57 4.14 6.85 -6.30
CA VAL A 57 3.16 7.45 -7.20
C VAL A 57 1.76 7.06 -6.75
N ASN A 58 1.56 5.77 -6.54
CA ASN A 58 0.27 5.27 -6.12
C ASN A 58 0.12 5.49 -4.62
N VAL A 59 1.25 5.58 -3.94
CA VAL A 59 1.26 5.80 -2.50
C VAL A 59 0.16 6.80 -2.13
N GLN A 60 0.10 7.86 -2.93
CA GLN A 60 -0.90 8.90 -2.71
C GLN A 60 -2.31 8.32 -2.84
N ALA A 61 -2.67 7.98 -4.07
CA ALA A 61 -3.98 7.43 -4.35
C ALA A 61 -4.29 6.34 -3.32
N VAL A 62 -3.24 5.67 -2.86
CA VAL A 62 -3.39 4.61 -1.89
C VAL A 62 -3.61 5.23 -0.51
N LYS A 63 -2.87 6.29 -0.24
CA LYS A 63 -2.99 6.98 1.04
C LYS A 63 -4.40 7.52 1.20
N VAL A 64 -4.99 7.90 0.08
CA VAL A 64 -6.36 8.42 0.09
C VAL A 64 -7.35 7.27 0.25
N PHE A 65 -6.97 6.13 -0.32
CA PHE A 65 -7.82 4.94 -0.23
C PHE A 65 -7.96 4.47 1.22
N LEU A 66 -6.82 4.21 1.84
CA LEU A 66 -6.81 3.76 3.21
C LEU A 66 -7.77 4.63 4.05
N GLU A 67 -7.53 5.93 3.99
CA GLU A 67 -8.35 6.87 4.73
C GLU A 67 -9.81 6.72 4.33
N SER A 68 -10.03 6.65 3.02
CA SER A 68 -11.37 6.51 2.49
C SER A 68 -12.07 5.29 3.12
N GLN A 69 -11.29 4.22 3.23
CA GLN A 69 -11.83 2.99 3.82
C GLN A 69 -11.76 3.05 5.34
N GLY A 70 -11.51 4.26 5.84
CA GLY A 70 -11.42 4.47 7.27
C GLY A 70 -10.57 3.39 7.94
N ILE A 71 -9.36 3.24 7.41
CA ILE A 71 -8.43 2.24 7.94
C ILE A 71 -7.27 2.96 8.64
N ALA A 72 -6.42 2.16 9.25
CA ALA A 72 -5.26 2.69 9.95
C ALA A 72 -3.99 2.02 9.42
N TYR A 73 -3.10 2.86 8.90
CA TYR A 73 -1.84 2.37 8.35
C TYR A 73 -0.68 3.21 8.86
N SER A 74 0.48 2.98 8.24
CA SER A 74 1.68 3.71 8.61
C SER A 74 2.79 3.45 7.58
N ILE A 75 3.84 4.25 7.68
CA ILE A 75 4.96 4.12 6.77
C ILE A 75 6.08 3.33 7.45
N MET A 76 6.61 2.36 6.72
CA MET A 76 7.68 1.52 7.24
C MET A 76 9.04 2.04 6.78
N ILE A 77 9.17 2.18 5.48
CA ILE A 77 10.42 2.67 4.90
C ILE A 77 10.11 3.74 3.85
N GLU A 78 10.93 4.78 3.85
CA GLU A 78 10.76 5.87 2.92
C GLU A 78 12.11 6.31 2.36
N ASP A 79 12.24 7.61 2.14
CA ASP A 79 13.46 8.17 1.60
C ASP A 79 14.38 8.57 2.76
N VAL A 80 14.98 7.57 3.38
CA VAL A 80 15.88 7.81 4.49
C VAL A 80 17.32 7.90 3.98
N GLN A 81 17.89 9.09 4.10
CA GLN A 81 19.25 9.32 3.66
C GLN A 81 20.14 8.12 4.01
N MET A 1 31.64 4.77 -23.83
CA MET A 1 31.10 5.81 -22.97
C MET A 1 30.68 5.23 -21.62
N ARG A 2 29.59 4.49 -21.63
CA ARG A 2 29.08 3.88 -20.42
C ARG A 2 27.71 3.24 -20.68
N SER A 3 27.12 2.73 -19.61
CA SER A 3 25.82 2.10 -19.70
C SER A 3 24.77 2.95 -18.99
N LEU A 4 23.55 2.41 -18.94
CA LEU A 4 22.45 3.12 -18.29
C LEU A 4 22.09 2.41 -16.99
N GLU A 5 21.75 3.21 -15.99
CA GLU A 5 21.37 2.67 -14.69
C GLU A 5 19.92 2.99 -14.38
N THR A 6 19.18 1.95 -13.99
CA THR A 6 17.78 2.11 -13.66
C THR A 6 17.57 2.04 -12.15
N PHE A 7 16.36 2.38 -11.73
CA PHE A 7 16.03 2.36 -10.32
C PHE A 7 14.51 2.49 -10.11
N VAL A 8 14.13 2.58 -8.85
CA VAL A 8 12.72 2.71 -8.50
C VAL A 8 12.58 3.54 -7.23
N GLY A 9 11.38 4.03 -7.01
CA GLY A 9 11.10 4.85 -5.84
C GLY A 9 9.82 4.39 -5.14
N ASP A 10 9.77 3.11 -4.85
CA ASP A 10 8.61 2.54 -4.18
C ASP A 10 8.64 2.90 -2.70
N GLN A 11 7.69 2.34 -1.97
CA GLN A 11 7.61 2.60 -0.54
C GLN A 11 6.58 1.66 0.10
N VAL A 12 7.01 1.02 1.18
CA VAL A 12 6.14 0.09 1.90
C VAL A 12 5.34 0.87 2.95
N LEU A 13 4.36 0.19 3.52
CA LEU A 13 3.51 0.79 4.53
C LEU A 13 2.90 -0.31 5.40
N GLU A 14 2.72 0.02 6.67
CA GLU A 14 2.15 -0.92 7.62
C GLU A 14 0.65 -0.64 7.81
N ILE A 15 -0.15 -1.64 7.49
CA ILE A 15 -1.59 -1.51 7.63
C ILE A 15 -2.07 -2.41 8.77
N VAL A 16 -3.07 -1.91 9.49
CA VAL A 16 -3.63 -2.65 10.60
C VAL A 16 -5.15 -2.66 10.50
N PRO A 17 -5.69 -3.76 9.91
CA PRO A 17 -7.12 -3.90 9.74
C PRO A 17 -7.80 -4.23 11.06
N SER A 18 -9.12 -4.41 10.99
CA SER A 18 -9.89 -4.75 12.18
C SER A 18 -11.14 -5.54 11.78
N ASN A 19 -11.80 -5.05 10.73
CA ASN A 19 -13.00 -5.70 10.25
C ASN A 19 -12.75 -6.27 8.85
N GLU A 20 -13.81 -6.79 8.25
CA GLU A 20 -13.70 -7.36 6.92
C GLU A 20 -13.96 -6.29 5.86
N GLU A 21 -14.56 -5.20 6.31
CA GLU A 21 -14.87 -4.09 5.41
C GLU A 21 -13.58 -3.47 4.87
N GLN A 22 -12.79 -2.92 5.79
CA GLN A 22 -11.53 -2.29 5.43
C GLN A 22 -10.60 -3.32 4.79
N ILE A 23 -10.79 -4.58 5.18
CA ILE A 23 -9.98 -5.66 4.65
C ILE A 23 -10.44 -6.02 3.25
N LYS A 24 -11.76 -6.03 3.09
CA LYS A 24 -12.36 -6.36 1.80
C LYS A 24 -12.06 -5.23 0.80
N ASN A 25 -11.70 -4.08 1.35
CA ASN A 25 -11.38 -2.93 0.53
C ASN A 25 -9.99 -3.10 -0.08
N LEU A 26 -9.10 -3.69 0.71
CA LEU A 26 -7.75 -3.92 0.26
C LEU A 26 -7.75 -4.93 -0.90
N LEU A 27 -8.54 -5.98 -0.70
CA LEU A 27 -8.65 -7.03 -1.71
C LEU A 27 -9.01 -6.39 -3.06
N GLN A 28 -10.12 -5.66 -3.07
CA GLN A 28 -10.58 -5.01 -4.28
C GLN A 28 -9.46 -4.14 -4.87
N LEU A 29 -8.70 -3.53 -3.97
CA LEU A 29 -7.59 -2.68 -4.39
C LEU A 29 -6.51 -3.54 -5.05
N GLU A 30 -5.95 -4.44 -4.26
CA GLU A 30 -4.91 -5.33 -4.76
C GLU A 30 -5.39 -6.07 -6.01
N ALA A 31 -6.70 -6.28 -6.06
CA ALA A 31 -7.30 -6.96 -7.19
C ALA A 31 -7.12 -6.12 -8.46
N GLN A 32 -7.47 -4.85 -8.33
CA GLN A 32 -7.35 -3.93 -9.45
C GLN A 32 -6.02 -4.14 -10.17
N GLU A 33 -6.10 -4.78 -11.33
CA GLU A 33 -4.92 -5.05 -12.12
C GLU A 33 -3.96 -3.87 -12.06
N HIS A 34 -4.48 -2.70 -12.42
CA HIS A 34 -3.68 -1.49 -12.41
C HIS A 34 -3.05 -1.30 -11.03
N LEU A 35 -3.87 -1.52 -10.00
CA LEU A 35 -3.40 -1.38 -8.64
C LEU A 35 -3.02 -2.76 -8.09
N GLN A 36 -2.27 -3.50 -8.90
CA GLN A 36 -1.83 -4.83 -8.51
C GLN A 36 -0.81 -4.74 -7.36
N LEU A 37 -1.30 -4.25 -6.24
CA LEU A 37 -0.46 -4.11 -5.06
C LEU A 37 0.04 -5.48 -4.63
N ASP A 38 1.20 -5.49 -3.97
CA ASP A 38 1.79 -6.73 -3.50
C ASP A 38 1.82 -6.72 -1.98
N PHE A 39 1.07 -7.65 -1.39
CA PHE A 39 1.00 -7.76 0.05
C PHE A 39 2.06 -8.74 0.57
N TRP A 40 2.80 -8.28 1.57
CA TRP A 40 3.84 -9.10 2.17
C TRP A 40 3.16 -10.15 3.05
N LYS A 41 2.17 -9.70 3.80
CA LYS A 41 1.44 -10.59 4.69
C LYS A 41 -0.04 -10.59 4.30
N SER A 42 -0.47 -11.70 3.74
CA SER A 42 -1.86 -11.84 3.32
C SER A 42 -2.79 -11.22 4.36
N PRO A 43 -3.25 -9.97 4.05
CA PRO A 43 -4.14 -9.27 4.96
C PRO A 43 -5.55 -9.84 4.90
N THR A 44 -5.70 -10.86 4.07
CA THR A 44 -7.00 -11.51 3.91
C THR A 44 -7.70 -11.64 5.26
N THR A 45 -6.90 -11.82 6.30
CA THR A 45 -7.42 -11.96 7.65
C THR A 45 -7.13 -10.70 8.47
N PRO A 46 -8.03 -10.43 9.45
CA PRO A 46 -7.89 -9.27 10.30
C PRO A 46 -6.78 -9.48 11.33
N GLY A 47 -6.75 -8.61 12.33
CA GLY A 47 -5.75 -8.69 13.38
C GLY A 47 -4.39 -9.11 12.81
N GLU A 48 -4.17 -8.72 11.56
CA GLU A 48 -2.92 -9.05 10.89
C GLU A 48 -2.39 -7.82 10.15
N THR A 49 -1.15 -7.46 10.46
CA THR A 49 -0.51 -6.32 9.83
C THR A 49 -0.07 -6.67 8.41
N ALA A 50 -0.23 -5.71 7.52
CA ALA A 50 0.14 -5.91 6.13
C ALA A 50 1.28 -4.95 5.77
N HIS A 51 2.06 -5.35 4.77
CA HIS A 51 3.17 -4.53 4.32
C HIS A 51 3.38 -4.72 2.83
N VAL A 52 2.79 -3.81 2.06
CA VAL A 52 2.90 -3.87 0.60
C VAL A 52 3.80 -2.74 0.12
N ARG A 53 4.57 -3.04 -0.92
CA ARG A 53 5.48 -2.06 -1.48
C ARG A 53 4.77 -1.23 -2.54
N VAL A 54 4.05 -0.21 -2.06
CA VAL A 54 3.32 0.67 -2.95
C VAL A 54 4.26 1.75 -3.49
N PRO A 55 4.04 2.11 -4.79
CA PRO A 55 4.87 3.12 -5.43
C PRO A 55 4.50 4.52 -4.94
N PHE A 56 5.53 5.29 -4.65
CA PHE A 56 5.35 6.65 -4.17
C PHE A 56 4.35 7.41 -5.05
N VAL A 57 4.46 7.17 -6.35
CA VAL A 57 3.58 7.82 -7.31
C VAL A 57 2.15 7.33 -7.09
N ASN A 58 2.04 6.18 -6.45
CA ASN A 58 0.74 5.59 -6.18
C ASN A 58 0.54 5.49 -4.66
N VAL A 59 1.42 6.17 -3.93
CA VAL A 59 1.34 6.16 -2.49
C VAL A 59 0.21 7.09 -2.03
N GLN A 60 -0.03 8.11 -2.83
CA GLN A 60 -1.08 9.07 -2.52
C GLN A 60 -2.46 8.42 -2.70
N ALA A 61 -2.77 8.08 -3.94
CA ALA A 61 -4.04 7.45 -4.25
C ALA A 61 -4.34 6.38 -3.21
N VAL A 62 -3.29 5.70 -2.77
CA VAL A 62 -3.43 4.66 -1.77
C VAL A 62 -3.73 5.28 -0.41
N LYS A 63 -2.99 6.34 -0.11
CA LYS A 63 -3.16 7.03 1.16
C LYS A 63 -4.62 7.50 1.28
N VAL A 64 -5.19 7.85 0.14
CA VAL A 64 -6.56 8.31 0.11
C VAL A 64 -7.51 7.11 0.27
N PHE A 65 -7.09 6.00 -0.32
CA PHE A 65 -7.88 4.78 -0.25
C PHE A 65 -8.04 4.30 1.19
N LEU A 66 -6.90 4.11 1.85
CA LEU A 66 -6.89 3.66 3.22
C LEU A 66 -7.90 4.49 4.03
N GLU A 67 -7.68 5.80 4.01
CA GLU A 67 -8.56 6.71 4.73
C GLU A 67 -10.01 6.51 4.29
N SER A 68 -10.20 6.40 2.99
CA SER A 68 -11.52 6.20 2.44
C SER A 68 -12.17 4.96 3.07
N GLN A 69 -11.38 3.91 3.19
CA GLN A 69 -11.87 2.67 3.76
C GLN A 69 -11.83 2.75 5.29
N GLY A 70 -11.59 3.95 5.79
CA GLY A 70 -11.52 4.18 7.21
C GLY A 70 -10.60 3.17 7.89
N ILE A 71 -9.39 3.08 7.36
CA ILE A 71 -8.39 2.16 7.90
C ILE A 71 -7.25 2.96 8.53
N ALA A 72 -6.33 2.23 9.13
CA ALA A 72 -5.19 2.86 9.78
C ALA A 72 -3.91 2.17 9.32
N TYR A 73 -3.02 2.97 8.73
CA TYR A 73 -1.76 2.44 8.24
C TYR A 73 -0.59 3.25 8.81
N SER A 74 0.59 2.99 8.25
CA SER A 74 1.79 3.68 8.70
C SER A 74 2.88 3.59 7.62
N ILE A 75 3.88 4.43 7.75
CA ILE A 75 4.99 4.46 6.80
C ILE A 75 6.17 3.68 7.38
N MET A 76 6.39 2.51 6.81
CA MET A 76 7.48 1.66 7.25
C MET A 76 8.84 2.26 6.87
N ILE A 77 9.11 2.25 5.57
CA ILE A 77 10.36 2.78 5.06
C ILE A 77 10.06 3.78 3.94
N GLU A 78 10.78 4.89 3.97
CA GLU A 78 10.60 5.93 2.97
C GLU A 78 11.66 5.78 1.87
N ASP A 79 12.13 6.92 1.39
CA ASP A 79 13.13 6.94 0.34
C ASP A 79 14.52 6.87 0.97
N VAL A 80 14.86 5.68 1.44
CA VAL A 80 16.16 5.46 2.07
C VAL A 80 17.23 6.21 1.28
N GLN A 81 17.69 7.30 1.87
CA GLN A 81 18.72 8.12 1.24
C GLN A 81 20.06 7.39 1.28
N MET A 1 29.96 22.85 -12.32
CA MET A 1 29.00 21.81 -12.01
C MET A 1 27.58 22.38 -11.95
N ARG A 2 26.62 21.46 -11.91
CA ARG A 2 25.22 21.85 -11.86
C ARG A 2 24.32 20.63 -12.05
N SER A 3 24.23 19.84 -10.99
CA SER A 3 23.41 18.64 -11.03
C SER A 3 22.05 18.91 -10.38
N LEU A 4 21.33 17.83 -10.10
CA LEU A 4 20.02 17.94 -9.48
C LEU A 4 19.94 16.95 -8.32
N GLU A 5 18.71 16.56 -8.02
CA GLU A 5 18.47 15.62 -6.93
C GLU A 5 17.91 14.30 -7.48
N THR A 6 17.93 13.28 -6.63
CA THR A 6 17.44 11.98 -7.02
C THR A 6 16.20 11.61 -6.19
N PHE A 7 15.79 10.35 -6.30
CA PHE A 7 14.64 9.86 -5.58
C PHE A 7 14.49 8.35 -5.73
N VAL A 8 13.86 7.74 -4.75
CA VAL A 8 13.64 6.30 -4.77
C VAL A 8 12.53 5.97 -5.75
N GLY A 9 11.81 4.89 -5.46
CA GLY A 9 10.72 4.46 -6.31
C GLY A 9 9.51 4.05 -5.47
N ASP A 10 9.28 2.74 -5.44
CA ASP A 10 8.16 2.21 -4.68
C ASP A 10 8.33 2.55 -3.21
N GLN A 11 7.41 2.04 -2.40
CA GLN A 11 7.45 2.30 -0.97
C GLN A 11 6.48 1.36 -0.23
N VAL A 12 6.94 0.85 0.89
CA VAL A 12 6.14 -0.07 1.68
C VAL A 12 5.40 0.73 2.76
N LEU A 13 4.43 0.08 3.38
CA LEU A 13 3.63 0.70 4.41
C LEU A 13 2.95 -0.38 5.27
N GLU A 14 2.67 -0.02 6.51
CA GLU A 14 2.03 -0.94 7.43
C GLU A 14 0.52 -0.69 7.46
N ILE A 15 -0.22 -1.77 7.66
CA ILE A 15 -1.67 -1.69 7.72
C ILE A 15 -2.18 -2.55 8.87
N VAL A 16 -3.16 -2.02 9.58
CA VAL A 16 -3.75 -2.73 10.70
C VAL A 16 -5.27 -2.71 10.58
N PRO A 17 -5.82 -3.77 9.93
CA PRO A 17 -7.25 -3.87 9.74
C PRO A 17 -7.95 -4.27 11.06
N SER A 18 -9.26 -4.42 10.96
CA SER A 18 -10.05 -4.79 12.12
C SER A 18 -11.30 -5.57 11.68
N ASN A 19 -11.95 -5.05 10.65
CA ASN A 19 -13.14 -5.68 10.13
C ASN A 19 -12.82 -6.35 8.78
N GLU A 20 -13.86 -6.86 8.14
CA GLU A 20 -13.71 -7.51 6.86
C GLU A 20 -13.72 -6.48 5.73
N GLU A 21 -14.67 -5.55 5.83
CA GLU A 21 -14.80 -4.51 4.84
C GLU A 21 -13.44 -3.88 4.55
N GLN A 22 -12.79 -3.44 5.61
CA GLN A 22 -11.48 -2.81 5.47
C GLN A 22 -10.54 -3.72 4.69
N ILE A 23 -10.58 -4.99 5.03
CA ILE A 23 -9.73 -5.97 4.37
C ILE A 23 -10.20 -6.16 2.92
N LYS A 24 -11.52 -6.20 2.76
CA LYS A 24 -12.12 -6.37 1.45
C LYS A 24 -11.76 -5.16 0.58
N ASN A 25 -11.29 -4.11 1.24
CA ASN A 25 -10.92 -2.89 0.54
C ASN A 25 -9.63 -3.13 -0.24
N LEU A 26 -8.59 -3.51 0.50
CA LEU A 26 -7.30 -3.78 -0.11
C LEU A 26 -7.49 -4.67 -1.34
N LEU A 27 -8.02 -5.85 -1.10
CA LEU A 27 -8.26 -6.80 -2.18
C LEU A 27 -8.83 -6.05 -3.39
N GLN A 28 -9.89 -5.32 -3.15
CA GLN A 28 -10.53 -4.55 -4.20
C GLN A 28 -9.51 -3.64 -4.89
N LEU A 29 -8.62 -3.08 -4.09
CA LEU A 29 -7.60 -2.20 -4.60
C LEU A 29 -6.62 -3.00 -5.46
N GLU A 30 -5.94 -3.94 -4.81
CA GLU A 30 -4.98 -4.78 -5.50
C GLU A 30 -5.63 -5.47 -6.69
N ALA A 31 -6.96 -5.55 -6.64
CA ALA A 31 -7.71 -6.17 -7.71
C ALA A 31 -7.63 -5.31 -8.97
N GLN A 32 -7.67 -4.01 -8.76
CA GLN A 32 -7.59 -3.06 -9.86
C GLN A 32 -6.34 -3.32 -10.69
N GLU A 33 -6.51 -4.10 -11.75
CA GLU A 33 -5.41 -4.43 -12.63
C GLU A 33 -4.69 -3.16 -13.09
N HIS A 34 -3.70 -2.76 -12.31
CA HIS A 34 -2.93 -1.57 -12.61
C HIS A 34 -1.79 -1.42 -11.61
N LEU A 35 -2.18 -1.37 -10.34
CA LEU A 35 -1.21 -1.21 -9.27
C LEU A 35 -0.37 -2.49 -9.16
N GLN A 36 -1.06 -3.60 -8.95
CA GLN A 36 -0.40 -4.88 -8.82
C GLN A 36 0.46 -4.92 -7.56
N LEU A 37 -0.19 -4.68 -6.44
CA LEU A 37 0.51 -4.67 -5.16
C LEU A 37 0.53 -6.09 -4.60
N ASP A 38 1.60 -6.39 -3.87
CA ASP A 38 1.76 -7.70 -3.27
C ASP A 38 1.74 -7.57 -1.74
N PHE A 39 0.83 -8.33 -1.14
CA PHE A 39 0.70 -8.30 0.31
C PHE A 39 1.70 -9.26 0.96
N TRP A 40 2.50 -8.70 1.85
CA TRP A 40 3.50 -9.49 2.56
C TRP A 40 2.78 -10.35 3.59
N LYS A 41 1.85 -9.72 4.30
CA LYS A 41 1.09 -10.43 5.32
C LYS A 41 -0.39 -10.44 4.91
N SER A 42 -0.80 -11.58 4.36
CA SER A 42 -2.18 -11.74 3.93
C SER A 42 -3.13 -11.07 4.94
N PRO A 43 -3.56 -9.83 4.58
CA PRO A 43 -4.46 -9.08 5.44
C PRO A 43 -5.89 -9.64 5.36
N THR A 44 -6.03 -10.69 4.56
CA THR A 44 -7.33 -11.32 4.39
C THR A 44 -8.08 -11.36 5.73
N THR A 45 -7.32 -11.44 6.80
CA THR A 45 -7.89 -11.49 8.13
C THR A 45 -7.32 -10.36 9.00
N PRO A 46 -8.12 -9.98 10.03
CA PRO A 46 -7.71 -8.92 10.94
C PRO A 46 -6.63 -9.41 11.91
N GLY A 47 -6.36 -8.60 12.91
CA GLY A 47 -5.36 -8.94 13.91
C GLY A 47 -4.04 -9.33 13.25
N GLU A 48 -3.88 -8.90 12.00
CA GLU A 48 -2.67 -9.19 11.26
C GLU A 48 -2.24 -7.96 10.45
N THR A 49 -1.03 -7.51 10.74
CA THR A 49 -0.48 -6.36 10.06
C THR A 49 -0.03 -6.73 8.64
N ALA A 50 -0.23 -5.79 7.73
CA ALA A 50 0.15 -6.01 6.34
C ALA A 50 1.26 -5.03 5.96
N HIS A 51 2.06 -5.44 4.98
CA HIS A 51 3.16 -4.61 4.51
C HIS A 51 3.42 -4.90 3.03
N VAL A 52 2.86 -4.05 2.19
CA VAL A 52 3.02 -4.20 0.75
C VAL A 52 3.81 -3.01 0.20
N ARG A 53 4.60 -3.29 -0.82
CA ARG A 53 5.41 -2.25 -1.44
C ARG A 53 4.58 -1.46 -2.45
N VAL A 54 3.89 -0.46 -1.95
CA VAL A 54 3.06 0.39 -2.80
C VAL A 54 3.93 1.44 -3.48
N PRO A 55 3.57 1.74 -4.75
CA PRO A 55 4.30 2.74 -5.53
C PRO A 55 3.98 4.14 -5.05
N PHE A 56 5.03 4.95 -4.91
CA PHE A 56 4.87 6.32 -4.46
C PHE A 56 3.78 7.03 -5.26
N VAL A 57 3.74 6.73 -6.55
CA VAL A 57 2.75 7.33 -7.43
C VAL A 57 1.35 6.89 -7.00
N ASN A 58 1.31 5.79 -6.26
CA ASN A 58 0.05 5.26 -5.78
C ASN A 58 -0.05 5.50 -4.28
N VAL A 59 1.09 5.76 -3.66
CA VAL A 59 1.13 6.00 -2.24
C VAL A 59 0.01 6.98 -1.86
N GLN A 60 -0.05 8.08 -2.60
CA GLN A 60 -1.06 9.08 -2.36
C GLN A 60 -2.46 8.49 -2.50
N ALA A 61 -2.80 8.15 -3.74
CA ALA A 61 -4.10 7.57 -4.03
C ALA A 61 -4.40 6.48 -3.00
N VAL A 62 -3.34 5.83 -2.54
CA VAL A 62 -3.48 4.78 -1.55
C VAL A 62 -3.74 5.39 -0.18
N LYS A 63 -3.00 6.45 0.11
CA LYS A 63 -3.14 7.14 1.38
C LYS A 63 -4.58 7.64 1.53
N VAL A 64 -5.17 7.99 0.40
CA VAL A 64 -6.53 8.49 0.39
C VAL A 64 -7.50 7.30 0.51
N PHE A 65 -7.09 6.18 -0.07
CA PHE A 65 -7.90 4.98 -0.03
C PHE A 65 -8.05 4.46 1.40
N LEU A 66 -6.91 4.21 2.03
CA LEU A 66 -6.90 3.71 3.40
C LEU A 66 -7.87 4.54 4.24
N GLU A 67 -7.66 5.84 4.22
CA GLU A 67 -8.51 6.75 4.99
C GLU A 67 -9.97 6.57 4.58
N SER A 68 -10.18 6.55 3.26
CA SER A 68 -11.53 6.38 2.73
C SER A 68 -12.19 5.14 3.33
N GLN A 69 -11.40 4.07 3.39
CA GLN A 69 -11.90 2.81 3.94
C GLN A 69 -11.85 2.85 5.46
N GLY A 70 -11.56 4.03 6.00
CA GLY A 70 -11.48 4.20 7.44
C GLY A 70 -10.58 3.14 8.07
N ILE A 71 -9.38 3.03 7.53
CA ILE A 71 -8.42 2.05 8.04
C ILE A 71 -7.27 2.78 8.72
N ALA A 72 -6.35 2.00 9.26
CA ALA A 72 -5.19 2.55 9.93
C ALA A 72 -3.92 1.91 9.38
N TYR A 73 -3.04 2.76 8.88
CA TYR A 73 -1.78 2.30 8.32
C TYR A 73 -0.60 3.07 8.90
N SER A 74 0.56 2.86 8.29
CA SER A 74 1.77 3.53 8.74
C SER A 74 2.83 3.49 7.64
N ILE A 75 3.80 4.37 7.77
CA ILE A 75 4.89 4.44 6.80
C ILE A 75 6.10 3.69 7.33
N MET A 76 6.50 2.66 6.59
CA MET A 76 7.65 1.87 6.98
C MET A 76 8.95 2.47 6.45
N ILE A 77 9.09 2.41 5.13
CA ILE A 77 10.28 2.95 4.48
C ILE A 77 9.86 4.06 3.51
N GLU A 78 10.82 4.91 3.20
CA GLU A 78 10.58 6.02 2.30
C GLU A 78 11.77 6.20 1.35
N ASP A 79 12.04 7.46 1.03
CA ASP A 79 13.15 7.79 0.15
C ASP A 79 14.46 7.78 0.95
N VAL A 80 14.89 6.58 1.29
CA VAL A 80 16.12 6.42 2.05
C VAL A 80 17.28 6.18 1.09
N GLN A 81 18.18 7.15 1.04
CA GLN A 81 19.34 7.06 0.18
C GLN A 81 19.88 5.63 0.15
N MET A 1 16.06 24.85 -24.16
CA MET A 1 17.16 24.32 -24.93
C MET A 1 17.56 22.93 -24.44
N ARG A 2 17.32 22.70 -23.15
CA ARG A 2 17.64 21.41 -22.55
C ARG A 2 16.55 20.99 -21.58
N SER A 3 16.30 19.70 -21.54
CA SER A 3 15.28 19.15 -20.65
C SER A 3 15.90 18.75 -19.32
N LEU A 4 15.16 17.93 -18.58
CA LEU A 4 15.64 17.47 -17.29
C LEU A 4 15.25 16.00 -17.11
N GLU A 5 15.79 15.40 -16.06
CA GLU A 5 15.50 14.00 -15.77
C GLU A 5 14.63 13.89 -14.51
N THR A 6 14.26 12.66 -14.19
CA THR A 6 13.43 12.40 -13.03
C THR A 6 13.61 10.95 -12.56
N PHE A 7 13.04 10.67 -11.40
CA PHE A 7 13.13 9.34 -10.83
C PHE A 7 12.29 9.24 -9.54
N VAL A 8 11.86 8.02 -9.24
CA VAL A 8 11.07 7.78 -8.06
C VAL A 8 11.37 6.37 -7.53
N GLY A 9 10.90 6.12 -6.32
CA GLY A 9 11.10 4.82 -5.70
C GLY A 9 9.81 4.31 -5.06
N ASP A 10 9.89 3.12 -4.49
CA ASP A 10 8.75 2.50 -3.84
C ASP A 10 8.75 2.87 -2.35
N GLN A 11 7.79 2.30 -1.64
CA GLN A 11 7.68 2.56 -0.21
C GLN A 11 6.63 1.62 0.41
N VAL A 12 7.04 0.96 1.48
CA VAL A 12 6.16 0.04 2.18
C VAL A 12 5.34 0.81 3.21
N LEU A 13 4.34 0.13 3.75
CA LEU A 13 3.46 0.74 4.74
C LEU A 13 2.83 -0.36 5.60
N GLU A 14 2.64 -0.03 6.87
CA GLU A 14 2.04 -0.98 7.80
C GLU A 14 0.55 -0.69 7.98
N ILE A 15 -0.25 -1.70 7.66
CA ILE A 15 -1.70 -1.57 7.77
C ILE A 15 -2.19 -2.46 8.91
N VAL A 16 -3.18 -1.95 9.63
CA VAL A 16 -3.75 -2.68 10.75
C VAL A 16 -5.28 -2.67 10.63
N PRO A 17 -5.80 -3.71 9.92
CA PRO A 17 -7.23 -3.83 9.72
C PRO A 17 -7.92 -4.32 11.00
N SER A 18 -9.22 -4.52 10.89
CA SER A 18 -10.01 -4.98 12.02
C SER A 18 -11.34 -5.56 11.54
N ASN A 19 -11.95 -4.86 10.59
CA ASN A 19 -13.22 -5.29 10.04
C ASN A 19 -13.00 -5.80 8.61
N GLU A 20 -13.81 -6.78 8.24
CA GLU A 20 -13.72 -7.37 6.92
C GLU A 20 -13.69 -6.27 5.85
N GLU A 21 -14.60 -5.31 6.00
CA GLU A 21 -14.67 -4.21 5.07
C GLU A 21 -13.28 -3.72 4.69
N GLN A 22 -12.47 -3.48 5.73
CA GLN A 22 -11.11 -3.02 5.53
C GLN A 22 -10.34 -4.00 4.65
N ILE A 23 -10.57 -5.28 4.91
CA ILE A 23 -9.90 -6.33 4.15
C ILE A 23 -10.47 -6.37 2.73
N LYS A 24 -11.80 -6.33 2.67
CA LYS A 24 -12.48 -6.37 1.39
C LYS A 24 -12.07 -5.15 0.55
N ASN A 25 -11.52 -4.16 1.24
CA ASN A 25 -11.08 -2.95 0.58
C ASN A 25 -9.71 -3.18 -0.05
N LEU A 26 -8.88 -3.92 0.68
CA LEU A 26 -7.54 -4.22 0.22
C LEU A 26 -7.63 -5.21 -0.95
N LEU A 27 -8.48 -6.20 -0.78
CA LEU A 27 -8.67 -7.22 -1.81
C LEU A 27 -9.10 -6.55 -3.11
N GLN A 28 -10.14 -5.74 -3.00
CA GLN A 28 -10.66 -5.04 -4.16
C GLN A 28 -9.57 -4.18 -4.81
N LEU A 29 -8.70 -3.65 -3.96
CA LEU A 29 -7.61 -2.82 -4.43
C LEU A 29 -6.63 -3.68 -5.24
N GLU A 30 -6.04 -4.65 -4.55
CA GLU A 30 -5.09 -5.55 -5.19
C GLU A 30 -5.69 -6.11 -6.48
N ALA A 31 -7.01 -6.20 -6.49
CA ALA A 31 -7.71 -6.73 -7.65
C ALA A 31 -7.45 -5.82 -8.86
N GLN A 32 -7.57 -4.52 -8.62
CA GLN A 32 -7.35 -3.54 -9.67
C GLN A 32 -6.03 -3.82 -10.38
N GLU A 33 -6.16 -4.40 -11.57
CA GLU A 33 -4.99 -4.72 -12.38
C GLU A 33 -3.93 -3.62 -12.25
N HIS A 34 -4.36 -2.40 -12.52
CA HIS A 34 -3.47 -1.26 -12.45
C HIS A 34 -2.83 -1.20 -11.06
N LEU A 35 -3.66 -1.42 -10.06
CA LEU A 35 -3.19 -1.40 -8.67
C LEU A 35 -2.84 -2.82 -8.24
N GLN A 36 -2.13 -3.52 -9.11
CA GLN A 36 -1.72 -4.89 -8.84
C GLN A 36 -0.71 -4.91 -7.69
N LEU A 37 -1.18 -4.51 -6.51
CA LEU A 37 -0.32 -4.48 -5.34
C LEU A 37 -0.07 -5.91 -4.87
N ASP A 38 0.92 -6.05 -4.00
CA ASP A 38 1.27 -7.35 -3.47
C ASP A 38 1.52 -7.24 -1.96
N PHE A 39 0.63 -7.85 -1.20
CA PHE A 39 0.73 -7.83 0.25
C PHE A 39 1.59 -8.98 0.76
N TRP A 40 2.67 -8.61 1.44
CA TRP A 40 3.57 -9.60 1.99
C TRP A 40 2.77 -10.56 2.87
N LYS A 41 1.96 -9.97 3.75
CA LYS A 41 1.14 -10.75 4.65
C LYS A 41 -0.32 -10.69 4.18
N SER A 42 -0.73 -11.76 3.49
CA SER A 42 -2.09 -11.85 2.98
C SER A 42 -3.06 -11.24 3.99
N PRO A 43 -3.45 -9.97 3.71
CA PRO A 43 -4.38 -9.26 4.58
C PRO A 43 -5.80 -9.77 4.39
N THR A 44 -5.95 -11.07 4.51
CA THR A 44 -7.26 -11.69 4.35
C THR A 44 -8.13 -11.44 5.58
N THR A 45 -7.46 -11.32 6.72
CA THR A 45 -8.16 -11.07 7.97
C THR A 45 -7.42 -10.03 8.80
N PRO A 46 -8.15 -9.46 9.79
CA PRO A 46 -7.57 -8.44 10.67
C PRO A 46 -6.61 -9.07 11.67
N GLY A 47 -6.06 -8.23 12.53
CA GLY A 47 -5.12 -8.68 13.54
C GLY A 47 -3.70 -8.76 12.98
N GLU A 48 -3.61 -9.35 11.80
CA GLU A 48 -2.32 -9.50 11.14
C GLU A 48 -2.05 -8.31 10.22
N THR A 49 -1.20 -7.42 10.69
CA THR A 49 -0.85 -6.24 9.92
C THR A 49 -0.30 -6.64 8.55
N ALA A 50 -0.45 -5.73 7.59
CA ALA A 50 0.02 -5.98 6.25
C ALA A 50 1.17 -5.02 5.93
N HIS A 51 1.96 -5.41 4.94
CA HIS A 51 3.10 -4.60 4.54
C HIS A 51 3.36 -4.78 3.05
N VAL A 52 2.82 -3.87 2.26
CA VAL A 52 2.98 -3.92 0.82
C VAL A 52 3.87 -2.78 0.37
N ARG A 53 4.69 -3.06 -0.65
CA ARG A 53 5.60 -2.06 -1.18
C ARG A 53 4.89 -1.23 -2.25
N VAL A 54 4.17 -0.22 -1.80
CA VAL A 54 3.44 0.65 -2.70
C VAL A 54 4.39 1.72 -3.24
N PRO A 55 4.19 2.07 -4.54
CA PRO A 55 5.01 3.07 -5.18
C PRO A 55 4.66 4.48 -4.71
N PHE A 56 5.68 5.26 -4.41
CA PHE A 56 5.48 6.62 -3.95
C PHE A 56 4.50 7.38 -4.85
N VAL A 57 4.63 7.11 -6.15
CA VAL A 57 3.76 7.75 -7.12
C VAL A 57 2.32 7.27 -6.92
N ASN A 58 2.21 6.13 -6.26
CA ASN A 58 0.90 5.54 -6.00
C ASN A 58 0.69 5.44 -4.49
N VAL A 59 1.55 6.12 -3.75
CA VAL A 59 1.47 6.12 -2.30
C VAL A 59 0.32 7.04 -1.86
N GLN A 60 0.07 8.05 -2.68
CA GLN A 60 -0.99 9.00 -2.39
C GLN A 60 -2.36 8.35 -2.60
N ALA A 61 -2.61 7.98 -3.84
CA ALA A 61 -3.88 7.35 -4.19
C ALA A 61 -4.22 6.29 -3.14
N VAL A 62 -3.17 5.61 -2.68
CA VAL A 62 -3.34 4.56 -1.68
C VAL A 62 -3.65 5.20 -0.33
N LYS A 63 -2.90 6.25 -0.02
CA LYS A 63 -3.08 6.96 1.24
C LYS A 63 -4.53 7.45 1.33
N VAL A 64 -5.07 7.81 0.19
CA VAL A 64 -6.44 8.29 0.13
C VAL A 64 -7.41 7.12 0.28
N PHE A 65 -7.01 5.98 -0.28
CA PHE A 65 -7.82 4.79 -0.21
C PHE A 65 -8.01 4.34 1.24
N LEU A 66 -6.90 4.13 1.92
CA LEU A 66 -6.92 3.70 3.31
C LEU A 66 -7.91 4.57 4.08
N GLU A 67 -7.67 5.86 4.04
CA GLU A 67 -8.53 6.82 4.73
C GLU A 67 -9.99 6.62 4.30
N SER A 68 -10.17 6.52 3.00
CA SER A 68 -11.51 6.34 2.45
C SER A 68 -12.18 5.12 3.10
N GLN A 69 -11.41 4.06 3.23
CA GLN A 69 -11.91 2.84 3.84
C GLN A 69 -11.86 2.94 5.36
N GLY A 70 -11.60 4.15 5.83
CA GLY A 70 -11.53 4.39 7.26
C GLY A 70 -10.64 3.35 7.95
N ILE A 71 -9.43 3.22 7.42
CA ILE A 71 -8.48 2.26 7.97
C ILE A 71 -7.33 3.02 8.63
N ALA A 72 -6.43 2.26 9.24
CA ALA A 72 -5.28 2.85 9.91
C ALA A 72 -4.00 2.15 9.43
N TYR A 73 -3.11 2.95 8.87
CA TYR A 73 -1.85 2.43 8.37
C TYR A 73 -0.67 3.20 8.95
N SER A 74 0.51 2.94 8.39
CA SER A 74 1.72 3.60 8.86
C SER A 74 2.80 3.51 7.77
N ILE A 75 3.77 4.40 7.89
CA ILE A 75 4.87 4.43 6.93
C ILE A 75 6.08 3.72 7.53
N MET A 76 6.46 2.62 6.89
CA MET A 76 7.60 1.84 7.34
C MET A 76 8.91 2.47 6.88
N ILE A 77 9.37 2.03 5.73
CA ILE A 77 10.62 2.55 5.17
C ILE A 77 10.30 3.58 4.08
N GLU A 78 11.11 4.62 4.04
CA GLU A 78 10.93 5.67 3.06
C GLU A 78 11.76 5.39 1.81
N ASP A 79 12.32 6.45 1.25
CA ASP A 79 13.14 6.32 0.06
C ASP A 79 14.04 7.55 -0.07
N VAL A 80 15.33 7.33 0.12
CA VAL A 80 16.31 8.39 0.03
C VAL A 80 16.11 9.15 -1.28
N GLN A 81 15.54 10.35 -1.17
CA GLN A 81 15.30 11.18 -2.33
C GLN A 81 16.54 11.23 -3.22
N MET A 1 33.13 12.48 -16.42
CA MET A 1 33.80 11.19 -16.49
C MET A 1 33.18 10.19 -15.50
N ARG A 2 31.86 10.18 -15.48
CA ARG A 2 31.13 9.28 -14.59
C ARG A 2 29.87 8.76 -15.28
N SER A 3 29.17 7.89 -14.58
CA SER A 3 27.94 7.31 -15.11
C SER A 3 26.89 7.21 -14.01
N LEU A 4 25.76 6.63 -14.36
CA LEU A 4 24.67 6.47 -13.41
C LEU A 4 23.98 5.12 -13.66
N GLU A 5 23.26 4.66 -12.64
CA GLU A 5 22.55 3.40 -12.74
C GLU A 5 21.04 3.63 -12.62
N THR A 6 20.31 2.53 -12.60
CA THR A 6 18.86 2.59 -12.50
C THR A 6 18.44 2.72 -11.04
N PHE A 7 17.14 2.92 -10.85
CA PHE A 7 16.59 3.06 -9.51
C PHE A 7 15.06 3.18 -9.56
N VAL A 8 14.44 2.78 -8.45
CA VAL A 8 12.99 2.85 -8.35
C VAL A 8 12.60 3.95 -7.37
N GLY A 9 11.30 4.06 -7.13
CA GLY A 9 10.78 5.06 -6.22
C GLY A 9 9.54 4.56 -5.51
N ASP A 10 9.57 3.29 -5.12
CA ASP A 10 8.45 2.68 -4.44
C ASP A 10 8.54 3.00 -2.94
N GLN A 11 7.62 2.41 -2.19
CA GLN A 11 7.59 2.62 -0.75
C GLN A 11 6.61 1.65 -0.10
N VAL A 12 7.03 1.11 1.03
CA VAL A 12 6.20 0.17 1.76
C VAL A 12 5.44 0.90 2.88
N LEU A 13 4.47 0.22 3.45
CA LEU A 13 3.67 0.80 4.52
C LEU A 13 2.99 -0.33 5.30
N GLU A 14 2.70 -0.02 6.56
CA GLU A 14 2.05 -0.99 7.43
C GLU A 14 0.54 -0.73 7.48
N ILE A 15 -0.20 -1.82 7.63
CA ILE A 15 -1.65 -1.73 7.70
C ILE A 15 -2.17 -2.65 8.80
N VAL A 16 -3.14 -2.14 9.54
CA VAL A 16 -3.73 -2.90 10.63
C VAL A 16 -5.25 -2.84 10.54
N PRO A 17 -5.83 -3.87 9.86
CA PRO A 17 -7.28 -3.92 9.69
C PRO A 17 -7.96 -4.35 10.98
N SER A 18 -9.28 -4.44 10.91
CA SER A 18 -10.07 -4.84 12.07
C SER A 18 -11.32 -5.59 11.61
N ASN A 19 -11.98 -5.05 10.61
CA ASN A 19 -13.19 -5.66 10.08
C ASN A 19 -12.88 -6.29 8.73
N GLU A 20 -13.91 -6.82 8.10
CA GLU A 20 -13.77 -7.45 6.80
C GLU A 20 -13.77 -6.39 5.69
N GLU A 21 -14.70 -5.47 5.81
CA GLU A 21 -14.83 -4.39 4.83
C GLU A 21 -13.46 -3.76 4.56
N GLN A 22 -12.83 -3.33 5.64
CA GLN A 22 -11.51 -2.71 5.54
C GLN A 22 -10.55 -3.62 4.78
N ILE A 23 -10.62 -4.89 5.10
CA ILE A 23 -9.77 -5.88 4.46
C ILE A 23 -10.18 -6.03 2.99
N LYS A 24 -11.49 -6.08 2.79
CA LYS A 24 -12.03 -6.23 1.44
C LYS A 24 -11.60 -5.04 0.59
N ASN A 25 -11.18 -3.98 1.28
CA ASN A 25 -10.74 -2.77 0.60
C ASN A 25 -9.45 -3.07 -0.17
N LEU A 26 -8.50 -3.65 0.54
CA LEU A 26 -7.22 -3.99 -0.05
C LEU A 26 -7.44 -4.98 -1.20
N LEU A 27 -8.28 -5.97 -0.94
CA LEU A 27 -8.59 -6.98 -1.93
C LEU A 27 -8.98 -6.29 -3.25
N GLN A 28 -9.96 -5.40 -3.14
CA GLN A 28 -10.43 -4.66 -4.30
C GLN A 28 -9.27 -3.93 -4.98
N LEU A 29 -8.37 -3.42 -4.15
CA LEU A 29 -7.22 -2.70 -4.65
C LEU A 29 -6.27 -3.67 -5.34
N GLU A 30 -5.72 -4.59 -4.56
CA GLU A 30 -4.81 -5.58 -5.09
C GLU A 30 -5.40 -6.25 -6.33
N ALA A 31 -6.72 -6.35 -6.33
CA ALA A 31 -7.43 -6.97 -7.44
C ALA A 31 -7.17 -6.16 -8.71
N GLN A 32 -7.32 -4.85 -8.58
CA GLN A 32 -7.11 -3.96 -9.71
C GLN A 32 -5.78 -4.27 -10.38
N GLU A 33 -5.85 -4.99 -11.48
CA GLU A 33 -4.67 -5.36 -12.24
C GLU A 33 -3.69 -4.19 -12.30
N HIS A 34 -4.26 -2.99 -12.45
CA HIS A 34 -3.46 -1.79 -12.53
C HIS A 34 -2.65 -1.63 -11.24
N LEU A 35 -3.34 -1.81 -10.12
CA LEU A 35 -2.69 -1.68 -8.82
C LEU A 35 -2.40 -3.08 -8.27
N GLN A 36 -1.82 -3.92 -9.12
CA GLN A 36 -1.49 -5.27 -8.73
C GLN A 36 -0.37 -5.26 -7.67
N LEU A 37 -0.72 -4.70 -6.52
CA LEU A 37 0.24 -4.63 -5.42
C LEU A 37 0.37 -6.01 -4.76
N ASP A 38 1.51 -6.22 -4.13
CA ASP A 38 1.78 -7.48 -3.46
C ASP A 38 1.79 -7.26 -1.95
N PHE A 39 0.99 -8.06 -1.26
CA PHE A 39 0.89 -7.96 0.19
C PHE A 39 1.87 -8.93 0.86
N TRP A 40 2.69 -8.37 1.74
CA TRP A 40 3.67 -9.17 2.46
C TRP A 40 2.91 -10.22 3.28
N LYS A 41 1.94 -9.73 4.05
CA LYS A 41 1.14 -10.62 4.88
C LYS A 41 -0.21 -10.86 4.21
N SER A 42 -1.11 -11.49 4.96
CA SER A 42 -2.43 -11.80 4.44
C SER A 42 -3.48 -10.93 5.15
N PRO A 43 -3.92 -9.86 4.44
CA PRO A 43 -4.91 -8.95 4.98
C PRO A 43 -6.30 -9.58 4.95
N THR A 44 -6.42 -10.63 4.15
CA THR A 44 -7.69 -11.33 4.03
C THR A 44 -8.39 -11.41 5.39
N THR A 45 -7.59 -11.45 6.43
CA THR A 45 -8.12 -11.52 7.78
C THR A 45 -7.51 -10.42 8.66
N PRO A 46 -8.28 -10.05 9.72
CA PRO A 46 -7.83 -9.02 10.64
C PRO A 46 -6.74 -9.55 11.56
N GLY A 47 -6.45 -8.77 12.60
CA GLY A 47 -5.42 -9.14 13.56
C GLY A 47 -4.13 -9.54 12.85
N GLU A 48 -3.99 -9.07 11.62
CA GLU A 48 -2.81 -9.37 10.83
C GLU A 48 -2.33 -8.11 10.10
N THR A 49 -1.11 -7.70 10.42
CA THR A 49 -0.53 -6.53 9.80
C THR A 49 -0.07 -6.85 8.38
N ALA A 50 -0.26 -5.87 7.50
CA ALA A 50 0.13 -6.03 6.11
C ALA A 50 1.24 -5.03 5.78
N HIS A 51 2.03 -5.39 4.77
CA HIS A 51 3.11 -4.53 4.34
C HIS A 51 3.38 -4.74 2.84
N VAL A 52 2.85 -3.83 2.05
CA VAL A 52 3.01 -3.90 0.61
C VAL A 52 3.83 -2.71 0.13
N ARG A 53 4.65 -2.95 -0.89
CA ARG A 53 5.49 -1.91 -1.45
C ARG A 53 4.71 -1.09 -2.47
N VAL A 54 4.03 -0.07 -1.97
CA VAL A 54 3.24 0.80 -2.83
C VAL A 54 4.15 1.87 -3.44
N PRO A 55 3.85 2.20 -4.72
CA PRO A 55 4.63 3.20 -5.43
C PRO A 55 4.30 4.61 -4.94
N PHE A 56 5.35 5.40 -4.73
CA PHE A 56 5.17 6.76 -4.25
C PHE A 56 4.13 7.50 -5.10
N VAL A 57 4.17 7.24 -6.40
CA VAL A 57 3.24 7.87 -7.32
C VAL A 57 1.83 7.39 -7.02
N ASN A 58 1.75 6.24 -6.35
CA ASN A 58 0.46 5.67 -6.00
C ASN A 58 0.35 5.60 -4.47
N VAL A 59 1.27 6.29 -3.80
CA VAL A 59 1.27 6.32 -2.36
C VAL A 59 0.17 7.25 -1.86
N GLN A 60 -0.05 8.31 -2.62
CA GLN A 60 -1.07 9.28 -2.27
C GLN A 60 -2.46 8.68 -2.44
N ALA A 61 -2.79 8.37 -3.69
CA ALA A 61 -4.09 7.78 -3.99
C ALA A 61 -4.38 6.66 -2.99
N VAL A 62 -3.32 5.98 -2.59
CA VAL A 62 -3.45 4.87 -1.65
C VAL A 62 -3.67 5.45 -0.24
N LYS A 63 -2.91 6.47 0.08
CA LYS A 63 -3.00 7.11 1.38
C LYS A 63 -4.43 7.63 1.58
N VAL A 64 -5.03 8.06 0.48
CA VAL A 64 -6.39 8.58 0.51
C VAL A 64 -7.37 7.42 0.63
N PHE A 65 -7.00 6.31 0.01
CA PHE A 65 -7.85 5.13 0.05
C PHE A 65 -7.98 4.59 1.47
N LEU A 66 -6.84 4.31 2.08
CA LEU A 66 -6.82 3.79 3.44
C LEU A 66 -7.77 4.62 4.31
N GLU A 67 -7.54 5.92 4.31
CA GLU A 67 -8.36 6.83 5.08
C GLU A 67 -9.83 6.70 4.67
N SER A 68 -10.05 6.68 3.37
CA SER A 68 -11.39 6.57 2.82
C SER A 68 -12.08 5.33 3.41
N GLN A 69 -11.33 4.24 3.44
CA GLN A 69 -11.85 2.99 3.96
C GLN A 69 -11.82 3.00 5.49
N GLY A 70 -11.49 4.16 6.05
CA GLY A 70 -11.42 4.31 7.49
C GLY A 70 -10.54 3.23 8.11
N ILE A 71 -9.33 3.10 7.58
CA ILE A 71 -8.40 2.10 8.08
C ILE A 71 -7.25 2.81 8.78
N ALA A 72 -6.34 2.00 9.33
CA ALA A 72 -5.20 2.53 10.03
C ALA A 72 -3.92 1.89 9.48
N TYR A 73 -3.04 2.74 8.96
CA TYR A 73 -1.79 2.28 8.40
C TYR A 73 -0.60 3.00 9.04
N SER A 74 0.57 2.79 8.45
CA SER A 74 1.78 3.42 8.94
C SER A 74 2.85 3.44 7.84
N ILE A 75 3.80 4.34 8.00
CA ILE A 75 4.88 4.48 7.04
C ILE A 75 6.12 3.75 7.56
N MET A 76 6.50 2.70 6.83
CA MET A 76 7.66 1.92 7.21
C MET A 76 8.95 2.56 6.68
N ILE A 77 9.09 2.52 5.36
CA ILE A 77 10.26 3.09 4.73
C ILE A 77 9.82 4.23 3.79
N GLU A 78 10.78 5.08 3.47
CA GLU A 78 10.51 6.21 2.58
C GLU A 78 11.51 6.22 1.42
N ASP A 79 11.87 7.43 1.02
CA ASP A 79 12.82 7.60 -0.08
C ASP A 79 14.24 7.42 0.45
N VAL A 80 14.58 6.18 0.76
CA VAL A 80 15.90 5.86 1.27
C VAL A 80 16.75 5.26 0.15
N GLN A 81 17.82 5.95 -0.19
CA GLN A 81 18.72 5.50 -1.23
C GLN A 81 19.26 4.10 -0.90
N MET A 1 13.47 4.65 -29.80
CA MET A 1 14.15 4.92 -31.05
C MET A 1 15.40 5.76 -30.81
N ARG A 2 15.26 6.76 -29.95
CA ARG A 2 16.36 7.64 -29.63
C ARG A 2 16.00 8.54 -28.44
N SER A 3 15.94 7.92 -27.27
CA SER A 3 15.61 8.64 -26.05
C SER A 3 16.01 7.80 -24.83
N LEU A 4 15.80 8.40 -23.67
CA LEU A 4 16.14 7.73 -22.42
C LEU A 4 14.85 7.37 -21.68
N GLU A 5 15.02 6.66 -20.57
CA GLU A 5 13.89 6.24 -19.77
C GLU A 5 13.95 6.90 -18.39
N THR A 6 12.78 6.99 -17.76
CA THR A 6 12.68 7.58 -16.44
C THR A 6 12.14 6.57 -15.43
N PHE A 7 12.10 6.99 -14.17
CA PHE A 7 11.61 6.13 -13.11
C PHE A 7 11.37 6.93 -11.83
N VAL A 8 11.01 6.21 -10.78
CA VAL A 8 10.75 6.83 -9.49
C VAL A 8 11.28 5.93 -8.38
N GLY A 9 10.62 6.01 -7.23
CA GLY A 9 11.02 5.21 -6.08
C GLY A 9 9.79 4.68 -5.34
N ASP A 10 9.77 3.36 -5.17
CA ASP A 10 8.65 2.72 -4.48
C ASP A 10 8.80 2.93 -2.98
N GLN A 11 7.90 2.31 -2.23
CA GLN A 11 7.91 2.42 -0.79
C GLN A 11 6.91 1.46 -0.17
N VAL A 12 7.24 0.98 1.03
CA VAL A 12 6.37 0.06 1.73
C VAL A 12 5.58 0.83 2.79
N LEU A 13 4.57 0.15 3.34
CA LEU A 13 3.73 0.75 4.36
C LEU A 13 3.10 -0.35 5.21
N GLU A 14 2.94 -0.05 6.49
CA GLU A 14 2.35 -1.01 7.41
C GLU A 14 0.87 -0.70 7.62
N ILE A 15 0.05 -1.70 7.37
CA ILE A 15 -1.39 -1.55 7.53
C ILE A 15 -1.87 -2.45 8.68
N VAL A 16 -2.85 -1.95 9.41
CA VAL A 16 -3.40 -2.70 10.53
C VAL A 16 -4.93 -2.66 10.45
N PRO A 17 -5.50 -3.75 9.88
CA PRO A 17 -6.94 -3.87 9.74
C PRO A 17 -7.61 -4.18 11.07
N SER A 18 -8.92 -4.39 11.01
CA SER A 18 -9.67 -4.70 12.22
C SER A 18 -11.06 -5.23 11.84
N ASN A 19 -11.65 -4.59 10.85
CA ASN A 19 -12.97 -5.00 10.37
C ASN A 19 -12.82 -5.71 9.03
N GLU A 20 -13.93 -6.31 8.59
CA GLU A 20 -13.95 -7.03 7.33
C GLU A 20 -14.14 -6.06 6.16
N GLU A 21 -14.90 -5.01 6.44
CA GLU A 21 -15.17 -4.01 5.42
C GLU A 21 -13.87 -3.33 4.99
N GLN A 22 -13.04 -3.03 5.97
CA GLN A 22 -11.76 -2.39 5.69
C GLN A 22 -10.84 -3.34 4.94
N ILE A 23 -10.84 -4.58 5.37
CA ILE A 23 -10.02 -5.60 4.75
C ILE A 23 -10.58 -5.93 3.36
N LYS A 24 -11.90 -5.94 3.29
CA LYS A 24 -12.58 -6.24 2.04
C LYS A 24 -12.26 -5.15 1.01
N ASN A 25 -11.83 -4.01 1.54
CA ASN A 25 -11.49 -2.88 0.68
C ASN A 25 -10.18 -3.17 -0.04
N LEU A 26 -9.19 -3.60 0.74
CA LEU A 26 -7.89 -3.91 0.19
C LEU A 26 -8.05 -4.92 -0.96
N LEU A 27 -8.62 -6.06 -0.62
CA LEU A 27 -8.84 -7.11 -1.60
C LEU A 27 -9.32 -6.48 -2.90
N GLN A 28 -10.37 -5.68 -2.79
CA GLN A 28 -10.94 -5.02 -3.95
C GLN A 28 -9.86 -4.22 -4.68
N LEU A 29 -9.00 -3.59 -3.90
CA LEU A 29 -7.92 -2.80 -4.45
C LEU A 29 -6.95 -3.71 -5.20
N GLU A 30 -6.34 -4.61 -4.44
CA GLU A 30 -5.39 -5.55 -5.01
C GLU A 30 -5.99 -6.25 -6.23
N ALA A 31 -7.31 -6.37 -6.21
CA ALA A 31 -8.03 -7.01 -7.30
C ALA A 31 -7.76 -6.24 -8.60
N GLN A 32 -7.86 -4.92 -8.50
CA GLN A 32 -7.64 -4.06 -9.65
C GLN A 32 -6.33 -4.45 -10.35
N GLU A 33 -6.48 -5.20 -11.43
CA GLU A 33 -5.33 -5.64 -12.19
C GLU A 33 -4.34 -4.48 -12.39
N HIS A 34 -4.89 -3.28 -12.37
CA HIS A 34 -4.08 -2.08 -12.54
C HIS A 34 -3.23 -1.85 -11.28
N LEU A 35 -3.88 -2.01 -10.14
CA LEU A 35 -3.20 -1.82 -8.86
C LEU A 35 -2.86 -3.18 -8.27
N GLN A 36 -2.25 -4.03 -9.11
CA GLN A 36 -1.87 -5.36 -8.68
C GLN A 36 -0.75 -5.27 -7.63
N LEU A 37 -1.09 -4.71 -6.49
CA LEU A 37 -0.13 -4.56 -5.41
C LEU A 37 0.18 -5.94 -4.83
N ASP A 38 1.39 -6.05 -4.29
CA ASP A 38 1.83 -7.31 -3.70
C ASP A 38 1.85 -7.17 -2.17
N PHE A 39 1.01 -7.97 -1.53
CA PHE A 39 0.92 -7.95 -0.08
C PHE A 39 1.89 -8.95 0.54
N TRP A 40 2.70 -8.44 1.47
CA TRP A 40 3.67 -9.27 2.15
C TRP A 40 2.92 -10.21 3.11
N LYS A 41 1.95 -9.61 3.81
CA LYS A 41 1.16 -10.37 4.76
C LYS A 41 -0.31 -10.35 4.32
N SER A 42 -0.76 -11.50 3.84
CA SER A 42 -2.13 -11.63 3.38
C SER A 42 -3.08 -10.92 4.35
N PRO A 43 -3.51 -9.70 3.96
CA PRO A 43 -4.41 -8.92 4.79
C PRO A 43 -5.84 -9.48 4.72
N THR A 44 -6.00 -10.51 3.92
CA THR A 44 -7.30 -11.14 3.75
C THR A 44 -8.02 -11.21 5.10
N THR A 45 -7.23 -11.36 6.16
CA THR A 45 -7.78 -11.43 7.50
C THR A 45 -7.19 -10.34 8.38
N PRO A 46 -7.98 -9.96 9.44
CA PRO A 46 -7.55 -8.92 10.35
C PRO A 46 -6.46 -9.44 11.30
N GLY A 47 -6.19 -8.67 12.34
CA GLY A 47 -5.18 -9.03 13.32
C GLY A 47 -3.88 -9.45 12.63
N GLU A 48 -3.73 -8.98 11.39
CA GLU A 48 -2.53 -9.29 10.63
C GLU A 48 -2.06 -8.05 9.86
N THR A 49 -0.90 -7.54 10.28
CA THR A 49 -0.33 -6.37 9.64
C THR A 49 0.12 -6.70 8.22
N ALA A 50 -0.09 -5.73 7.32
CA ALA A 50 0.30 -5.92 5.93
C ALA A 50 1.46 -4.97 5.60
N HIS A 51 2.24 -5.37 4.60
CA HIS A 51 3.37 -4.57 4.17
C HIS A 51 3.61 -4.77 2.68
N VAL A 52 3.05 -3.87 1.90
CA VAL A 52 3.19 -3.95 0.45
C VAL A 52 4.04 -2.77 -0.03
N ARG A 53 4.80 -3.01 -1.09
CA ARG A 53 5.65 -1.98 -1.66
C ARG A 53 4.88 -1.17 -2.70
N VAL A 54 4.20 -0.14 -2.23
CA VAL A 54 3.43 0.71 -3.11
C VAL A 54 4.33 1.82 -3.65
N PRO A 55 4.08 2.18 -4.94
CA PRO A 55 4.86 3.22 -5.60
C PRO A 55 4.46 4.61 -5.09
N PHE A 56 5.46 5.41 -4.81
CA PHE A 56 5.22 6.76 -4.32
C PHE A 56 4.20 7.49 -5.19
N VAL A 57 4.31 7.26 -6.49
CA VAL A 57 3.40 7.89 -7.44
C VAL A 57 1.99 7.35 -7.22
N ASN A 58 1.93 6.18 -6.59
CA ASN A 58 0.65 5.56 -6.31
C ASN A 58 0.45 5.45 -4.79
N VAL A 59 1.31 6.15 -4.08
CA VAL A 59 1.25 6.15 -2.62
C VAL A 59 0.09 7.05 -2.16
N GLN A 60 -0.16 8.08 -2.95
CA GLN A 60 -1.22 9.02 -2.64
C GLN A 60 -2.59 8.35 -2.80
N ALA A 61 -2.89 7.99 -4.05
CA ALA A 61 -4.15 7.34 -4.34
C ALA A 61 -4.43 6.26 -3.30
N VAL A 62 -3.37 5.60 -2.89
CA VAL A 62 -3.49 4.54 -1.90
C VAL A 62 -3.73 5.16 -0.52
N LYS A 63 -3.02 6.24 -0.26
CA LYS A 63 -3.15 6.94 1.01
C LYS A 63 -4.59 7.43 1.17
N VAL A 64 -5.20 7.78 0.04
CA VAL A 64 -6.56 8.26 0.03
C VAL A 64 -7.51 7.08 0.20
N PHE A 65 -7.10 5.95 -0.35
CA PHE A 65 -7.90 4.73 -0.27
C PHE A 65 -8.03 4.26 1.18
N LEU A 66 -6.89 4.06 1.81
CA LEU A 66 -6.87 3.61 3.19
C LEU A 66 -7.85 4.45 4.02
N GLU A 67 -7.64 5.76 3.97
CA GLU A 67 -8.48 6.67 4.71
C GLU A 67 -9.95 6.47 4.32
N SER A 68 -10.17 6.38 3.01
CA SER A 68 -11.52 6.19 2.49
C SER A 68 -12.15 4.96 3.14
N GLN A 69 -11.36 3.91 3.25
CA GLN A 69 -11.84 2.68 3.85
C GLN A 69 -11.76 2.75 5.37
N GLY A 70 -11.52 3.96 5.86
CA GLY A 70 -11.42 4.19 7.29
C GLY A 70 -10.53 3.14 7.95
N ILE A 71 -9.32 3.01 7.40
CA ILE A 71 -8.37 2.05 7.92
C ILE A 71 -7.22 2.81 8.59
N ALA A 72 -6.32 2.03 9.20
CA ALA A 72 -5.17 2.61 9.88
C ALA A 72 -3.89 1.97 9.33
N TYR A 73 -3.04 2.82 8.80
CA TYR A 73 -1.77 2.36 8.24
C TYR A 73 -0.60 3.23 8.73
N SER A 74 0.54 3.03 8.10
CA SER A 74 1.73 3.78 8.46
C SER A 74 2.83 3.54 7.43
N ILE A 75 3.87 4.36 7.51
CA ILE A 75 4.99 4.24 6.59
C ILE A 75 6.13 3.50 7.28
N MET A 76 6.54 2.41 6.65
CA MET A 76 7.62 1.60 7.20
C MET A 76 8.98 2.18 6.83
N ILE A 77 9.30 2.12 5.54
CA ILE A 77 10.57 2.63 5.05
C ILE A 77 10.30 3.81 4.11
N GLU A 78 11.26 4.72 4.07
CA GLU A 78 11.14 5.90 3.22
C GLU A 78 12.50 6.29 2.66
N ASP A 79 12.71 7.59 2.54
CA ASP A 79 13.97 8.10 2.02
C ASP A 79 14.95 8.32 3.17
N VAL A 80 15.49 7.21 3.67
CA VAL A 80 16.44 7.27 4.77
C VAL A 80 17.86 7.39 4.21
N GLN A 81 18.45 8.56 4.44
CA GLN A 81 19.80 8.81 3.97
C GLN A 81 20.66 7.56 4.11
N MET A 1 32.23 17.61 -15.80
CA MET A 1 32.03 18.25 -14.51
C MET A 1 30.56 18.44 -14.20
N ARG A 2 30.00 17.46 -13.50
CA ARG A 2 28.60 17.51 -13.13
C ARG A 2 28.24 16.30 -12.25
N SER A 3 27.58 16.61 -11.14
CA SER A 3 27.18 15.58 -10.20
C SER A 3 25.88 14.92 -10.67
N LEU A 4 25.47 13.91 -9.92
CA LEU A 4 24.25 13.18 -10.25
C LEU A 4 23.33 13.14 -9.02
N GLU A 5 22.08 12.78 -9.28
CA GLU A 5 21.10 12.70 -8.20
C GLU A 5 20.71 11.24 -7.95
N THR A 6 20.29 10.98 -6.73
CA THR A 6 19.88 9.63 -6.35
C THR A 6 18.48 9.65 -5.75
N PHE A 7 17.95 8.45 -5.54
CA PHE A 7 16.61 8.32 -4.97
C PHE A 7 16.34 6.88 -4.54
N VAL A 8 15.12 6.64 -4.11
CA VAL A 8 14.72 5.31 -3.67
C VAL A 8 13.78 4.70 -4.70
N GLY A 9 12.52 5.10 -4.63
CA GLY A 9 11.51 4.60 -5.55
C GLY A 9 10.23 4.24 -4.81
N ASP A 10 9.88 2.96 -4.88
CA ASP A 10 8.67 2.48 -4.23
C ASP A 10 8.74 2.81 -2.75
N GLN A 11 7.74 2.34 -2.02
CA GLN A 11 7.66 2.58 -0.58
C GLN A 11 6.66 1.63 0.06
N VAL A 12 7.08 1.03 1.16
CA VAL A 12 6.23 0.10 1.89
C VAL A 12 5.44 0.86 2.95
N LEU A 13 4.45 0.17 3.51
CA LEU A 13 3.62 0.78 4.53
C LEU A 13 2.98 -0.34 5.38
N GLU A 14 2.82 -0.04 6.66
CA GLU A 14 2.23 -0.99 7.58
C GLU A 14 0.75 -0.69 7.79
N ILE A 15 -0.07 -1.70 7.54
CA ILE A 15 -1.51 -1.55 7.70
C ILE A 15 -1.99 -2.46 8.83
N VAL A 16 -3.01 -1.99 9.53
CA VAL A 16 -3.58 -2.74 10.64
C VAL A 16 -5.10 -2.70 10.55
N PRO A 17 -5.68 -3.74 9.90
CA PRO A 17 -7.13 -3.82 9.76
C PRO A 17 -7.78 -4.23 11.07
N SER A 18 -9.11 -4.37 11.02
CA SER A 18 -9.87 -4.75 12.19
C SER A 18 -11.15 -5.46 11.77
N ASN A 19 -11.82 -4.89 10.77
CA ASN A 19 -13.05 -5.47 10.27
C ASN A 19 -12.80 -6.10 8.91
N GLU A 20 -13.85 -6.67 8.35
CA GLU A 20 -13.76 -7.32 7.05
C GLU A 20 -13.96 -6.29 5.93
N GLU A 21 -14.58 -5.18 6.30
CA GLU A 21 -14.84 -4.12 5.35
C GLU A 21 -13.53 -3.53 4.83
N GLN A 22 -12.75 -3.01 5.77
CA GLN A 22 -11.47 -2.41 5.43
C GLN A 22 -10.57 -3.45 4.77
N ILE A 23 -10.74 -4.70 5.17
CA ILE A 23 -9.94 -5.78 4.63
C ILE A 23 -10.44 -6.12 3.22
N LYS A 24 -11.76 -6.19 3.09
CA LYS A 24 -12.37 -6.50 1.81
C LYS A 24 -12.05 -5.38 0.82
N ASN A 25 -11.61 -4.25 1.36
CA ASN A 25 -11.27 -3.11 0.54
C ASN A 25 -9.88 -3.33 -0.09
N LEU A 26 -9.04 -4.01 0.68
CA LEU A 26 -7.69 -4.30 0.22
C LEU A 26 -7.75 -5.28 -0.95
N LEU A 27 -8.50 -6.35 -0.75
CA LEU A 27 -8.66 -7.37 -1.77
C LEU A 27 -9.10 -6.70 -3.09
N GLN A 28 -10.20 -5.97 -3.00
CA GLN A 28 -10.73 -5.28 -4.15
C GLN A 28 -9.65 -4.40 -4.80
N LEU A 29 -8.82 -3.83 -3.94
CA LEU A 29 -7.75 -2.96 -4.40
C LEU A 29 -6.73 -3.79 -5.19
N GLU A 30 -6.11 -4.72 -4.49
CA GLU A 30 -5.12 -5.58 -5.11
C GLU A 30 -5.66 -6.15 -6.43
N ALA A 31 -6.98 -6.20 -6.52
CA ALA A 31 -7.63 -6.71 -7.71
C ALA A 31 -7.42 -5.72 -8.86
N GLN A 32 -7.62 -4.45 -8.56
CA GLN A 32 -7.45 -3.40 -9.55
C GLN A 32 -6.15 -3.61 -10.32
N GLU A 33 -6.29 -4.11 -11.54
CA GLU A 33 -5.14 -4.35 -12.39
C GLU A 33 -4.11 -3.23 -12.22
N HIS A 34 -4.55 -2.01 -12.47
CA HIS A 34 -3.68 -0.86 -12.35
C HIS A 34 -3.06 -0.82 -10.95
N LEU A 35 -3.89 -1.13 -9.96
CA LEU A 35 -3.45 -1.14 -8.59
C LEU A 35 -3.02 -2.55 -8.20
N GLN A 36 -2.25 -3.17 -9.10
CA GLN A 36 -1.76 -4.51 -8.88
C GLN A 36 -0.75 -4.53 -7.72
N LEU A 37 -1.26 -4.21 -6.53
CA LEU A 37 -0.42 -4.18 -5.35
C LEU A 37 -0.05 -5.61 -4.96
N ASP A 38 0.94 -5.71 -4.10
CA ASP A 38 1.40 -7.01 -3.63
C ASP A 38 1.51 -7.00 -2.10
N PHE A 39 0.66 -7.78 -1.47
CA PHE A 39 0.64 -7.87 -0.02
C PHE A 39 1.67 -8.88 0.47
N TRP A 40 2.53 -8.43 1.38
CA TRP A 40 3.56 -9.28 1.95
C TRP A 40 2.86 -10.37 2.76
N LYS A 41 2.11 -9.93 3.76
CA LYS A 41 1.40 -10.85 4.62
C LYS A 41 0.04 -11.19 3.99
N SER A 42 -0.96 -11.32 4.85
CA SER A 42 -2.30 -11.64 4.39
C SER A 42 -3.33 -10.78 5.13
N PRO A 43 -3.73 -9.66 4.47
CA PRO A 43 -4.70 -8.75 5.06
C PRO A 43 -6.12 -9.34 4.99
N THR A 44 -6.21 -10.50 4.34
CA THR A 44 -7.48 -11.17 4.20
C THR A 44 -8.22 -11.21 5.55
N THR A 45 -7.43 -11.27 6.61
CA THR A 45 -7.99 -11.32 7.95
C THR A 45 -7.34 -10.24 8.84
N PRO A 46 -8.09 -9.85 9.90
CA PRO A 46 -7.61 -8.84 10.82
C PRO A 46 -6.52 -9.40 11.75
N GLY A 47 -6.22 -8.64 12.78
CA GLY A 47 -5.22 -9.05 13.74
C GLY A 47 -3.90 -9.41 13.04
N GLU A 48 -3.77 -8.91 11.81
CA GLU A 48 -2.58 -9.17 11.03
C GLU A 48 -2.16 -7.91 10.26
N THR A 49 -0.92 -7.51 10.47
CA THR A 49 -0.39 -6.33 9.81
C THR A 49 0.04 -6.67 8.38
N ALA A 50 -0.15 -5.70 7.50
CA ALA A 50 0.22 -5.87 6.10
C ALA A 50 1.37 -4.93 5.76
N HIS A 51 2.15 -5.33 4.76
CA HIS A 51 3.29 -4.54 4.33
C HIS A 51 3.52 -4.76 2.83
N VAL A 52 2.94 -3.87 2.04
CA VAL A 52 3.07 -3.94 0.60
C VAL A 52 3.96 -2.80 0.11
N ARG A 53 4.74 -3.10 -0.91
CA ARG A 53 5.64 -2.11 -1.48
C ARG A 53 4.92 -1.30 -2.56
N VAL A 54 4.18 -0.29 -2.10
CA VAL A 54 3.44 0.57 -3.00
C VAL A 54 4.37 1.66 -3.54
N PRO A 55 4.15 2.01 -4.84
CA PRO A 55 4.96 3.03 -5.48
C PRO A 55 4.55 4.42 -5.00
N PHE A 56 5.57 5.23 -4.71
CA PHE A 56 5.34 6.58 -4.24
C PHE A 56 4.34 7.31 -5.14
N VAL A 57 4.47 7.06 -6.43
CA VAL A 57 3.59 7.69 -7.40
C VAL A 57 2.16 7.17 -7.21
N ASN A 58 2.08 6.01 -6.55
CA ASN A 58 0.79 5.40 -6.29
C ASN A 58 0.57 5.32 -4.78
N VAL A 59 1.42 6.02 -4.05
CA VAL A 59 1.33 6.03 -2.59
C VAL A 59 0.18 6.95 -2.17
N GLN A 60 -0.07 7.96 -2.99
CA GLN A 60 -1.13 8.91 -2.71
C GLN A 60 -2.50 8.24 -2.88
N ALA A 61 -2.81 7.90 -4.12
CA ALA A 61 -4.07 7.25 -4.43
C ALA A 61 -4.34 6.15 -3.39
N VAL A 62 -3.27 5.50 -2.97
CA VAL A 62 -3.38 4.44 -1.99
C VAL A 62 -3.64 5.05 -0.61
N LYS A 63 -2.93 6.13 -0.33
CA LYS A 63 -3.06 6.81 0.94
C LYS A 63 -4.51 7.29 1.11
N VAL A 64 -5.11 7.65 -0.02
CA VAL A 64 -6.48 8.13 -0.02
C VAL A 64 -7.43 6.94 0.14
N PHE A 65 -7.01 5.81 -0.42
CA PHE A 65 -7.81 4.60 -0.34
C PHE A 65 -7.95 4.12 1.10
N LEU A 66 -6.80 3.94 1.74
CA LEU A 66 -6.79 3.49 3.12
C LEU A 66 -7.77 4.31 3.94
N GLU A 67 -7.58 5.62 3.89
CA GLU A 67 -8.44 6.54 4.63
C GLU A 67 -9.89 6.34 4.20
N SER A 68 -10.09 6.22 2.90
CA SER A 68 -11.42 6.03 2.36
C SER A 68 -12.08 4.80 3.00
N GLN A 69 -11.29 3.75 3.12
CA GLN A 69 -11.77 2.51 3.71
C GLN A 69 -11.74 2.60 5.23
N GLY A 70 -11.52 3.81 5.72
CA GLY A 70 -11.45 4.04 7.16
C GLY A 70 -10.57 3.01 7.84
N ILE A 71 -9.34 2.89 7.34
CA ILE A 71 -8.40 1.93 7.89
C ILE A 71 -7.27 2.70 8.60
N ALA A 72 -6.41 1.94 9.26
CA ALA A 72 -5.30 2.53 9.99
C ALA A 72 -3.99 1.92 9.48
N TYR A 73 -3.13 2.77 8.95
CA TYR A 73 -1.85 2.33 8.43
C TYR A 73 -0.72 3.24 8.92
N SER A 74 0.45 3.05 8.32
CA SER A 74 1.61 3.84 8.69
C SER A 74 2.72 3.65 7.65
N ILE A 75 3.73 4.50 7.75
CA ILE A 75 4.85 4.44 6.83
C ILE A 75 6.01 3.69 7.49
N MET A 76 6.52 2.70 6.77
CA MET A 76 7.62 1.90 7.27
C MET A 76 8.97 2.46 6.81
N ILE A 77 9.20 2.37 5.51
CA ILE A 77 10.44 2.86 4.93
C ILE A 77 10.12 3.96 3.93
N GLU A 78 11.05 4.91 3.80
CA GLU A 78 10.88 6.01 2.87
C GLU A 78 12.09 6.13 1.95
N ASP A 79 12.43 7.37 1.64
CA ASP A 79 13.57 7.63 0.77
C ASP A 79 14.85 7.67 1.61
N VAL A 80 15.27 6.49 2.03
CA VAL A 80 16.48 6.38 2.84
C VAL A 80 17.54 7.32 2.30
N GLN A 81 17.76 8.40 3.03
CA GLN A 81 18.76 9.39 2.62
C GLN A 81 20.07 8.70 2.25
N MET A 1 35.93 5.18 -17.03
CA MET A 1 34.92 5.07 -18.07
C MET A 1 33.68 5.88 -17.72
N ARG A 2 32.76 5.22 -17.04
CA ARG A 2 31.52 5.86 -16.63
C ARG A 2 31.13 5.42 -15.21
N SER A 3 30.13 6.10 -14.67
CA SER A 3 29.66 5.79 -13.33
C SER A 3 28.28 6.42 -13.10
N LEU A 4 27.28 5.56 -13.03
CA LEU A 4 25.92 6.03 -12.81
C LEU A 4 25.30 5.25 -11.65
N GLU A 5 24.28 5.84 -11.06
CA GLU A 5 23.58 5.22 -9.94
C GLU A 5 22.15 4.89 -10.32
N THR A 6 21.58 3.93 -9.60
CA THR A 6 20.21 3.51 -9.85
C THR A 6 19.49 3.25 -8.53
N PHE A 7 18.17 3.39 -8.58
CA PHE A 7 17.34 3.17 -7.40
C PHE A 7 15.86 3.09 -7.77
N VAL A 8 15.04 2.98 -6.74
CA VAL A 8 13.60 2.89 -6.94
C VAL A 8 12.92 4.09 -6.27
N GLY A 9 11.60 4.11 -6.38
CA GLY A 9 10.83 5.19 -5.80
C GLY A 9 9.56 4.66 -5.12
N ASP A 10 9.65 3.40 -4.67
CA ASP A 10 8.52 2.77 -4.02
C ASP A 10 8.54 3.12 -2.52
N GLN A 11 7.60 2.54 -1.81
CA GLN A 11 7.50 2.78 -0.37
C GLN A 11 6.49 1.82 0.26
N VAL A 12 6.95 1.13 1.30
CA VAL A 12 6.10 0.19 2.00
C VAL A 12 5.28 0.92 3.06
N LEU A 13 4.27 0.23 3.58
CA LEU A 13 3.41 0.81 4.60
C LEU A 13 2.80 -0.32 5.43
N GLU A 14 2.63 -0.04 6.71
CA GLU A 14 2.04 -1.02 7.62
C GLU A 14 0.56 -0.72 7.84
N ILE A 15 -0.25 -1.73 7.59
CA ILE A 15 -1.69 -1.59 7.75
C ILE A 15 -2.17 -2.56 8.84
N VAL A 16 -3.19 -2.11 9.57
CA VAL A 16 -3.74 -2.92 10.64
C VAL A 16 -5.27 -2.89 10.55
N PRO A 17 -5.82 -3.86 9.77
CA PRO A 17 -7.27 -3.95 9.61
C PRO A 17 -7.93 -4.53 10.85
N SER A 18 -9.24 -4.73 10.75
CA SER A 18 -10.00 -5.27 11.86
C SER A 18 -11.40 -5.67 11.39
N ASN A 19 -11.97 -4.83 10.55
CA ASN A 19 -13.29 -5.09 10.01
C ASN A 19 -13.17 -5.73 8.62
N GLU A 20 -14.24 -6.40 8.23
CA GLU A 20 -14.26 -7.06 6.94
C GLU A 20 -14.32 -6.03 5.80
N GLU A 21 -14.90 -4.88 6.12
CA GLU A 21 -15.03 -3.80 5.14
C GLU A 21 -13.64 -3.29 4.75
N GLN A 22 -12.87 -2.91 5.76
CA GLN A 22 -11.53 -2.40 5.54
C GLN A 22 -10.65 -3.49 4.91
N ILE A 23 -11.02 -4.74 5.17
CA ILE A 23 -10.28 -5.87 4.64
C ILE A 23 -10.65 -6.07 3.17
N LYS A 24 -11.94 -5.89 2.89
CA LYS A 24 -12.43 -6.05 1.53
C LYS A 24 -11.89 -4.91 0.65
N ASN A 25 -11.50 -3.83 1.32
CA ASN A 25 -10.96 -2.68 0.61
C ASN A 25 -9.66 -3.07 -0.10
N LEU A 26 -8.69 -3.49 0.70
CA LEU A 26 -7.41 -3.91 0.16
C LEU A 26 -7.63 -4.88 -0.99
N LEU A 27 -8.27 -6.00 -0.66
CA LEU A 27 -8.54 -7.02 -1.66
C LEU A 27 -9.03 -6.36 -2.94
N GLN A 28 -10.03 -5.49 -2.79
CA GLN A 28 -10.58 -4.79 -3.92
C GLN A 28 -9.48 -4.04 -4.68
N LEU A 29 -8.56 -3.48 -3.91
CA LEU A 29 -7.46 -2.73 -4.48
C LEU A 29 -6.55 -3.68 -5.26
N GLU A 30 -5.96 -4.62 -4.53
CA GLU A 30 -5.07 -5.59 -5.13
C GLU A 30 -5.72 -6.19 -6.40
N ALA A 31 -7.01 -6.44 -6.29
CA ALA A 31 -7.76 -7.01 -7.41
C ALA A 31 -7.45 -6.22 -8.68
N GLN A 32 -7.53 -4.89 -8.54
CA GLN A 32 -7.26 -4.01 -9.66
C GLN A 32 -5.88 -4.29 -10.24
N GLU A 33 -5.87 -5.05 -11.34
CA GLU A 33 -4.63 -5.40 -12.00
C GLU A 33 -3.66 -4.22 -11.98
N HIS A 34 -4.13 -3.10 -12.54
CA HIS A 34 -3.32 -1.90 -12.60
C HIS A 34 -2.58 -1.72 -11.26
N LEU A 35 -3.31 -1.96 -10.18
CA LEU A 35 -2.73 -1.83 -8.85
C LEU A 35 -2.37 -3.21 -8.32
N GLN A 36 -1.69 -3.98 -9.16
CA GLN A 36 -1.27 -5.32 -8.79
C GLN A 36 -0.21 -5.26 -7.69
N LEU A 37 -0.63 -4.76 -6.54
CA LEU A 37 0.27 -4.64 -5.40
C LEU A 37 0.44 -6.02 -4.75
N ASP A 38 1.62 -6.22 -4.17
CA ASP A 38 1.92 -7.48 -3.52
C ASP A 38 1.90 -7.28 -2.00
N PHE A 39 1.06 -8.07 -1.35
CA PHE A 39 0.92 -7.99 0.09
C PHE A 39 1.89 -8.96 0.79
N TRP A 40 2.68 -8.41 1.70
CA TRP A 40 3.64 -9.21 2.44
C TRP A 40 2.86 -10.15 3.37
N LYS A 41 2.09 -9.53 4.26
CA LYS A 41 1.31 -10.30 5.21
C LYS A 41 -0.14 -10.40 4.71
N SER A 42 -0.50 -11.61 4.30
CA SER A 42 -1.85 -11.85 3.78
C SER A 42 -2.87 -11.14 4.66
N PRO A 43 -3.36 -9.97 4.14
CA PRO A 43 -4.35 -9.20 4.87
C PRO A 43 -5.73 -9.85 4.80
N THR A 44 -5.77 -11.01 4.16
CA THR A 44 -7.02 -11.74 4.02
C THR A 44 -7.87 -11.58 5.27
N THR A 45 -7.27 -11.90 6.40
CA THR A 45 -7.98 -11.80 7.67
C THR A 45 -7.37 -10.68 8.53
N PRO A 46 -8.20 -10.17 9.47
CA PRO A 46 -7.76 -9.10 10.35
C PRO A 46 -6.82 -9.63 11.43
N GLY A 47 -6.21 -8.70 12.15
CA GLY A 47 -5.28 -9.07 13.21
C GLY A 47 -3.86 -9.21 12.68
N GLU A 48 -3.77 -9.47 11.37
CA GLU A 48 -2.48 -9.62 10.74
C GLU A 48 -2.16 -8.38 9.88
N THR A 49 -1.20 -7.61 10.38
CA THR A 49 -0.79 -6.40 9.68
C THR A 49 -0.29 -6.74 8.28
N ALA A 50 -0.36 -5.75 7.41
CA ALA A 50 0.08 -5.92 6.03
C ALA A 50 1.23 -4.96 5.74
N HIS A 51 2.04 -5.34 4.77
CA HIS A 51 3.18 -4.52 4.38
C HIS A 51 3.47 -4.71 2.89
N VAL A 52 2.90 -3.83 2.09
CA VAL A 52 3.08 -3.89 0.65
C VAL A 52 3.89 -2.69 0.19
N ARG A 53 4.71 -2.91 -0.84
CA ARG A 53 5.54 -1.85 -1.37
C ARG A 53 4.77 -1.05 -2.42
N VAL A 54 4.11 0.00 -1.97
CA VAL A 54 3.35 0.85 -2.86
C VAL A 54 4.25 1.95 -3.43
N PRO A 55 4.00 2.28 -4.73
CA PRO A 55 4.79 3.30 -5.39
C PRO A 55 4.39 4.70 -4.91
N PHE A 56 5.40 5.51 -4.64
CA PHE A 56 5.18 6.87 -4.18
C PHE A 56 4.16 7.59 -5.06
N VAL A 57 4.26 7.33 -6.36
CA VAL A 57 3.35 7.94 -7.32
C VAL A 57 1.93 7.43 -7.08
N ASN A 58 1.86 6.27 -6.42
CA ASN A 58 0.58 5.65 -6.12
C ASN A 58 0.39 5.59 -4.61
N VAL A 59 1.26 6.30 -3.91
CA VAL A 59 1.21 6.33 -2.45
C VAL A 59 0.07 7.25 -2.01
N GLN A 60 -0.11 8.32 -2.76
CA GLN A 60 -1.15 9.29 -2.46
C GLN A 60 -2.53 8.65 -2.64
N ALA A 61 -2.86 8.38 -3.89
CA ALA A 61 -4.14 7.78 -4.21
C ALA A 61 -4.44 6.65 -3.21
N VAL A 62 -3.38 5.97 -2.81
CA VAL A 62 -3.51 4.87 -1.88
C VAL A 62 -3.70 5.44 -0.47
N LYS A 63 -2.90 6.45 -0.15
CA LYS A 63 -2.97 7.09 1.15
C LYS A 63 -4.39 7.62 1.37
N VAL A 64 -5.01 8.01 0.27
CA VAL A 64 -6.37 8.54 0.33
C VAL A 64 -7.36 7.39 0.52
N PHE A 65 -7.08 6.28 -0.17
CA PHE A 65 -7.92 5.11 -0.09
C PHE A 65 -8.01 4.60 1.36
N LEU A 66 -6.84 4.36 1.93
CA LEU A 66 -6.77 3.86 3.29
C LEU A 66 -7.69 4.69 4.18
N GLU A 67 -7.42 5.99 4.21
CA GLU A 67 -8.22 6.89 5.02
C GLU A 67 -9.70 6.79 4.62
N SER A 68 -9.93 6.71 3.32
CA SER A 68 -11.28 6.60 2.80
C SER A 68 -11.98 5.37 3.39
N GLN A 69 -11.24 4.27 3.41
CA GLN A 69 -11.77 3.03 3.95
C GLN A 69 -11.75 3.05 5.48
N GLY A 70 -11.37 4.20 6.01
CA GLY A 70 -11.31 4.37 7.45
C GLY A 70 -10.44 3.28 8.09
N ILE A 71 -9.32 3.00 7.44
CA ILE A 71 -8.40 1.99 7.94
C ILE A 71 -7.29 2.67 8.72
N ALA A 72 -6.47 1.83 9.37
CA ALA A 72 -5.36 2.33 10.16
C ALA A 72 -4.05 1.74 9.62
N TYR A 73 -3.19 2.63 9.14
CA TYR A 73 -1.90 2.22 8.60
C TYR A 73 -0.79 3.15 9.09
N SER A 74 0.37 3.00 8.46
CA SER A 74 1.52 3.81 8.80
C SER A 74 2.64 3.59 7.79
N ILE A 75 3.73 4.33 7.99
CA ILE A 75 4.88 4.22 7.10
C ILE A 75 5.92 3.32 7.74
N MET A 76 6.38 2.35 6.95
CA MET A 76 7.39 1.41 7.42
C MET A 76 8.79 1.88 7.04
N ILE A 77 9.04 1.93 5.74
CA ILE A 77 10.33 2.35 5.23
C ILE A 77 10.15 3.04 3.89
N GLU A 78 10.74 4.23 3.78
CA GLU A 78 10.65 5.00 2.55
C GLU A 78 11.90 4.78 1.70
N ASP A 79 12.32 5.87 1.06
CA ASP A 79 13.51 5.81 0.21
C ASP A 79 14.02 7.23 -0.03
N VAL A 80 15.20 7.50 0.52
CA VAL A 80 15.81 8.81 0.38
C VAL A 80 16.62 8.85 -0.91
N GLN A 81 16.08 9.58 -1.89
CA GLN A 81 16.74 9.70 -3.17
C GLN A 81 18.09 10.40 -3.02
N MET A 1 25.93 9.03 -24.83
CA MET A 1 26.16 7.76 -25.48
C MET A 1 25.18 6.70 -24.99
N ARG A 2 25.16 6.52 -23.67
CA ARG A 2 24.26 5.55 -23.06
C ARG A 2 23.13 6.26 -22.33
N SER A 3 21.94 5.71 -22.48
CA SER A 3 20.76 6.28 -21.83
C SER A 3 20.84 6.06 -20.33
N LEU A 4 20.52 7.11 -19.59
CA LEU A 4 20.53 7.05 -18.14
C LEU A 4 19.49 6.04 -17.65
N GLU A 5 19.59 5.70 -16.38
CA GLU A 5 18.66 4.75 -15.78
C GLU A 5 17.49 5.50 -15.13
N THR A 6 16.29 5.00 -15.40
CA THR A 6 15.09 5.61 -14.84
C THR A 6 14.56 4.78 -13.68
N PHE A 7 13.79 5.43 -12.82
CA PHE A 7 13.21 4.77 -11.67
C PHE A 7 12.12 5.63 -11.03
N VAL A 8 11.61 5.14 -9.91
CA VAL A 8 10.57 5.84 -9.19
C VAL A 8 10.87 5.82 -7.69
N GLY A 9 10.97 4.59 -7.16
CA GLY A 9 11.25 4.42 -5.75
C GLY A 9 9.98 4.10 -4.97
N ASP A 10 9.51 2.87 -5.14
CA ASP A 10 8.31 2.43 -4.45
C ASP A 10 8.47 2.62 -2.94
N GLN A 11 7.42 2.30 -2.22
CA GLN A 11 7.43 2.44 -0.77
C GLN A 11 6.42 1.48 -0.13
N VAL A 12 6.80 0.95 1.02
CA VAL A 12 5.94 0.03 1.74
C VAL A 12 5.20 0.79 2.85
N LEU A 13 4.22 0.12 3.42
CA LEU A 13 3.42 0.71 4.49
C LEU A 13 2.75 -0.41 5.30
N GLU A 14 2.65 -0.17 6.60
CA GLU A 14 2.04 -1.14 7.49
C GLU A 14 0.58 -0.77 7.75
N ILE A 15 -0.29 -1.75 7.55
CA ILE A 15 -1.71 -1.54 7.75
C ILE A 15 -2.20 -2.46 8.88
N VAL A 16 -3.15 -1.94 9.66
CA VAL A 16 -3.70 -2.71 10.76
C VAL A 16 -5.22 -2.78 10.61
N PRO A 17 -5.69 -3.86 9.93
CA PRO A 17 -7.11 -4.06 9.72
C PRO A 17 -7.81 -4.52 11.00
N SER A 18 -9.09 -4.81 10.86
CA SER A 18 -9.87 -5.26 12.01
C SER A 18 -11.21 -5.84 11.53
N ASN A 19 -11.80 -5.15 10.56
CA ASN A 19 -13.07 -5.57 10.01
C ASN A 19 -12.84 -6.20 8.63
N GLU A 20 -13.89 -6.82 8.12
CA GLU A 20 -13.81 -7.47 6.81
C GLU A 20 -13.80 -6.41 5.70
N GLU A 21 -14.63 -5.40 5.88
CA GLU A 21 -14.73 -4.33 4.90
C GLU A 21 -13.35 -3.71 4.66
N GLN A 22 -12.65 -3.45 5.76
CA GLN A 22 -11.32 -2.87 5.68
C GLN A 22 -10.38 -3.79 4.91
N ILE A 23 -10.47 -5.07 5.20
CA ILE A 23 -9.63 -6.06 4.54
C ILE A 23 -10.08 -6.21 3.08
N LYS A 24 -11.39 -6.19 2.90
CA LYS A 24 -11.97 -6.31 1.57
C LYS A 24 -11.59 -5.09 0.73
N ASN A 25 -11.09 -4.07 1.43
CA ASN A 25 -10.69 -2.84 0.76
C ASN A 25 -9.40 -3.10 -0.02
N LEU A 26 -8.45 -3.72 0.65
CA LEU A 26 -7.16 -4.02 0.04
C LEU A 26 -7.39 -4.98 -1.14
N LEU A 27 -8.22 -5.98 -0.91
CA LEU A 27 -8.51 -6.97 -1.93
C LEU A 27 -8.96 -6.24 -3.21
N GLN A 28 -9.96 -5.39 -3.04
CA GLN A 28 -10.49 -4.63 -4.16
C GLN A 28 -9.38 -3.81 -4.82
N LEU A 29 -8.50 -3.30 -3.98
CA LEU A 29 -7.39 -2.49 -4.45
C LEU A 29 -6.41 -3.39 -5.23
N GLU A 30 -5.81 -4.32 -4.49
CA GLU A 30 -4.85 -5.23 -5.09
C GLU A 30 -5.44 -5.86 -6.36
N ALA A 31 -6.75 -6.00 -6.36
CA ALA A 31 -7.44 -6.57 -7.50
C ALA A 31 -7.14 -5.74 -8.75
N GLN A 32 -7.24 -4.43 -8.59
CA GLN A 32 -6.98 -3.51 -9.68
C GLN A 32 -5.63 -3.83 -10.33
N GLU A 33 -5.70 -4.49 -11.47
CA GLU A 33 -4.50 -4.86 -12.20
C GLU A 33 -3.46 -3.74 -12.10
N HIS A 34 -3.83 -2.58 -12.61
CA HIS A 34 -2.95 -1.43 -12.58
C HIS A 34 -2.22 -1.37 -11.23
N LEU A 35 -2.99 -1.62 -10.17
CA LEU A 35 -2.44 -1.59 -8.83
C LEU A 35 -2.17 -3.02 -8.37
N GLN A 36 -1.51 -3.77 -9.25
CA GLN A 36 -1.18 -5.15 -8.94
C GLN A 36 -0.15 -5.22 -7.81
N LEU A 37 -0.57 -4.76 -6.64
CA LEU A 37 0.30 -4.76 -5.48
C LEU A 37 0.33 -6.17 -4.87
N ASP A 38 1.32 -6.38 -4.02
CA ASP A 38 1.48 -7.68 -3.37
C ASP A 38 1.71 -7.45 -1.87
N PHE A 39 0.70 -7.81 -1.09
CA PHE A 39 0.78 -7.66 0.35
C PHE A 39 1.73 -8.70 0.95
N TRP A 40 2.74 -8.19 1.66
CA TRP A 40 3.73 -9.06 2.28
C TRP A 40 2.98 -9.98 3.24
N LYS A 41 2.04 -9.41 3.98
CA LYS A 41 1.26 -10.16 4.94
C LYS A 41 -0.20 -10.17 4.50
N SER A 42 -0.56 -11.17 3.72
CA SER A 42 -1.92 -11.30 3.23
C SER A 42 -2.90 -10.88 4.32
N PRO A 43 -3.51 -9.68 4.11
CA PRO A 43 -4.47 -9.15 5.07
C PRO A 43 -5.82 -9.89 4.96
N THR A 44 -5.74 -11.21 5.06
CA THR A 44 -6.94 -12.03 4.97
C THR A 44 -7.84 -11.78 6.18
N THR A 45 -7.30 -12.05 7.35
CA THR A 45 -8.05 -11.86 8.59
C THR A 45 -7.53 -10.64 9.35
N PRO A 46 -8.35 -10.17 10.32
CA PRO A 46 -7.99 -9.01 11.11
C PRO A 46 -6.93 -9.38 12.15
N GLY A 47 -6.09 -8.40 12.48
CA GLY A 47 -5.03 -8.61 13.45
C GLY A 47 -3.69 -8.85 12.76
N GLU A 48 -3.77 -9.25 11.50
CA GLU A 48 -2.57 -9.52 10.72
C GLU A 48 -2.18 -8.29 9.91
N THR A 49 -1.18 -7.57 10.39
CA THR A 49 -0.71 -6.38 9.73
C THR A 49 -0.27 -6.70 8.30
N ALA A 50 -0.53 -5.76 7.40
CA ALA A 50 -0.18 -5.94 6.01
C ALA A 50 0.98 -5.00 5.66
N HIS A 51 1.72 -5.37 4.62
CA HIS A 51 2.84 -4.58 4.19
C HIS A 51 3.05 -4.75 2.68
N VAL A 52 2.50 -3.81 1.92
CA VAL A 52 2.61 -3.86 0.48
C VAL A 52 3.52 -2.72 0.00
N ARG A 53 4.30 -3.01 -1.03
CA ARG A 53 5.19 -2.02 -1.59
C ARG A 53 4.47 -1.16 -2.62
N VAL A 54 3.79 -0.13 -2.13
CA VAL A 54 3.05 0.77 -3.00
C VAL A 54 4.01 1.83 -3.55
N PRO A 55 3.77 2.20 -4.83
CA PRO A 55 4.59 3.20 -5.49
C PRO A 55 4.26 4.60 -4.99
N PHE A 56 5.32 5.37 -4.72
CA PHE A 56 5.16 6.72 -4.23
C PHE A 56 4.16 7.50 -5.09
N VAL A 57 4.23 7.26 -6.39
CA VAL A 57 3.34 7.92 -7.32
C VAL A 57 1.90 7.45 -7.08
N ASN A 58 1.80 6.31 -6.42
CA ASN A 58 0.49 5.74 -6.12
C ASN A 58 0.33 5.62 -4.61
N VAL A 59 1.23 6.28 -3.89
CA VAL A 59 1.20 6.25 -2.44
C VAL A 59 0.09 7.17 -1.94
N GLN A 60 -0.14 8.24 -2.68
CA GLN A 60 -1.16 9.21 -2.33
C GLN A 60 -2.55 8.58 -2.52
N ALA A 61 -2.85 8.27 -3.77
CA ALA A 61 -4.14 7.68 -4.11
C ALA A 61 -4.46 6.58 -3.10
N VAL A 62 -3.42 5.88 -2.69
CA VAL A 62 -3.58 4.79 -1.74
C VAL A 62 -3.86 5.38 -0.34
N LYS A 63 -3.09 6.40 0.01
CA LYS A 63 -3.24 7.04 1.29
C LYS A 63 -4.69 7.54 1.44
N VAL A 64 -5.24 7.99 0.31
CA VAL A 64 -6.61 8.48 0.30
C VAL A 64 -7.57 7.30 0.43
N PHE A 65 -7.18 6.19 -0.17
CA PHE A 65 -8.01 4.99 -0.13
C PHE A 65 -8.18 4.49 1.32
N LEU A 66 -7.06 4.31 1.98
CA LEU A 66 -7.07 3.85 3.36
C LEU A 66 -8.04 4.70 4.17
N GLU A 67 -7.78 6.00 4.16
CA GLU A 67 -8.62 6.94 4.90
C GLU A 67 -10.08 6.77 4.49
N SER A 68 -10.29 6.67 3.19
CA SER A 68 -11.64 6.50 2.65
C SER A 68 -12.31 5.29 3.30
N GLN A 69 -11.54 4.22 3.42
CA GLN A 69 -12.05 3.00 4.03
C GLN A 69 -11.97 3.09 5.55
N GLY A 70 -11.73 4.29 6.03
CA GLY A 70 -11.61 4.52 7.46
C GLY A 70 -10.74 3.45 8.12
N ILE A 71 -9.54 3.30 7.58
CA ILE A 71 -8.60 2.32 8.10
C ILE A 71 -7.44 3.05 8.77
N ALA A 72 -6.54 2.27 9.35
CA ALA A 72 -5.38 2.82 10.02
C ALA A 72 -4.12 2.14 9.50
N TYR A 73 -3.22 2.94 8.96
CA TYR A 73 -1.97 2.43 8.44
C TYR A 73 -0.77 3.24 8.95
N SER A 74 0.37 2.99 8.34
CA SER A 74 1.59 3.68 8.73
C SER A 74 2.67 3.46 7.67
N ILE A 75 3.69 4.32 7.72
CA ILE A 75 4.79 4.23 6.78
C ILE A 75 5.97 3.51 7.43
N MET A 76 6.47 2.50 6.74
CA MET A 76 7.59 1.72 7.23
C MET A 76 8.91 2.28 6.71
N ILE A 77 9.10 2.15 5.40
CA ILE A 77 10.32 2.63 4.77
C ILE A 77 9.98 3.76 3.80
N GLU A 78 10.96 4.61 3.55
CA GLU A 78 10.77 5.72 2.64
C GLU A 78 11.83 5.68 1.53
N ASP A 79 12.26 6.88 1.13
CA ASP A 79 13.25 6.99 0.07
C ASP A 79 14.65 6.83 0.68
N VAL A 80 14.97 5.59 1.05
CA VAL A 80 16.26 5.30 1.64
C VAL A 80 17.35 6.04 0.87
N GLN A 81 17.87 7.08 1.48
CA GLN A 81 18.92 7.88 0.86
C GLN A 81 20.12 6.99 0.51
N MET A 1 24.13 -8.29 -27.36
CA MET A 1 23.58 -7.19 -26.58
C MET A 1 23.42 -7.59 -25.12
N ARG A 2 23.70 -6.65 -24.23
CA ARG A 2 23.59 -6.89 -22.80
C ARG A 2 22.37 -6.18 -22.24
N SER A 3 21.74 -6.82 -21.26
CA SER A 3 20.56 -6.26 -20.63
C SER A 3 20.94 -5.01 -19.82
N LEU A 4 19.93 -4.21 -19.52
CA LEU A 4 20.13 -3.00 -18.76
C LEU A 4 19.41 -3.10 -17.42
N GLU A 5 19.75 -2.19 -16.53
CA GLU A 5 19.14 -2.17 -15.20
C GLU A 5 18.21 -0.97 -15.07
N THR A 6 17.05 -1.22 -14.49
CA THR A 6 16.07 -0.16 -14.29
C THR A 6 15.65 -0.10 -12.81
N PHE A 7 14.94 0.97 -12.48
CA PHE A 7 14.47 1.16 -11.12
C PHE A 7 13.60 2.41 -11.01
N VAL A 8 12.71 2.39 -10.02
CA VAL A 8 11.81 3.51 -9.80
C VAL A 8 11.90 3.95 -8.35
N GLY A 9 10.80 4.48 -7.84
CA GLY A 9 10.75 4.95 -6.47
C GLY A 9 9.51 4.40 -5.75
N ASP A 10 9.63 3.17 -5.29
CA ASP A 10 8.54 2.51 -4.59
C ASP A 10 8.68 2.76 -3.09
N GLN A 11 7.67 2.34 -2.35
CA GLN A 11 7.68 2.50 -0.91
C GLN A 11 6.69 1.53 -0.25
N VAL A 12 7.09 1.01 0.90
CA VAL A 12 6.26 0.07 1.63
C VAL A 12 5.51 0.81 2.74
N LEU A 13 4.52 0.13 3.29
CA LEU A 13 3.72 0.71 4.35
C LEU A 13 3.04 -0.41 5.14
N GLU A 14 2.78 -0.13 6.41
CA GLU A 14 2.14 -1.10 7.28
C GLU A 14 0.65 -0.82 7.38
N ILE A 15 -0.12 -1.88 7.50
CA ILE A 15 -1.57 -1.76 7.59
C ILE A 15 -2.08 -2.67 8.72
N VAL A 16 -3.05 -2.16 9.45
CA VAL A 16 -3.64 -2.91 10.55
C VAL A 16 -5.15 -2.83 10.48
N PRO A 17 -5.76 -3.87 9.85
CA PRO A 17 -7.21 -3.92 9.70
C PRO A 17 -7.88 -4.29 11.02
N SER A 18 -9.20 -4.43 10.97
CA SER A 18 -9.97 -4.77 12.15
C SER A 18 -11.33 -5.35 11.73
N ASN A 19 -11.94 -4.69 10.76
CA ASN A 19 -13.24 -5.11 10.27
C ASN A 19 -13.05 -5.81 8.91
N GLU A 20 -14.16 -6.36 8.42
CA GLU A 20 -14.14 -7.05 7.14
C GLU A 20 -14.16 -6.05 5.99
N GLU A 21 -14.97 -5.01 6.16
CA GLU A 21 -15.09 -3.98 5.15
C GLU A 21 -13.71 -3.42 4.79
N GLN A 22 -12.96 -3.06 5.83
CA GLN A 22 -11.62 -2.51 5.64
C GLN A 22 -10.75 -3.51 4.88
N ILE A 23 -10.88 -4.78 5.24
CA ILE A 23 -10.12 -5.82 4.61
C ILE A 23 -10.64 -6.03 3.17
N LYS A 24 -11.95 -5.91 3.03
CA LYS A 24 -12.58 -6.08 1.73
C LYS A 24 -12.15 -4.94 0.82
N ASN A 25 -11.63 -3.89 1.42
CA ASN A 25 -11.18 -2.73 0.67
C ASN A 25 -9.88 -3.07 -0.06
N LEU A 26 -8.90 -3.50 0.73
CA LEU A 26 -7.60 -3.86 0.17
C LEU A 26 -7.81 -4.86 -0.98
N LEU A 27 -8.43 -5.99 -0.64
CA LEU A 27 -8.69 -7.02 -1.62
C LEU A 27 -9.18 -6.37 -2.91
N GLN A 28 -10.19 -5.53 -2.77
CA GLN A 28 -10.75 -4.83 -3.92
C GLN A 28 -9.66 -4.07 -4.68
N LEU A 29 -8.76 -3.49 -3.90
CA LEU A 29 -7.66 -2.72 -4.48
C LEU A 29 -6.73 -3.67 -5.25
N GLU A 30 -6.13 -4.60 -4.51
CA GLU A 30 -5.23 -5.55 -5.11
C GLU A 30 -5.88 -6.19 -6.34
N ALA A 31 -7.17 -6.45 -6.23
CA ALA A 31 -7.91 -7.05 -7.33
C ALA A 31 -7.63 -6.28 -8.61
N GLN A 32 -7.70 -4.96 -8.51
CA GLN A 32 -7.44 -4.09 -9.65
C GLN A 32 -6.07 -4.38 -10.24
N GLU A 33 -6.07 -5.15 -11.32
CA GLU A 33 -4.83 -5.51 -12.00
C GLU A 33 -3.87 -4.32 -12.00
N HIS A 34 -4.34 -3.22 -12.56
CA HIS A 34 -3.53 -2.01 -12.63
C HIS A 34 -2.78 -1.81 -11.32
N LEU A 35 -3.50 -2.04 -10.22
CA LEU A 35 -2.92 -1.89 -8.90
C LEU A 35 -2.54 -3.28 -8.35
N GLN A 36 -1.86 -4.05 -9.20
CA GLN A 36 -1.44 -5.39 -8.81
C GLN A 36 -0.38 -5.31 -7.72
N LEU A 37 -0.80 -4.81 -6.57
CA LEU A 37 0.11 -4.69 -5.43
C LEU A 37 0.30 -6.06 -4.79
N ASP A 38 1.49 -6.24 -4.23
CA ASP A 38 1.82 -7.51 -3.58
C ASP A 38 1.79 -7.31 -2.06
N PHE A 39 0.95 -8.09 -1.41
CA PHE A 39 0.83 -8.02 0.03
C PHE A 39 1.78 -9.00 0.72
N TRP A 40 2.57 -8.46 1.64
CA TRP A 40 3.54 -9.28 2.37
C TRP A 40 2.75 -10.30 3.20
N LYS A 41 1.94 -9.78 4.12
CA LYS A 41 1.15 -10.64 4.97
C LYS A 41 -0.31 -10.59 4.51
N SER A 42 -0.76 -11.71 3.97
CA SER A 42 -2.13 -11.81 3.49
C SER A 42 -3.08 -11.15 4.47
N PRO A 43 -3.50 -9.90 4.12
CA PRO A 43 -4.41 -9.14 4.97
C PRO A 43 -5.84 -9.69 4.86
N THR A 44 -5.98 -10.73 4.05
CA THR A 44 -7.28 -11.35 3.86
C THR A 44 -8.06 -11.38 5.18
N THR A 45 -7.31 -11.48 6.27
CA THR A 45 -7.92 -11.53 7.59
C THR A 45 -7.33 -10.43 8.47
N PRO A 46 -8.14 -10.01 9.47
CA PRO A 46 -7.71 -8.97 10.41
C PRO A 46 -6.70 -9.52 11.41
N GLY A 47 -6.35 -8.68 12.38
CA GLY A 47 -5.40 -9.07 13.39
C GLY A 47 -4.05 -9.44 12.78
N GLU A 48 -3.89 -9.07 11.51
CA GLU A 48 -2.66 -9.36 10.80
C GLU A 48 -2.18 -8.11 10.06
N THR A 49 -0.96 -7.70 10.37
CA THR A 49 -0.37 -6.53 9.75
C THR A 49 0.07 -6.86 8.33
N ALA A 50 -0.15 -5.90 7.43
CA ALA A 50 0.22 -6.06 6.04
C ALA A 50 1.33 -5.08 5.69
N HIS A 51 2.11 -5.44 4.67
CA HIS A 51 3.20 -4.60 4.22
C HIS A 51 3.45 -4.82 2.73
N VAL A 52 2.90 -3.90 1.94
CA VAL A 52 3.06 -3.99 0.50
C VAL A 52 3.89 -2.80 0.01
N ARG A 53 4.69 -3.07 -1.01
CA ARG A 53 5.55 -2.03 -1.59
C ARG A 53 4.77 -1.21 -2.62
N VAL A 54 4.09 -0.18 -2.12
CA VAL A 54 3.31 0.69 -2.99
C VAL A 54 4.22 1.75 -3.60
N PRO A 55 3.93 2.09 -4.88
CA PRO A 55 4.70 3.10 -5.58
C PRO A 55 4.37 4.50 -5.09
N PHE A 56 5.42 5.28 -4.88
CA PHE A 56 5.25 6.65 -4.41
C PHE A 56 4.21 7.39 -5.25
N VAL A 57 4.24 7.13 -6.54
CA VAL A 57 3.32 7.77 -7.46
C VAL A 57 1.90 7.27 -7.17
N ASN A 58 1.83 6.14 -6.50
CA ASN A 58 0.55 5.55 -6.14
C ASN A 58 0.42 5.49 -4.62
N VAL A 59 1.34 6.17 -3.95
CA VAL A 59 1.34 6.20 -2.50
C VAL A 59 0.24 7.14 -2.01
N GLN A 60 -0.05 8.15 -2.82
CA GLN A 60 -1.08 9.11 -2.49
C GLN A 60 -2.46 8.49 -2.66
N ALA A 61 -2.77 8.12 -3.89
CA ALA A 61 -4.06 7.52 -4.19
C ALA A 61 -4.35 6.41 -3.18
N VAL A 62 -3.28 5.74 -2.76
CA VAL A 62 -3.42 4.67 -1.80
C VAL A 62 -3.63 5.26 -0.40
N LYS A 63 -2.85 6.29 -0.10
CA LYS A 63 -2.93 6.95 1.19
C LYS A 63 -4.35 7.49 1.37
N VAL A 64 -4.95 7.89 0.27
CA VAL A 64 -6.30 8.43 0.30
C VAL A 64 -7.30 7.29 0.46
N PHE A 65 -6.95 6.15 -0.14
CA PHE A 65 -7.81 4.97 -0.07
C PHE A 65 -7.93 4.48 1.37
N LEU A 66 -6.80 4.20 1.98
CA LEU A 66 -6.77 3.71 3.34
C LEU A 66 -7.70 4.57 4.21
N GLU A 67 -7.46 5.87 4.17
CA GLU A 67 -8.26 6.80 4.94
C GLU A 67 -9.74 6.68 4.53
N SER A 68 -9.97 6.63 3.23
CA SER A 68 -11.31 6.52 2.72
C SER A 68 -12.01 5.30 3.33
N GLN A 69 -11.27 4.21 3.38
CA GLN A 69 -11.80 2.98 3.94
C GLN A 69 -11.74 3.01 5.47
N GLY A 70 -11.39 4.19 5.99
CA GLY A 70 -11.30 4.37 7.42
C GLY A 70 -10.44 3.29 8.06
N ILE A 71 -9.24 3.13 7.52
CA ILE A 71 -8.31 2.14 8.03
C ILE A 71 -7.14 2.83 8.71
N ALA A 72 -6.24 2.03 9.25
CA ALA A 72 -5.07 2.56 9.94
C ALA A 72 -3.81 1.90 9.37
N TYR A 73 -2.94 2.74 8.85
CA TYR A 73 -1.69 2.25 8.28
C TYR A 73 -0.48 2.98 8.88
N SER A 74 0.67 2.76 8.28
CA SER A 74 1.90 3.37 8.75
C SER A 74 2.96 3.35 7.64
N ILE A 75 3.92 4.25 7.77
CA ILE A 75 4.99 4.35 6.79
C ILE A 75 6.23 3.63 7.32
N MET A 76 6.53 2.51 6.70
CA MET A 76 7.68 1.71 7.09
C MET A 76 8.98 2.35 6.59
N ILE A 77 9.15 2.33 5.28
CA ILE A 77 10.34 2.89 4.68
C ILE A 77 9.94 4.07 3.78
N GLU A 78 10.87 5.00 3.61
CA GLU A 78 10.62 6.18 2.79
C GLU A 78 11.90 6.56 2.03
N ASP A 79 12.08 7.87 1.89
CA ASP A 79 13.25 8.39 1.19
C ASP A 79 14.42 8.50 2.18
N VAL A 80 14.98 7.35 2.53
CA VAL A 80 16.09 7.31 3.45
C VAL A 80 17.05 8.46 3.14
N GLN A 81 17.02 9.47 4.02
CA GLN A 81 17.88 10.62 3.84
C GLN A 81 19.34 10.20 3.72
N MET A 1 13.37 13.35 -30.95
CA MET A 1 12.92 12.14 -31.62
C MET A 1 13.21 10.90 -30.77
N ARG A 2 12.88 11.02 -29.48
CA ARG A 2 13.09 9.92 -28.56
C ARG A 2 12.37 10.19 -27.23
N SER A 3 11.87 9.12 -26.65
CA SER A 3 11.16 9.23 -25.38
C SER A 3 10.77 7.83 -24.88
N LEU A 4 10.66 7.72 -23.56
CA LEU A 4 10.29 6.46 -22.95
C LEU A 4 9.52 6.73 -21.66
N GLU A 5 8.82 5.70 -21.19
CA GLU A 5 8.04 5.82 -19.97
C GLU A 5 8.60 4.88 -18.90
N THR A 6 9.23 5.49 -17.91
CA THR A 6 9.81 4.72 -16.81
C THR A 6 9.89 5.58 -15.55
N PHE A 7 10.03 4.90 -14.41
CA PHE A 7 10.12 5.58 -13.14
C PHE A 7 10.39 4.59 -12.01
N VAL A 8 11.00 5.10 -10.95
CA VAL A 8 11.33 4.27 -9.80
C VAL A 8 11.10 5.08 -8.53
N GLY A 9 11.08 4.37 -7.41
CA GLY A 9 10.87 5.00 -6.11
C GLY A 9 9.61 4.47 -5.44
N ASP A 10 9.71 3.25 -4.94
CA ASP A 10 8.58 2.62 -4.28
C ASP A 10 8.67 2.88 -2.76
N GLN A 11 7.69 2.36 -2.05
CA GLN A 11 7.64 2.55 -0.61
C GLN A 11 6.60 1.63 0.01
N VAL A 12 6.97 1.00 1.12
CA VAL A 12 6.08 0.10 1.81
C VAL A 12 5.30 0.87 2.88
N LEU A 13 4.27 0.22 3.40
CA LEU A 13 3.45 0.83 4.43
C LEU A 13 2.80 -0.26 5.29
N GLU A 14 2.68 0.03 6.57
CA GLU A 14 2.09 -0.91 7.50
C GLU A 14 0.62 -0.57 7.75
N ILE A 15 -0.23 -1.55 7.48
CA ILE A 15 -1.66 -1.37 7.67
C ILE A 15 -2.14 -2.25 8.82
N VAL A 16 -3.07 -1.71 9.59
CA VAL A 16 -3.61 -2.45 10.73
C VAL A 16 -5.13 -2.58 10.55
N PRO A 17 -5.55 -3.73 9.98
CA PRO A 17 -6.96 -3.99 9.75
C PRO A 17 -7.66 -4.36 11.07
N SER A 18 -8.93 -4.72 10.94
CA SER A 18 -9.72 -5.09 12.10
C SER A 18 -11.06 -5.67 11.66
N ASN A 19 -11.63 -5.05 10.63
CA ASN A 19 -12.91 -5.50 10.10
C ASN A 19 -12.67 -6.21 8.75
N GLU A 20 -13.75 -6.80 8.24
CA GLU A 20 -13.67 -7.51 6.98
C GLU A 20 -13.79 -6.52 5.82
N GLU A 21 -14.63 -5.52 6.00
CA GLU A 21 -14.83 -4.52 4.98
C GLU A 21 -13.52 -3.81 4.67
N GLN A 22 -12.81 -3.44 5.74
CA GLN A 22 -11.54 -2.76 5.59
C GLN A 22 -10.53 -3.65 4.87
N ILE A 23 -10.56 -4.94 5.22
CA ILE A 23 -9.66 -5.89 4.62
C ILE A 23 -10.10 -6.17 3.18
N LYS A 24 -11.41 -6.28 3.01
CA LYS A 24 -11.97 -6.55 1.70
C LYS A 24 -11.67 -5.37 0.78
N ASN A 25 -11.29 -4.25 1.39
CA ASN A 25 -10.97 -3.05 0.64
C ASN A 25 -9.66 -3.26 -0.13
N LEU A 26 -8.71 -3.89 0.56
CA LEU A 26 -7.42 -4.17 -0.05
C LEU A 26 -7.59 -5.13 -1.22
N LEU A 27 -8.34 -6.20 -0.95
CA LEU A 27 -8.60 -7.21 -1.97
C LEU A 27 -9.10 -6.52 -3.25
N GLN A 28 -10.14 -5.73 -3.08
CA GLN A 28 -10.73 -5.01 -4.21
C GLN A 28 -9.66 -4.16 -4.89
N LEU A 29 -8.78 -3.58 -4.08
CA LEU A 29 -7.72 -2.75 -4.60
C LEU A 29 -6.73 -3.61 -5.37
N GLU A 30 -6.10 -4.53 -4.64
CA GLU A 30 -5.13 -5.42 -5.25
C GLU A 30 -5.72 -6.11 -6.48
N ALA A 31 -7.01 -6.42 -6.38
CA ALA A 31 -7.72 -7.08 -7.46
C ALA A 31 -7.52 -6.27 -8.75
N GLN A 32 -7.69 -4.96 -8.62
CA GLN A 32 -7.53 -4.08 -9.77
C GLN A 32 -6.16 -4.28 -10.41
N GLU A 33 -6.15 -5.07 -11.47
CA GLU A 33 -4.90 -5.35 -12.18
C GLU A 33 -4.05 -4.09 -12.26
N HIS A 34 -4.73 -2.95 -12.33
CA HIS A 34 -4.04 -1.67 -12.42
C HIS A 34 -3.14 -1.49 -11.18
N LEU A 35 -3.74 -1.72 -10.02
CA LEU A 35 -3.01 -1.58 -8.78
C LEU A 35 -2.65 -2.97 -8.25
N GLN A 36 -2.04 -3.78 -9.12
CA GLN A 36 -1.65 -5.12 -8.76
C GLN A 36 -0.53 -5.08 -7.72
N LEU A 37 -0.86 -4.55 -6.55
CA LEU A 37 0.11 -4.44 -5.48
C LEU A 37 0.38 -5.83 -4.90
N ASP A 38 1.45 -5.92 -4.13
CA ASP A 38 1.82 -7.19 -3.50
C ASP A 38 1.80 -7.02 -1.98
N PHE A 39 1.03 -7.89 -1.34
CA PHE A 39 0.91 -7.86 0.11
C PHE A 39 1.92 -8.81 0.77
N TRP A 40 2.64 -8.29 1.74
CA TRP A 40 3.62 -9.07 2.45
C TRP A 40 2.88 -10.11 3.31
N LYS A 41 1.97 -9.60 4.12
CA LYS A 41 1.18 -10.46 5.00
C LYS A 41 -0.28 -10.44 4.53
N SER A 42 -0.72 -11.59 4.03
CA SER A 42 -2.09 -11.72 3.56
C SER A 42 -3.04 -11.03 4.53
N PRO A 43 -3.49 -9.81 4.12
CA PRO A 43 -4.41 -9.04 4.95
C PRO A 43 -5.83 -9.62 4.88
N THR A 44 -5.96 -10.69 4.10
CA THR A 44 -7.24 -11.35 3.94
C THR A 44 -7.97 -11.43 5.29
N THR A 45 -7.19 -11.49 6.35
CA THR A 45 -7.75 -11.57 7.69
C THR A 45 -7.10 -10.53 8.59
N PRO A 46 -7.88 -10.09 9.62
CA PRO A 46 -7.40 -9.10 10.56
C PRO A 46 -6.39 -9.71 11.54
N GLY A 47 -6.05 -8.93 12.55
CA GLY A 47 -5.10 -9.37 13.56
C GLY A 47 -3.71 -9.60 12.94
N GLU A 48 -3.58 -9.17 11.69
CA GLU A 48 -2.32 -9.31 11.00
C GLU A 48 -2.10 -8.13 10.05
N THR A 49 -1.23 -7.22 10.48
CA THR A 49 -0.92 -6.04 9.70
C THR A 49 -0.42 -6.44 8.31
N ALA A 50 -0.56 -5.52 7.37
CA ALA A 50 -0.12 -5.77 6.01
C ALA A 50 1.05 -4.85 5.68
N HIS A 51 1.82 -5.26 4.68
CA HIS A 51 2.98 -4.49 4.26
C HIS A 51 3.23 -4.70 2.76
N VAL A 52 2.70 -3.79 1.98
CA VAL A 52 2.84 -3.85 0.53
C VAL A 52 3.72 -2.70 0.06
N ARG A 53 4.56 -3.00 -0.93
CA ARG A 53 5.44 -1.99 -1.48
C ARG A 53 4.72 -1.16 -2.55
N VAL A 54 4.05 -0.13 -2.08
CA VAL A 54 3.31 0.74 -2.98
C VAL A 54 4.24 1.84 -3.51
N PRO A 55 3.99 2.25 -4.77
CA PRO A 55 4.80 3.28 -5.41
C PRO A 55 4.46 4.66 -4.85
N PHE A 56 5.51 5.42 -4.57
CA PHE A 56 5.33 6.76 -4.04
C PHE A 56 4.32 7.56 -4.87
N VAL A 57 4.39 7.36 -6.18
CA VAL A 57 3.49 8.05 -7.09
C VAL A 57 2.06 7.55 -6.86
N ASN A 58 1.97 6.40 -6.23
CA ASN A 58 0.67 5.81 -5.95
C ASN A 58 0.51 5.65 -4.43
N VAL A 59 1.41 6.30 -3.70
CA VAL A 59 1.38 6.24 -2.25
C VAL A 59 0.25 7.14 -1.73
N GLN A 60 -0.04 8.18 -2.51
CA GLN A 60 -1.09 9.11 -2.15
C GLN A 60 -2.46 8.49 -2.38
N ALA A 61 -2.68 8.05 -3.61
CA ALA A 61 -3.94 7.43 -3.98
C ALA A 61 -4.32 6.39 -2.93
N VAL A 62 -3.30 5.65 -2.49
CA VAL A 62 -3.52 4.61 -1.49
C VAL A 62 -3.81 5.27 -0.13
N LYS A 63 -3.05 6.33 0.16
CA LYS A 63 -3.21 7.04 1.40
C LYS A 63 -4.64 7.58 1.49
N VAL A 64 -5.22 7.84 0.32
CA VAL A 64 -6.58 8.36 0.27
C VAL A 64 -7.56 7.19 0.42
N PHE A 65 -7.21 6.07 -0.18
CA PHE A 65 -8.04 4.88 -0.12
C PHE A 65 -8.24 4.43 1.33
N LEU A 66 -7.14 4.44 2.06
CA LEU A 66 -7.17 4.03 3.46
C LEU A 66 -8.12 4.94 4.24
N GLU A 67 -7.77 6.22 4.24
CA GLU A 67 -8.58 7.21 4.95
C GLU A 67 -10.02 7.15 4.46
N SER A 68 -10.18 6.80 3.19
CA SER A 68 -11.49 6.72 2.59
C SER A 68 -12.21 5.45 3.08
N GLN A 69 -11.44 4.37 3.16
CA GLN A 69 -11.99 3.10 3.61
C GLN A 69 -12.07 3.07 5.14
N GLY A 70 -11.79 4.23 5.73
CA GLY A 70 -11.83 4.35 7.19
C GLY A 70 -10.90 3.31 7.84
N ILE A 71 -9.66 3.29 7.37
CA ILE A 71 -8.68 2.36 7.90
C ILE A 71 -7.53 3.15 8.54
N ALA A 72 -6.60 2.40 9.11
CA ALA A 72 -5.46 3.02 9.76
C ALA A 72 -4.17 2.33 9.29
N TYR A 73 -3.27 3.13 8.75
CA TYR A 73 -2.00 2.61 8.27
C TYR A 73 -0.84 3.43 8.80
N SER A 74 0.34 3.16 8.23
CA SER A 74 1.54 3.87 8.64
C SER A 74 2.66 3.65 7.61
N ILE A 75 3.70 4.45 7.74
CA ILE A 75 4.82 4.36 6.83
C ILE A 75 5.95 3.56 7.48
N MET A 76 6.46 2.59 6.75
CA MET A 76 7.53 1.74 7.25
C MET A 76 8.91 2.28 6.82
N ILE A 77 9.17 2.16 5.52
CA ILE A 77 10.43 2.63 4.98
C ILE A 77 10.16 3.75 3.97
N GLU A 78 11.20 4.54 3.73
CA GLU A 78 11.09 5.66 2.81
C GLU A 78 12.15 5.55 1.72
N ASP A 79 12.66 6.70 1.31
CA ASP A 79 13.68 6.75 0.28
C ASP A 79 15.06 6.83 0.94
N VAL A 80 15.52 5.69 1.43
CA VAL A 80 16.81 5.62 2.08
C VAL A 80 17.82 6.43 1.28
N GLN A 81 18.18 7.60 1.83
CA GLN A 81 19.13 8.47 1.17
C GLN A 81 20.34 7.68 0.69
N MET A 1 26.67 20.26 -19.54
CA MET A 1 26.34 21.63 -19.92
C MET A 1 25.13 22.13 -19.15
N ARG A 2 24.03 21.38 -19.27
CA ARG A 2 22.80 21.73 -18.59
C ARG A 2 21.71 20.70 -18.90
N SER A 3 21.54 19.78 -17.97
CA SER A 3 20.54 18.73 -18.13
C SER A 3 20.55 17.82 -16.90
N LEU A 4 19.35 17.41 -16.50
CA LEU A 4 19.20 16.53 -15.35
C LEU A 4 18.08 15.52 -15.62
N GLU A 5 18.08 14.46 -14.83
CA GLU A 5 17.09 13.43 -14.97
C GLU A 5 16.20 13.35 -13.73
N THR A 6 15.05 12.71 -13.88
CA THR A 6 14.12 12.57 -12.78
C THR A 6 13.61 11.13 -12.70
N PHE A 7 13.11 10.78 -11.52
CA PHE A 7 12.59 9.44 -11.29
C PHE A 7 11.79 9.37 -9.99
N VAL A 8 11.37 8.17 -9.65
CA VAL A 8 10.59 7.95 -8.44
C VAL A 8 10.94 6.58 -7.86
N GLY A 9 10.62 6.41 -6.59
CA GLY A 9 10.88 5.16 -5.91
C GLY A 9 9.60 4.60 -5.27
N ASP A 10 9.73 3.40 -4.72
CA ASP A 10 8.60 2.75 -4.08
C ASP A 10 8.60 3.09 -2.58
N GLN A 11 7.67 2.48 -1.87
CA GLN A 11 7.55 2.71 -0.44
C GLN A 11 6.54 1.75 0.18
N VAL A 12 6.93 1.14 1.29
CA VAL A 12 6.08 0.20 1.97
C VAL A 12 5.26 0.94 3.03
N LEU A 13 4.25 0.24 3.55
CA LEU A 13 3.40 0.82 4.58
C LEU A 13 2.77 -0.30 5.41
N GLU A 14 2.62 -0.03 6.69
CA GLU A 14 2.04 -1.00 7.60
C GLU A 14 0.56 -0.70 7.83
N ILE A 15 -0.27 -1.68 7.49
CA ILE A 15 -1.71 -1.53 7.66
C ILE A 15 -2.19 -2.43 8.80
N VAL A 16 -3.14 -1.91 9.55
CA VAL A 16 -3.69 -2.66 10.68
C VAL A 16 -5.21 -2.79 10.50
N PRO A 17 -5.62 -3.94 9.89
CA PRO A 17 -7.02 -4.20 9.67
C PRO A 17 -7.74 -4.60 10.96
N SER A 18 -9.00 -4.96 10.82
CA SER A 18 -9.79 -5.37 11.96
C SER A 18 -11.20 -5.77 11.52
N ASN A 19 -11.70 -5.03 10.53
CA ASN A 19 -13.03 -5.29 10.00
C ASN A 19 -12.90 -5.93 8.62
N GLU A 20 -13.88 -6.76 8.28
CA GLU A 20 -13.90 -7.42 7.00
C GLU A 20 -14.06 -6.39 5.87
N GLU A 21 -14.90 -5.41 6.13
CA GLU A 21 -15.16 -4.36 5.16
C GLU A 21 -13.86 -3.61 4.83
N GLN A 22 -13.11 -3.31 5.87
CA GLN A 22 -11.86 -2.59 5.70
C GLN A 22 -10.85 -3.46 4.95
N ILE A 23 -10.84 -4.74 5.31
CA ILE A 23 -9.93 -5.68 4.68
C ILE A 23 -10.41 -5.96 3.25
N LYS A 24 -11.71 -5.97 3.09
CA LYS A 24 -12.31 -6.22 1.80
C LYS A 24 -11.95 -5.09 0.84
N ASN A 25 -11.60 -3.95 1.42
CA ASN A 25 -11.21 -2.79 0.64
C ASN A 25 -9.89 -3.07 -0.06
N LEU A 26 -8.93 -3.53 0.72
CA LEU A 26 -7.61 -3.84 0.19
C LEU A 26 -7.75 -4.84 -0.96
N LEU A 27 -8.32 -5.99 -0.64
CA LEU A 27 -8.52 -7.04 -1.63
C LEU A 27 -9.03 -6.42 -2.92
N GLN A 28 -10.07 -5.61 -2.79
CA GLN A 28 -10.66 -4.95 -3.94
C GLN A 28 -9.60 -4.11 -4.67
N LEU A 29 -8.73 -3.49 -3.89
CA LEU A 29 -7.68 -2.67 -4.45
C LEU A 29 -6.70 -3.57 -5.23
N GLU A 30 -6.06 -4.48 -4.50
CA GLU A 30 -5.11 -5.38 -5.11
C GLU A 30 -5.72 -6.03 -6.35
N ALA A 31 -7.02 -6.27 -6.29
CA ALA A 31 -7.73 -6.88 -7.39
C ALA A 31 -7.47 -6.07 -8.67
N GLN A 32 -7.62 -4.76 -8.53
CA GLN A 32 -7.41 -3.87 -9.66
C GLN A 32 -6.05 -4.14 -10.31
N GLU A 33 -6.10 -4.86 -11.43
CA GLU A 33 -4.89 -5.20 -12.16
C GLU A 33 -3.91 -4.03 -12.12
N HIS A 34 -4.34 -2.90 -12.65
CA HIS A 34 -3.51 -1.72 -12.69
C HIS A 34 -2.76 -1.58 -11.36
N LEU A 35 -3.50 -1.83 -10.28
CA LEU A 35 -2.92 -1.74 -8.95
C LEU A 35 -2.58 -3.13 -8.44
N GLN A 36 -1.91 -3.89 -9.30
CA GLN A 36 -1.52 -5.25 -8.96
C GLN A 36 -0.47 -5.24 -7.84
N LEU A 37 -0.90 -4.76 -6.68
CA LEU A 37 -0.01 -4.69 -5.53
C LEU A 37 0.20 -6.10 -4.96
N ASP A 38 1.22 -6.21 -4.12
CA ASP A 38 1.53 -7.49 -3.50
C ASP A 38 1.67 -7.30 -1.99
N PHE A 39 0.76 -7.92 -1.26
CA PHE A 39 0.78 -7.83 0.20
C PHE A 39 1.70 -8.89 0.80
N TRP A 40 2.62 -8.43 1.64
CA TRP A 40 3.55 -9.32 2.29
C TRP A 40 2.76 -10.31 3.14
N LYS A 41 2.18 -9.78 4.21
CA LYS A 41 1.38 -10.59 5.12
C LYS A 41 -0.08 -10.58 4.66
N SER A 42 -0.51 -11.71 4.13
CA SER A 42 -1.88 -11.84 3.66
C SER A 42 -2.84 -11.13 4.62
N PRO A 43 -3.25 -9.89 4.22
CA PRO A 43 -4.15 -9.10 5.03
C PRO A 43 -5.58 -9.64 4.93
N THR A 44 -5.72 -10.73 4.19
CA THR A 44 -7.02 -11.34 4.01
C THR A 44 -7.84 -11.25 5.30
N THR A 45 -7.16 -11.52 6.41
CA THR A 45 -7.82 -11.47 7.71
C THR A 45 -7.19 -10.39 8.58
N PRO A 46 -7.99 -9.90 9.57
CA PRO A 46 -7.52 -8.87 10.47
C PRO A 46 -6.54 -9.44 11.50
N GLY A 47 -5.90 -8.53 12.23
CA GLY A 47 -4.94 -8.93 13.25
C GLY A 47 -3.53 -9.05 12.66
N GLU A 48 -3.50 -9.36 11.37
CA GLU A 48 -2.23 -9.50 10.68
C GLU A 48 -1.92 -8.24 9.87
N THR A 49 -0.95 -7.48 10.36
CA THR A 49 -0.55 -6.26 9.70
C THR A 49 -0.06 -6.56 8.27
N ALA A 50 -0.41 -5.65 7.36
CA ALA A 50 -0.02 -5.82 5.97
C ALA A 50 1.16 -4.87 5.67
N HIS A 51 1.97 -5.29 4.71
CA HIS A 51 3.12 -4.49 4.32
C HIS A 51 3.39 -4.67 2.82
N VAL A 52 2.81 -3.78 2.04
CA VAL A 52 2.98 -3.83 0.59
C VAL A 52 3.84 -2.65 0.14
N ARG A 53 4.67 -2.91 -0.86
CA ARG A 53 5.55 -1.88 -1.40
C ARG A 53 4.81 -1.06 -2.46
N VAL A 54 4.08 -0.06 -1.97
CA VAL A 54 3.33 0.81 -2.85
C VAL A 54 4.25 1.90 -3.40
N PRO A 55 4.02 2.26 -4.69
CA PRO A 55 4.83 3.28 -5.35
C PRO A 55 4.45 4.67 -4.86
N PHE A 56 5.48 5.46 -4.58
CA PHE A 56 5.27 6.82 -4.10
C PHE A 56 4.27 7.56 -4.98
N VAL A 57 4.37 7.32 -6.27
CA VAL A 57 3.48 7.96 -7.23
C VAL A 57 2.05 7.45 -7.00
N ASN A 58 1.96 6.31 -6.35
CA ASN A 58 0.67 5.71 -6.07
C ASN A 58 0.48 5.63 -4.55
N VAL A 59 1.35 6.31 -3.84
CA VAL A 59 1.28 6.32 -2.38
C VAL A 59 0.15 7.25 -1.93
N GLN A 60 -0.10 8.25 -2.76
CA GLN A 60 -1.15 9.21 -2.45
C GLN A 60 -2.54 8.57 -2.66
N ALA A 61 -2.80 8.21 -3.90
CA ALA A 61 -4.07 7.59 -4.25
C ALA A 61 -4.37 6.47 -3.25
N VAL A 62 -3.31 5.79 -2.82
CA VAL A 62 -3.44 4.70 -1.87
C VAL A 62 -3.69 5.28 -0.47
N LYS A 63 -2.97 6.35 -0.18
CA LYS A 63 -3.11 7.00 1.11
C LYS A 63 -4.55 7.49 1.29
N VAL A 64 -5.15 7.85 0.17
CA VAL A 64 -6.51 8.35 0.18
C VAL A 64 -7.47 7.16 0.34
N PHE A 65 -7.12 6.06 -0.30
CA PHE A 65 -7.94 4.86 -0.23
C PHE A 65 -8.06 4.36 1.21
N LEU A 66 -6.94 4.39 1.92
CA LEU A 66 -6.92 3.95 3.30
C LEU A 66 -7.87 4.82 4.12
N GLU A 67 -7.55 6.10 4.17
CA GLU A 67 -8.37 7.06 4.92
C GLU A 67 -9.83 6.97 4.46
N SER A 68 -10.00 6.65 3.19
CA SER A 68 -11.33 6.53 2.62
C SER A 68 -11.99 5.24 3.10
N GLN A 69 -11.19 4.19 3.18
CA GLN A 69 -11.68 2.90 3.62
C GLN A 69 -11.64 2.80 5.15
N GLY A 70 -11.77 3.96 5.78
CA GLY A 70 -11.74 4.02 7.24
C GLY A 70 -10.76 3.00 7.81
N ILE A 71 -9.52 3.09 7.34
CA ILE A 71 -8.48 2.19 7.81
C ILE A 71 -7.35 3.00 8.47
N ALA A 72 -6.39 2.28 8.99
CA ALA A 72 -5.25 2.90 9.65
C ALA A 72 -3.97 2.19 9.23
N TYR A 73 -3.04 2.97 8.70
CA TYR A 73 -1.76 2.44 8.27
C TYR A 73 -0.60 3.21 8.88
N SER A 74 0.60 2.93 8.37
CA SER A 74 1.80 3.59 8.87
C SER A 74 2.90 3.50 7.82
N ILE A 75 3.93 4.31 8.02
CA ILE A 75 5.06 4.34 7.10
C ILE A 75 6.20 3.51 7.69
N MET A 76 6.55 2.46 6.97
CA MET A 76 7.62 1.57 7.40
C MET A 76 8.98 2.11 6.97
N ILE A 77 9.12 2.33 5.66
CA ILE A 77 10.35 2.84 5.11
C ILE A 77 10.03 3.85 4.00
N GLU A 78 10.75 4.96 4.03
CA GLU A 78 10.55 6.00 3.04
C GLU A 78 11.54 5.83 1.88
N ASP A 79 12.03 6.96 1.39
CA ASP A 79 12.98 6.94 0.28
C ASP A 79 14.40 6.84 0.84
N VAL A 80 14.74 5.64 1.29
CA VAL A 80 16.06 5.40 1.84
C VAL A 80 17.10 6.13 1.00
N GLN A 81 17.63 7.20 1.57
CA GLN A 81 18.63 8.00 0.88
C GLN A 81 19.90 7.18 0.67
N MET A 1 25.20 26.33 -6.39
CA MET A 1 24.35 25.35 -5.72
C MET A 1 23.69 24.42 -6.74
N ARG A 2 23.91 23.13 -6.54
CA ARG A 2 23.35 22.12 -7.42
C ARG A 2 21.91 21.80 -7.01
N SER A 3 20.97 22.45 -7.68
CA SER A 3 19.57 22.24 -7.40
C SER A 3 19.27 20.75 -7.25
N LEU A 4 18.69 20.39 -6.11
CA LEU A 4 18.35 19.01 -5.84
C LEU A 4 17.73 18.39 -7.09
N GLU A 5 17.73 17.06 -7.11
CA GLU A 5 17.16 16.33 -8.24
C GLU A 5 15.95 15.51 -7.78
N THR A 6 15.12 15.18 -8.75
CA THR A 6 13.92 14.40 -8.47
C THR A 6 14.15 12.92 -8.84
N PHE A 7 13.24 12.08 -8.38
CA PHE A 7 13.32 10.66 -8.65
C PHE A 7 12.10 9.92 -8.10
N VAL A 8 11.81 8.79 -8.72
CA VAL A 8 10.67 7.98 -8.31
C VAL A 8 11.14 6.95 -7.28
N GLY A 9 10.44 5.83 -7.26
CA GLY A 9 10.78 4.76 -6.33
C GLY A 9 9.54 4.29 -5.57
N ASP A 10 9.48 2.99 -5.32
CA ASP A 10 8.36 2.41 -4.61
C ASP A 10 8.50 2.71 -3.12
N GLN A 11 7.56 2.17 -2.35
CA GLN A 11 7.57 2.37 -0.91
C GLN A 11 6.59 1.41 -0.23
N VAL A 12 7.01 0.93 0.93
CA VAL A 12 6.18 -0.01 1.68
C VAL A 12 5.41 0.76 2.76
N LEU A 13 4.45 0.08 3.37
CA LEU A 13 3.64 0.67 4.41
C LEU A 13 3.02 -0.43 5.27
N GLU A 14 2.87 -0.12 6.54
CA GLU A 14 2.29 -1.08 7.48
C GLU A 14 0.81 -0.78 7.70
N ILE A 15 -0.01 -1.79 7.43
CA ILE A 15 -1.44 -1.64 7.59
C ILE A 15 -1.92 -2.58 8.71
N VAL A 16 -2.99 -2.15 9.37
CA VAL A 16 -3.55 -2.94 10.46
C VAL A 16 -5.08 -2.86 10.39
N PRO A 17 -5.68 -3.87 9.70
CA PRO A 17 -7.12 -3.93 9.57
C PRO A 17 -7.78 -4.37 10.88
N SER A 18 -9.10 -4.54 10.81
CA SER A 18 -9.86 -4.96 11.98
C SER A 18 -11.25 -5.45 11.55
N ASN A 19 -11.84 -4.71 10.63
CA ASN A 19 -13.16 -5.06 10.13
C ASN A 19 -13.02 -5.79 8.80
N GLU A 20 -14.15 -6.23 8.27
CA GLU A 20 -14.17 -6.95 7.00
C GLU A 20 -14.11 -5.97 5.84
N GLU A 21 -14.78 -4.85 6.02
CA GLU A 21 -14.83 -3.82 5.00
C GLU A 21 -13.39 -3.45 4.55
N GLN A 22 -12.55 -3.24 5.56
CA GLN A 22 -11.17 -2.89 5.29
C GLN A 22 -10.47 -4.00 4.49
N ILE A 23 -10.80 -5.23 4.85
CA ILE A 23 -10.23 -6.38 4.18
C ILE A 23 -10.84 -6.52 2.79
N LYS A 24 -12.13 -6.26 2.72
CA LYS A 24 -12.84 -6.34 1.45
C LYS A 24 -12.39 -5.21 0.54
N ASN A 25 -11.72 -4.23 1.14
CA ASN A 25 -11.23 -3.09 0.38
C ASN A 25 -9.91 -3.46 -0.30
N LEU A 26 -8.98 -3.96 0.50
CA LEU A 26 -7.68 -4.36 -0.01
C LEU A 26 -7.88 -5.25 -1.24
N LEU A 27 -8.47 -6.41 -1.01
CA LEU A 27 -8.72 -7.36 -2.09
C LEU A 27 -9.23 -6.60 -3.31
N GLN A 28 -10.27 -5.81 -3.09
CA GLN A 28 -10.86 -5.03 -4.17
C GLN A 28 -9.80 -4.13 -4.81
N LEU A 29 -8.93 -3.61 -3.97
CA LEU A 29 -7.86 -2.74 -4.45
C LEU A 29 -6.89 -3.55 -5.31
N GLU A 30 -6.24 -4.51 -4.65
CA GLU A 30 -5.27 -5.35 -5.34
C GLU A 30 -5.90 -5.95 -6.59
N ALA A 31 -7.22 -6.06 -6.56
CA ALA A 31 -7.95 -6.61 -7.69
C ALA A 31 -7.82 -5.68 -8.90
N GLN A 32 -7.84 -4.38 -8.61
CA GLN A 32 -7.72 -3.38 -9.65
C GLN A 32 -6.38 -3.52 -10.38
N GLU A 33 -6.36 -4.45 -11.32
CA GLU A 33 -5.15 -4.70 -12.09
C GLU A 33 -4.61 -3.39 -12.67
N HIS A 34 -3.70 -2.78 -11.92
CA HIS A 34 -3.11 -1.52 -12.35
C HIS A 34 -2.02 -1.11 -11.36
N LEU A 35 -2.44 -0.97 -10.11
CA LEU A 35 -1.51 -0.58 -9.06
C LEU A 35 -0.43 -1.65 -8.91
N GLN A 36 -0.86 -2.90 -9.02
CA GLN A 36 0.06 -4.02 -8.89
C GLN A 36 0.60 -4.10 -7.47
N LEU A 37 -0.31 -4.15 -6.52
CA LEU A 37 0.07 -4.24 -5.12
C LEU A 37 0.28 -5.69 -4.74
N ASP A 38 1.20 -5.91 -3.80
CA ASP A 38 1.51 -7.25 -3.34
C ASP A 38 1.81 -7.21 -1.85
N PHE A 39 0.88 -7.74 -1.07
CA PHE A 39 1.04 -7.78 0.37
C PHE A 39 1.76 -9.06 0.81
N TRP A 40 2.93 -8.86 1.41
CA TRP A 40 3.73 -9.97 1.88
C TRP A 40 2.82 -10.88 2.72
N LYS A 41 2.14 -10.27 3.67
CA LYS A 41 1.24 -11.01 4.55
C LYS A 41 -0.17 -10.42 4.43
N SER A 42 -0.84 -10.78 3.36
CA SER A 42 -2.19 -10.30 3.12
C SER A 42 -2.96 -10.22 4.44
N PRO A 43 -3.79 -9.15 4.57
CA PRO A 43 -4.57 -8.95 5.77
C PRO A 43 -5.76 -9.91 5.82
N THR A 44 -5.44 -11.19 5.70
CA THR A 44 -6.47 -12.22 5.72
C THR A 44 -7.38 -12.03 6.93
N THR A 45 -6.79 -12.09 8.11
CA THR A 45 -7.52 -11.93 9.35
C THR A 45 -7.51 -10.46 9.79
N PRO A 46 -8.41 -10.14 10.76
CA PRO A 46 -8.51 -8.79 11.27
C PRO A 46 -7.34 -8.47 12.21
N GLY A 47 -6.73 -7.33 11.96
CA GLY A 47 -5.60 -6.90 12.77
C GLY A 47 -4.27 -7.27 12.11
N GLU A 48 -4.27 -8.43 11.49
CA GLU A 48 -3.08 -8.91 10.80
C GLU A 48 -2.37 -7.76 10.08
N THR A 49 -1.11 -7.56 10.44
CA THR A 49 -0.32 -6.49 9.84
C THR A 49 0.06 -6.87 8.40
N ALA A 50 0.01 -5.87 7.53
CA ALA A 50 0.35 -6.08 6.14
C ALA A 50 1.45 -5.10 5.74
N HIS A 51 2.22 -5.50 4.74
CA HIS A 51 3.30 -4.66 4.25
C HIS A 51 3.48 -4.89 2.74
N VAL A 52 2.88 -4.00 1.96
CA VAL A 52 2.96 -4.09 0.52
C VAL A 52 3.84 -2.95 -0.01
N ARG A 53 4.54 -3.23 -1.09
CA ARG A 53 5.42 -2.25 -1.70
C ARG A 53 4.65 -1.42 -2.73
N VAL A 54 3.95 -0.40 -2.23
CA VAL A 54 3.17 0.47 -3.08
C VAL A 54 4.08 1.56 -3.65
N PRO A 55 3.77 1.98 -4.91
CA PRO A 55 4.54 3.01 -5.57
C PRO A 55 4.21 4.39 -5.00
N PHE A 56 5.27 5.15 -4.73
CA PHE A 56 5.11 6.48 -4.18
C PHE A 56 4.08 7.29 -4.98
N VAL A 57 4.09 7.07 -6.29
CA VAL A 57 3.17 7.76 -7.17
C VAL A 57 1.74 7.31 -6.86
N ASN A 58 1.64 6.14 -6.25
CA ASN A 58 0.34 5.59 -5.89
C ASN A 58 0.14 5.72 -4.37
N VAL A 59 1.26 5.90 -3.68
CA VAL A 59 1.21 6.03 -2.23
C VAL A 59 0.08 6.99 -1.84
N GLN A 60 -0.07 8.03 -2.65
CA GLN A 60 -1.10 9.02 -2.40
C GLN A 60 -2.48 8.39 -2.56
N ALA A 61 -2.81 8.05 -3.79
CA ALA A 61 -4.10 7.44 -4.10
C ALA A 61 -4.40 6.36 -3.06
N VAL A 62 -3.33 5.71 -2.60
CA VAL A 62 -3.46 4.65 -1.63
C VAL A 62 -3.76 5.26 -0.26
N LYS A 63 -3.04 6.33 0.05
CA LYS A 63 -3.23 7.03 1.30
C LYS A 63 -4.68 7.48 1.43
N VAL A 64 -5.26 7.82 0.30
CA VAL A 64 -6.64 8.27 0.27
C VAL A 64 -7.57 7.06 0.40
N PHE A 65 -7.13 5.95 -0.17
CA PHE A 65 -7.91 4.73 -0.13
C PHE A 65 -8.05 4.22 1.31
N LEU A 66 -6.92 4.03 1.96
CA LEU A 66 -6.90 3.56 3.33
C LEU A 66 -7.90 4.37 4.15
N GLU A 67 -7.70 5.68 4.15
CA GLU A 67 -8.58 6.57 4.88
C GLU A 67 -10.04 6.35 4.48
N SER A 68 -10.25 6.28 3.17
CA SER A 68 -11.58 6.07 2.64
C SER A 68 -12.21 4.83 3.27
N GLN A 69 -11.39 3.78 3.38
CA GLN A 69 -11.85 2.54 3.95
C GLN A 69 -11.76 2.59 5.48
N GLY A 70 -11.58 3.80 5.98
CA GLY A 70 -11.48 4.01 7.42
C GLY A 70 -10.57 2.96 8.05
N ILE A 71 -9.36 2.87 7.51
CA ILE A 71 -8.38 1.92 8.02
C ILE A 71 -7.24 2.67 8.70
N ALA A 72 -6.33 1.91 9.30
CA ALA A 72 -5.20 2.49 9.98
C ALA A 72 -3.91 1.87 9.45
N TYR A 73 -3.05 2.72 8.91
CA TYR A 73 -1.79 2.27 8.36
C TYR A 73 -0.63 3.14 8.85
N SER A 74 0.52 2.95 8.24
CA SER A 74 1.70 3.71 8.60
C SER A 74 2.80 3.49 7.56
N ILE A 75 3.84 4.33 7.66
CA ILE A 75 4.96 4.23 6.73
C ILE A 75 6.10 3.46 7.39
N MET A 76 6.61 2.49 6.66
CA MET A 76 7.71 1.67 7.15
C MET A 76 9.05 2.17 6.63
N ILE A 77 9.20 2.14 5.32
CA ILE A 77 10.42 2.59 4.69
C ILE A 77 10.09 3.66 3.64
N GLU A 78 10.97 4.65 3.57
CA GLU A 78 10.78 5.74 2.63
C GLU A 78 11.97 5.82 1.67
N ASP A 79 12.32 7.05 1.31
CA ASP A 79 13.43 7.27 0.40
C ASP A 79 14.70 7.55 1.20
N VAL A 80 15.26 6.47 1.73
CA VAL A 80 16.48 6.58 2.53
C VAL A 80 17.45 7.53 1.84
N GLN A 81 17.57 8.73 2.40
CA GLN A 81 18.45 9.74 1.85
C GLN A 81 19.75 9.09 1.35
N MET A 1 25.69 12.75 -28.02
CA MET A 1 26.61 11.77 -27.44
C MET A 1 26.34 11.59 -25.94
N ARG A 2 25.30 10.83 -25.65
CA ARG A 2 24.95 10.56 -24.27
C ARG A 2 23.80 9.55 -24.21
N SER A 3 23.39 9.23 -22.98
CA SER A 3 22.31 8.29 -22.77
C SER A 3 21.57 8.62 -21.47
N LEU A 4 20.59 7.79 -21.17
CA LEU A 4 19.79 7.98 -19.96
C LEU A 4 19.52 6.62 -19.31
N GLU A 5 19.33 6.66 -18.00
CA GLU A 5 19.06 5.44 -17.25
C GLU A 5 17.67 5.51 -16.62
N THR A 6 17.07 4.34 -16.43
CA THR A 6 15.75 4.25 -15.84
C THR A 6 15.86 3.97 -14.34
N PHE A 7 14.74 4.16 -13.66
CA PHE A 7 14.70 3.93 -12.21
C PHE A 7 13.28 4.12 -11.67
N VAL A 8 13.01 3.44 -10.56
CA VAL A 8 11.71 3.53 -9.94
C VAL A 8 11.88 3.78 -8.44
N GLY A 9 10.75 4.04 -7.78
CA GLY A 9 10.77 4.30 -6.35
C GLY A 9 9.49 3.81 -5.70
N ASP A 10 9.54 2.58 -5.20
CA ASP A 10 8.39 1.99 -4.54
C ASP A 10 8.46 2.26 -3.04
N GLN A 11 7.32 2.16 -2.39
CA GLN A 11 7.23 2.39 -0.96
C GLN A 11 6.14 1.52 -0.33
N VAL A 12 6.54 0.76 0.68
CA VAL A 12 5.61 -0.12 1.36
C VAL A 12 4.94 0.64 2.50
N LEU A 13 4.00 -0.03 3.15
CA LEU A 13 3.29 0.57 4.26
C LEU A 13 2.66 -0.54 5.12
N GLU A 14 2.60 -0.27 6.42
CA GLU A 14 2.03 -1.23 7.35
C GLU A 14 0.58 -0.88 7.66
N ILE A 15 -0.30 -1.82 7.39
CA ILE A 15 -1.72 -1.62 7.63
C ILE A 15 -2.16 -2.52 8.79
N VAL A 16 -3.13 -2.03 9.54
CA VAL A 16 -3.65 -2.78 10.67
C VAL A 16 -5.18 -2.77 10.62
N PRO A 17 -5.74 -3.81 9.94
CA PRO A 17 -7.18 -3.93 9.81
C PRO A 17 -7.81 -4.40 11.12
N SER A 18 -9.14 -4.42 11.13
CA SER A 18 -9.87 -4.85 12.31
C SER A 18 -11.06 -5.72 11.90
N ASN A 19 -11.79 -5.24 10.89
CA ASN A 19 -12.94 -5.95 10.40
C ASN A 19 -12.63 -6.55 9.02
N GLU A 20 -13.69 -6.90 8.31
CA GLU A 20 -13.53 -7.48 6.98
C GLU A 20 -13.78 -6.42 5.91
N GLU A 21 -14.48 -5.38 6.31
CA GLU A 21 -14.79 -4.29 5.39
C GLU A 21 -13.49 -3.62 4.91
N GLN A 22 -12.71 -3.15 5.87
CA GLN A 22 -11.46 -2.49 5.56
C GLN A 22 -10.54 -3.44 4.78
N ILE A 23 -10.59 -4.71 5.17
CA ILE A 23 -9.78 -5.72 4.52
C ILE A 23 -10.31 -5.97 3.11
N LYS A 24 -11.63 -6.04 3.02
CA LYS A 24 -12.28 -6.28 1.74
C LYS A 24 -12.01 -5.09 0.81
N ASN A 25 -11.61 -3.99 1.41
CA ASN A 25 -11.31 -2.79 0.66
C ASN A 25 -9.97 -2.95 -0.05
N LEU A 26 -8.95 -3.24 0.74
CA LEU A 26 -7.61 -3.42 0.21
C LEU A 26 -7.65 -4.44 -0.93
N LEU A 27 -8.09 -5.65 -0.58
CA LEU A 27 -8.18 -6.72 -1.56
C LEU A 27 -8.77 -6.17 -2.86
N GLN A 28 -9.90 -5.48 -2.72
CA GLN A 28 -10.57 -4.90 -3.87
C GLN A 28 -9.61 -3.97 -4.63
N LEU A 29 -8.79 -3.26 -3.87
CA LEU A 29 -7.83 -2.35 -4.45
C LEU A 29 -6.77 -3.14 -5.21
N GLU A 30 -6.03 -3.94 -4.47
CA GLU A 30 -4.98 -4.76 -5.06
C GLU A 30 -5.55 -5.61 -6.19
N ALA A 31 -6.71 -6.19 -5.92
CA ALA A 31 -7.37 -7.04 -6.91
C ALA A 31 -7.37 -6.32 -8.26
N GLN A 32 -7.62 -5.02 -8.21
CA GLN A 32 -7.64 -4.22 -9.42
C GLN A 32 -6.25 -4.13 -10.04
N GLU A 33 -5.80 -5.27 -10.55
CA GLU A 33 -4.49 -5.34 -11.17
C GLU A 33 -4.32 -4.20 -12.18
N HIS A 34 -3.75 -3.10 -11.70
CA HIS A 34 -3.53 -1.94 -12.54
C HIS A 34 -2.47 -1.04 -11.91
N LEU A 35 -2.62 -0.85 -10.60
CA LEU A 35 -1.68 -0.01 -9.87
C LEU A 35 -0.32 -0.71 -9.80
N GLN A 36 -0.16 -1.50 -8.76
CA GLN A 36 1.09 -2.23 -8.56
C GLN A 36 1.25 -2.60 -7.08
N LEU A 37 0.18 -3.14 -6.52
CA LEU A 37 0.20 -3.54 -5.12
C LEU A 37 0.55 -5.03 -5.02
N ASP A 38 0.91 -5.44 -3.83
CA ASP A 38 1.28 -6.84 -3.59
C ASP A 38 1.39 -7.08 -2.08
N PHE A 39 0.38 -7.76 -1.55
CA PHE A 39 0.35 -8.07 -0.13
C PHE A 39 1.52 -8.98 0.25
N TRP A 40 2.33 -8.47 1.18
CA TRP A 40 3.49 -9.22 1.64
C TRP A 40 3.01 -10.27 2.63
N LYS A 41 2.06 -9.86 3.47
CA LYS A 41 1.50 -10.74 4.47
C LYS A 41 0.09 -11.12 4.07
N SER A 42 -0.62 -11.74 5.02
CA SER A 42 -1.99 -12.16 4.78
C SER A 42 -2.94 -11.36 5.67
N PRO A 43 -3.44 -10.22 5.10
CA PRO A 43 -4.36 -9.36 5.83
C PRO A 43 -5.75 -9.98 5.90
N THR A 44 -5.89 -11.14 5.26
CA THR A 44 -7.15 -11.84 5.25
C THR A 44 -7.86 -11.71 6.60
N THR A 45 -7.19 -12.19 7.64
CA THR A 45 -7.73 -12.13 8.98
C THR A 45 -7.34 -10.82 9.65
N PRO A 46 -8.16 -10.42 10.66
CA PRO A 46 -7.90 -9.19 11.39
C PRO A 46 -6.74 -9.37 12.38
N GLY A 47 -6.09 -8.26 12.69
CA GLY A 47 -4.97 -8.28 13.60
C GLY A 47 -3.67 -8.67 12.88
N GLU A 48 -3.82 -8.94 11.59
CA GLU A 48 -2.67 -9.33 10.78
C GLU A 48 -2.19 -8.13 9.95
N THR A 49 -1.06 -7.59 10.38
CA THR A 49 -0.47 -6.45 9.70
C THR A 49 -0.19 -6.79 8.23
N ALA A 50 -0.45 -5.82 7.36
CA ALA A 50 -0.24 -6.01 5.94
C ALA A 50 0.89 -5.08 5.48
N HIS A 51 1.52 -5.48 4.38
CA HIS A 51 2.61 -4.70 3.81
C HIS A 51 2.62 -4.85 2.30
N VAL A 52 2.04 -3.87 1.62
CA VAL A 52 1.98 -3.89 0.17
C VAL A 52 2.98 -2.87 -0.39
N ARG A 53 3.78 -3.34 -1.34
CA ARG A 53 4.77 -2.48 -1.96
C ARG A 53 4.13 -1.63 -3.05
N VAL A 54 3.61 -0.48 -2.64
CA VAL A 54 2.98 0.43 -3.57
C VAL A 54 3.99 1.48 -4.04
N PRO A 55 3.82 1.90 -5.31
CA PRO A 55 4.71 2.89 -5.90
C PRO A 55 4.42 4.29 -5.35
N PHE A 56 5.48 5.01 -5.03
CA PHE A 56 5.35 6.35 -4.49
C PHE A 56 4.41 7.19 -5.36
N VAL A 57 4.53 7.00 -6.67
CA VAL A 57 3.70 7.74 -7.60
C VAL A 57 2.25 7.30 -7.44
N ASN A 58 2.08 6.15 -6.81
CA ASN A 58 0.74 5.62 -6.58
C ASN A 58 0.52 5.45 -5.08
N VAL A 59 1.41 6.05 -4.31
CA VAL A 59 1.32 5.98 -2.86
C VAL A 59 0.20 6.91 -2.37
N GLN A 60 0.00 7.97 -3.13
CA GLN A 60 -1.03 8.95 -2.80
C GLN A 60 -2.42 8.33 -2.94
N ALA A 61 -2.78 8.03 -4.18
CA ALA A 61 -4.08 7.44 -4.46
C ALA A 61 -4.36 6.34 -3.44
N VAL A 62 -3.30 5.63 -3.08
CA VAL A 62 -3.42 4.54 -2.11
C VAL A 62 -3.61 5.14 -0.71
N LYS A 63 -2.82 6.16 -0.43
CA LYS A 63 -2.90 6.83 0.87
C LYS A 63 -4.31 7.36 1.08
N VAL A 64 -4.92 7.81 -0.01
CA VAL A 64 -6.26 8.34 0.04
C VAL A 64 -7.26 7.20 0.23
N PHE A 65 -6.93 6.06 -0.36
CA PHE A 65 -7.77 4.89 -0.27
C PHE A 65 -7.90 4.42 1.18
N LEU A 66 -6.75 4.13 1.77
CA LEU A 66 -6.72 3.67 3.14
C LEU A 66 -7.63 4.55 4.00
N GLU A 67 -7.38 5.85 3.94
CA GLU A 67 -8.16 6.81 4.70
C GLU A 67 -9.63 6.71 4.31
N SER A 68 -9.86 6.61 3.01
CA SER A 68 -11.22 6.52 2.50
C SER A 68 -11.93 5.33 3.14
N GLN A 69 -11.20 4.22 3.25
CA GLN A 69 -11.76 3.02 3.84
C GLN A 69 -11.70 3.09 5.36
N GLY A 70 -11.41 4.29 5.85
CA GLY A 70 -11.32 4.51 7.29
C GLY A 70 -10.49 3.41 7.96
N ILE A 71 -9.30 3.21 7.45
CA ILE A 71 -8.41 2.20 7.98
C ILE A 71 -7.23 2.88 8.69
N ALA A 72 -6.42 2.07 9.35
CA ALA A 72 -5.26 2.57 10.06
C ALA A 72 -4.00 1.91 9.53
N TYR A 73 -3.12 2.73 9.00
CA TYR A 73 -1.86 2.23 8.45
C TYR A 73 -0.68 3.08 8.92
N SER A 74 0.46 2.83 8.30
CA SER A 74 1.68 3.57 8.65
C SER A 74 2.72 3.39 7.55
N ILE A 75 3.77 4.19 7.64
CA ILE A 75 4.85 4.13 6.67
C ILE A 75 6.02 3.32 7.25
N MET A 76 6.44 2.33 6.48
CA MET A 76 7.54 1.48 6.91
C MET A 76 8.82 1.82 6.14
N ILE A 77 8.81 1.51 4.86
CA ILE A 77 9.96 1.77 4.02
C ILE A 77 9.63 2.91 3.05
N GLU A 78 10.40 3.99 3.18
CA GLU A 78 10.20 5.15 2.33
C GLU A 78 11.54 5.72 1.89
N ASP A 79 11.59 7.05 1.79
CA ASP A 79 12.80 7.73 1.39
C ASP A 79 13.70 7.94 2.61
N VAL A 80 14.30 6.85 3.06
CA VAL A 80 15.18 6.90 4.22
C VAL A 80 16.05 8.15 4.13
N GLN A 81 15.73 9.13 4.97
CA GLN A 81 16.48 10.37 4.99
C GLN A 81 17.97 10.10 5.24
N MET A 1 26.17 19.36 -22.73
CA MET A 1 25.21 20.01 -21.86
C MET A 1 24.97 19.19 -20.59
N ARG A 2 24.04 18.25 -20.71
CA ARG A 2 23.71 17.39 -19.59
C ARG A 2 22.74 16.28 -20.03
N SER A 3 22.96 15.10 -19.47
CA SER A 3 22.13 13.95 -19.80
C SER A 3 21.89 13.10 -18.55
N LEU A 4 20.63 12.91 -18.23
CA LEU A 4 20.26 12.11 -17.07
C LEU A 4 18.81 11.64 -17.23
N GLU A 5 18.55 10.46 -16.68
CA GLU A 5 17.22 9.88 -16.74
C GLU A 5 16.54 9.97 -15.38
N THR A 6 15.22 10.13 -15.42
CA THR A 6 14.45 10.23 -14.19
C THR A 6 13.97 8.84 -13.75
N PHE A 7 13.59 8.76 -12.48
CA PHE A 7 13.12 7.51 -11.93
C PHE A 7 12.24 7.75 -10.69
N VAL A 8 11.91 6.65 -10.02
CA VAL A 8 11.09 6.74 -8.83
C VAL A 8 11.48 5.61 -7.86
N GLY A 9 11.11 5.80 -6.61
CA GLY A 9 11.42 4.83 -5.58
C GLY A 9 10.17 4.44 -4.79
N ASP A 10 9.76 3.19 -4.95
CA ASP A 10 8.59 2.69 -4.26
C ASP A 10 8.76 2.90 -2.76
N GLN A 11 7.67 2.66 -2.04
CA GLN A 11 7.69 2.81 -0.60
C GLN A 11 6.70 1.84 0.06
N VAL A 12 7.14 1.24 1.16
CA VAL A 12 6.32 0.30 1.88
C VAL A 12 5.51 1.04 2.95
N LEU A 13 4.53 0.34 3.48
CA LEU A 13 3.67 0.91 4.52
C LEU A 13 3.00 -0.21 5.31
N GLU A 14 2.71 0.09 6.56
CA GLU A 14 2.06 -0.88 7.43
C GLU A 14 0.55 -0.65 7.47
N ILE A 15 -0.18 -1.73 7.66
CA ILE A 15 -1.63 -1.66 7.72
C ILE A 15 -2.15 -2.55 8.84
N VAL A 16 -3.15 -2.04 9.55
CA VAL A 16 -3.74 -2.78 10.65
C VAL A 16 -5.26 -2.72 10.55
N PRO A 17 -5.84 -3.76 9.88
CA PRO A 17 -7.27 -3.84 9.71
C PRO A 17 -7.96 -4.24 11.02
N SER A 18 -9.29 -4.31 10.96
CA SER A 18 -10.07 -4.68 12.12
C SER A 18 -11.32 -5.45 11.68
N ASN A 19 -11.98 -4.92 10.67
CA ASN A 19 -13.18 -5.55 10.15
C ASN A 19 -12.86 -6.25 8.83
N GLU A 20 -13.89 -6.85 8.25
CA GLU A 20 -13.72 -7.55 6.98
C GLU A 20 -13.80 -6.56 5.82
N GLU A 21 -14.74 -5.64 5.93
CA GLU A 21 -14.93 -4.65 4.89
C GLU A 21 -13.61 -3.95 4.56
N GLN A 22 -12.94 -3.51 5.62
CA GLN A 22 -11.66 -2.83 5.46
C GLN A 22 -10.68 -3.73 4.71
N ILE A 23 -10.65 -4.99 5.10
CA ILE A 23 -9.76 -5.96 4.48
C ILE A 23 -10.22 -6.21 3.05
N LYS A 24 -11.53 -6.36 2.90
CA LYS A 24 -12.11 -6.61 1.59
C LYS A 24 -11.80 -5.43 0.67
N ASN A 25 -11.40 -4.32 1.29
CA ASN A 25 -11.07 -3.13 0.54
C ASN A 25 -9.76 -3.35 -0.23
N LEU A 26 -8.74 -3.74 0.51
CA LEU A 26 -7.43 -3.99 -0.07
C LEU A 26 -7.59 -4.94 -1.26
N LEU A 27 -8.10 -6.13 -0.97
CA LEU A 27 -8.30 -7.13 -1.99
C LEU A 27 -8.87 -6.46 -3.24
N GLN A 28 -9.95 -5.71 -3.04
CA GLN A 28 -10.59 -5.01 -4.15
C GLN A 28 -9.58 -4.11 -4.86
N LEU A 29 -8.72 -3.50 -4.08
CA LEU A 29 -7.71 -2.61 -4.61
C LEU A 29 -6.71 -3.42 -5.45
N GLU A 30 -6.02 -4.31 -4.76
CA GLU A 30 -5.03 -5.16 -5.42
C GLU A 30 -5.63 -5.78 -6.69
N ALA A 31 -6.89 -6.19 -6.57
CA ALA A 31 -7.58 -6.81 -7.68
C ALA A 31 -7.60 -5.83 -8.87
N GLN A 32 -8.00 -4.60 -8.57
CA GLN A 32 -8.06 -3.57 -9.60
C GLN A 32 -6.87 -3.71 -10.56
N GLU A 33 -7.16 -4.22 -11.75
CA GLU A 33 -6.13 -4.40 -12.75
C GLU A 33 -5.48 -3.05 -13.10
N HIS A 34 -4.53 -2.65 -12.26
CA HIS A 34 -3.83 -1.40 -12.47
C HIS A 34 -2.70 -1.26 -11.44
N LEU A 35 -3.00 -1.70 -10.23
CA LEU A 35 -2.02 -1.64 -9.15
C LEU A 35 -1.31 -2.98 -9.03
N GLN A 36 -2.09 -3.99 -8.65
CA GLN A 36 -1.54 -5.33 -8.50
C GLN A 36 -0.40 -5.32 -7.49
N LEU A 37 -0.69 -4.81 -6.31
CA LEU A 37 0.32 -4.74 -5.25
C LEU A 37 0.47 -6.12 -4.62
N ASP A 38 1.60 -6.29 -3.92
CA ASP A 38 1.88 -7.56 -3.26
C ASP A 38 1.96 -7.33 -1.76
N PHE A 39 1.02 -7.93 -1.04
CA PHE A 39 0.98 -7.80 0.40
C PHE A 39 1.80 -8.91 1.08
N TRP A 40 2.78 -8.49 1.86
CA TRP A 40 3.64 -9.43 2.56
C TRP A 40 2.74 -10.42 3.30
N LYS A 41 2.09 -9.93 4.34
CA LYS A 41 1.21 -10.76 5.14
C LYS A 41 -0.21 -10.69 4.55
N SER A 42 -0.59 -11.75 3.87
CA SER A 42 -1.91 -11.83 3.28
C SER A 42 -2.94 -11.17 4.19
N PRO A 43 -3.27 -9.90 3.87
CA PRO A 43 -4.24 -9.16 4.66
C PRO A 43 -5.66 -9.63 4.38
N THR A 44 -5.86 -10.94 4.52
CA THR A 44 -7.16 -11.53 4.29
C THR A 44 -8.07 -11.33 5.49
N THR A 45 -7.48 -11.50 6.68
CA THR A 45 -8.22 -11.34 7.91
C THR A 45 -7.57 -10.27 8.79
N PRO A 46 -8.35 -9.79 9.79
CA PRO A 46 -7.86 -8.77 10.71
C PRO A 46 -6.88 -9.37 11.73
N GLY A 47 -6.48 -8.55 12.67
CA GLY A 47 -5.54 -8.98 13.70
C GLY A 47 -4.18 -9.35 13.09
N GLU A 48 -3.96 -8.84 11.88
CA GLU A 48 -2.72 -9.11 11.18
C GLU A 48 -2.25 -7.86 10.43
N THR A 49 -0.98 -7.51 10.66
CA THR A 49 -0.40 -6.35 10.01
C THR A 49 0.08 -6.69 8.61
N ALA A 50 -0.12 -5.76 7.70
CA ALA A 50 0.29 -5.95 6.31
C ALA A 50 1.38 -4.93 5.96
N HIS A 51 2.17 -5.29 4.97
CA HIS A 51 3.25 -4.41 4.52
C HIS A 51 3.52 -4.64 3.04
N VAL A 52 2.99 -3.74 2.22
CA VAL A 52 3.16 -3.83 0.78
C VAL A 52 4.01 -2.65 0.30
N ARG A 53 4.76 -2.90 -0.77
CA ARG A 53 5.61 -1.87 -1.33
C ARG A 53 4.87 -1.09 -2.41
N VAL A 54 4.18 -0.04 -1.97
CA VAL A 54 3.43 0.79 -2.90
C VAL A 54 4.33 1.90 -3.44
N PRO A 55 4.07 2.27 -4.72
CA PRO A 55 4.85 3.32 -5.37
C PRO A 55 4.45 4.70 -4.86
N PHE A 56 5.46 5.51 -4.59
CA PHE A 56 5.24 6.86 -4.09
C PHE A 56 4.21 7.59 -4.96
N VAL A 57 4.30 7.36 -6.26
CA VAL A 57 3.39 7.99 -7.21
C VAL A 57 1.97 7.45 -6.98
N ASN A 58 1.91 6.30 -6.32
CA ASN A 58 0.63 5.67 -6.03
C ASN A 58 0.45 5.57 -4.51
N VAL A 59 1.33 6.26 -3.80
CA VAL A 59 1.27 6.27 -2.34
C VAL A 59 0.13 7.16 -1.88
N GLN A 60 -0.16 8.17 -2.69
CA GLN A 60 -1.24 9.10 -2.38
C GLN A 60 -2.59 8.43 -2.58
N ALA A 61 -2.84 8.03 -3.82
CA ALA A 61 -4.10 7.37 -4.14
C ALA A 61 -4.38 6.27 -3.12
N VAL A 62 -3.33 5.61 -2.71
CA VAL A 62 -3.45 4.54 -1.73
C VAL A 62 -3.66 5.14 -0.35
N LYS A 63 -2.93 6.21 -0.09
CA LYS A 63 -3.03 6.89 1.19
C LYS A 63 -4.46 7.42 1.38
N VAL A 64 -5.09 7.75 0.26
CA VAL A 64 -6.45 8.26 0.29
C VAL A 64 -7.42 7.09 0.52
N PHE A 65 -7.12 5.98 -0.13
CA PHE A 65 -7.95 4.80 0.00
C PHE A 65 -8.07 4.36 1.46
N LEU A 66 -6.92 4.25 2.11
CA LEU A 66 -6.87 3.85 3.50
C LEU A 66 -7.79 4.77 4.33
N GLU A 67 -7.58 6.07 4.15
CA GLU A 67 -8.37 7.06 4.86
C GLU A 67 -9.85 6.97 4.43
N SER A 68 -10.03 6.62 3.16
CA SER A 68 -11.36 6.50 2.61
C SER A 68 -12.07 5.27 3.19
N GLN A 69 -11.35 4.15 3.15
CA GLN A 69 -11.89 2.90 3.66
C GLN A 69 -11.92 2.92 5.20
N GLY A 70 -11.53 4.06 5.74
CA GLY A 70 -11.51 4.23 7.19
C GLY A 70 -10.66 3.14 7.85
N ILE A 71 -9.42 3.04 7.39
CA ILE A 71 -8.50 2.05 7.93
C ILE A 71 -7.34 2.77 8.64
N ALA A 72 -6.45 1.97 9.20
CA ALA A 72 -5.31 2.51 9.91
C ALA A 72 -4.02 1.90 9.35
N TYR A 73 -3.12 2.78 8.92
CA TYR A 73 -1.86 2.33 8.35
C TYR A 73 -0.68 3.08 9.00
N SER A 74 0.48 2.90 8.40
CA SER A 74 1.68 3.55 8.90
C SER A 74 2.75 3.59 7.80
N ILE A 75 3.72 4.46 8.00
CA ILE A 75 4.81 4.61 7.04
C ILE A 75 6.03 3.83 7.55
N MET A 76 6.45 2.86 6.74
CA MET A 76 7.60 2.04 7.10
C MET A 76 8.90 2.74 6.68
N ILE A 77 9.35 2.40 5.47
CA ILE A 77 10.58 2.97 4.95
C ILE A 77 10.24 3.99 3.86
N GLU A 78 10.97 5.10 3.88
CA GLU A 78 10.76 6.16 2.91
C GLU A 78 11.70 5.96 1.71
N ASP A 79 12.19 7.10 1.21
CA ASP A 79 13.09 7.07 0.08
C ASP A 79 14.53 6.89 0.57
N VAL A 80 14.82 5.67 0.99
CA VAL A 80 16.15 5.36 1.49
C VAL A 80 17.03 4.85 0.34
N GLN A 81 18.02 5.65 0.00
CA GLN A 81 18.93 5.31 -1.08
C GLN A 81 19.70 4.03 -0.73
N MET A 1 24.68 23.34 -19.23
CA MET A 1 23.96 23.21 -17.98
C MET A 1 24.01 21.77 -17.48
N ARG A 2 23.44 21.57 -16.30
CA ARG A 2 23.41 20.25 -15.69
C ARG A 2 22.25 19.44 -16.25
N SER A 3 22.31 18.14 -16.01
CA SER A 3 21.27 17.23 -16.48
C SER A 3 20.34 16.84 -15.33
N LEU A 4 19.37 16.00 -15.65
CA LEU A 4 18.42 15.55 -14.66
C LEU A 4 19.17 14.79 -13.55
N GLU A 5 18.43 14.46 -12.50
CA GLU A 5 19.01 13.74 -11.38
C GLU A 5 18.34 12.37 -11.23
N THR A 6 18.85 11.60 -10.28
CA THR A 6 18.32 10.27 -10.03
C THR A 6 16.81 10.34 -9.77
N PHE A 7 16.27 9.22 -9.31
CA PHE A 7 14.85 9.14 -9.02
C PHE A 7 14.60 8.56 -7.63
N VAL A 8 13.34 8.27 -7.36
CA VAL A 8 12.96 7.71 -6.08
C VAL A 8 12.86 6.19 -6.20
N GLY A 9 11.98 5.62 -5.38
CA GLY A 9 11.78 4.18 -5.39
C GLY A 9 10.45 3.80 -4.73
N ASP A 10 10.25 2.51 -4.58
CA ASP A 10 9.03 2.01 -3.97
C ASP A 10 9.06 2.30 -2.47
N GLN A 11 8.02 1.84 -1.79
CA GLN A 11 7.92 2.05 -0.35
C GLN A 11 6.85 1.12 0.25
N VAL A 12 7.14 0.62 1.43
CA VAL A 12 6.22 -0.27 2.12
C VAL A 12 5.39 0.53 3.13
N LEU A 13 4.36 -0.12 3.64
CA LEU A 13 3.48 0.52 4.60
C LEU A 13 2.84 -0.54 5.49
N GLU A 14 2.65 -0.19 6.75
CA GLU A 14 2.05 -1.10 7.71
C GLU A 14 0.56 -0.79 7.88
N ILE A 15 -0.25 -1.80 7.58
CA ILE A 15 -1.70 -1.66 7.69
C ILE A 15 -2.21 -2.56 8.82
N VAL A 16 -3.16 -2.03 9.58
CA VAL A 16 -3.74 -2.77 10.68
C VAL A 16 -5.25 -2.83 10.50
N PRO A 17 -5.71 -3.93 9.83
CA PRO A 17 -7.12 -4.12 9.58
C PRO A 17 -7.84 -4.57 10.85
N SER A 18 -9.13 -4.89 10.70
CA SER A 18 -9.93 -5.33 11.82
C SER A 18 -11.37 -5.55 11.37
N ASN A 19 -11.81 -4.71 10.45
CA ASN A 19 -13.16 -4.81 9.94
C ASN A 19 -13.12 -5.41 8.53
N GLU A 20 -14.07 -6.31 8.29
CA GLU A 20 -14.15 -6.97 7.00
C GLU A 20 -14.17 -5.94 5.87
N GLU A 21 -14.80 -4.81 6.15
CA GLU A 21 -14.88 -3.74 5.18
C GLU A 21 -13.49 -3.28 4.75
N GLN A 22 -12.58 -3.30 5.72
CA GLN A 22 -11.21 -2.89 5.47
C GLN A 22 -10.48 -3.95 4.64
N ILE A 23 -10.70 -5.20 5.02
CA ILE A 23 -10.08 -6.31 4.31
C ILE A 23 -10.74 -6.48 2.95
N LYS A 24 -12.04 -6.20 2.92
CA LYS A 24 -12.80 -6.31 1.69
C LYS A 24 -12.36 -5.23 0.70
N ASN A 25 -11.68 -4.23 1.26
CA ASN A 25 -11.20 -3.11 0.44
C ASN A 25 -9.87 -3.51 -0.22
N LEU A 26 -9.03 -4.19 0.57
CA LEU A 26 -7.74 -4.62 0.08
C LEU A 26 -7.94 -5.52 -1.14
N LEU A 27 -8.60 -6.66 -0.89
CA LEU A 27 -8.86 -7.61 -1.96
C LEU A 27 -9.38 -6.87 -3.19
N GLN A 28 -10.40 -6.06 -2.96
CA GLN A 28 -11.00 -5.28 -4.04
C GLN A 28 -9.94 -4.41 -4.71
N LEU A 29 -9.04 -3.88 -3.89
CA LEU A 29 -7.98 -3.03 -4.39
C LEU A 29 -7.05 -3.85 -5.28
N GLU A 30 -6.42 -4.85 -4.68
CA GLU A 30 -5.51 -5.71 -5.40
C GLU A 30 -6.10 -6.09 -6.76
N ALA A 31 -7.42 -6.08 -6.82
CA ALA A 31 -8.12 -6.42 -8.04
C ALA A 31 -7.95 -5.28 -9.06
N GLN A 32 -8.18 -4.07 -8.58
CA GLN A 32 -8.05 -2.89 -9.43
C GLN A 32 -6.87 -3.07 -10.40
N GLU A 33 -7.20 -3.13 -11.67
CA GLU A 33 -6.19 -3.30 -12.71
C GLU A 33 -5.33 -2.03 -12.81
N HIS A 34 -4.65 -1.74 -11.72
CA HIS A 34 -3.78 -0.57 -11.67
C HIS A 34 -3.04 -0.52 -10.33
N LEU A 35 -3.78 -0.87 -9.27
CA LEU A 35 -3.21 -0.88 -7.95
C LEU A 35 -2.85 -2.32 -7.56
N GLN A 36 -2.26 -3.02 -8.50
CA GLN A 36 -1.86 -4.40 -8.28
C GLN A 36 -0.71 -4.45 -7.26
N LEU A 37 -1.04 -4.07 -6.04
CA LEU A 37 -0.05 -4.07 -4.96
C LEU A 37 0.26 -5.51 -4.57
N ASP A 38 1.33 -5.66 -3.81
CA ASP A 38 1.75 -6.98 -3.35
C ASP A 38 1.90 -6.97 -1.82
N PHE A 39 1.02 -7.71 -1.16
CA PHE A 39 1.05 -7.78 0.29
C PHE A 39 1.86 -9.00 0.76
N TRP A 40 2.96 -8.71 1.44
CA TRP A 40 3.83 -9.76 1.94
C TRP A 40 2.96 -10.74 2.72
N LYS A 41 2.21 -10.20 3.68
CA LYS A 41 1.33 -11.01 4.50
C LYS A 41 -0.12 -10.61 4.26
N SER A 42 -0.69 -11.15 3.19
CA SER A 42 -2.06 -10.85 2.84
C SER A 42 -2.91 -10.71 4.11
N PRO A 43 -3.70 -9.61 4.15
CA PRO A 43 -4.56 -9.36 5.30
C PRO A 43 -5.78 -10.28 5.28
N THR A 44 -5.51 -11.57 5.21
CA THR A 44 -6.57 -12.57 5.19
C THR A 44 -7.56 -12.31 6.33
N THR A 45 -7.06 -12.35 7.54
CA THR A 45 -7.89 -12.11 8.71
C THR A 45 -7.45 -10.84 9.43
N PRO A 46 -8.37 -10.31 10.29
CA PRO A 46 -8.10 -9.11 11.04
C PRO A 46 -7.13 -9.38 12.19
N GLY A 47 -6.27 -8.41 12.44
CA GLY A 47 -5.29 -8.52 13.51
C GLY A 47 -3.88 -8.70 12.94
N GLU A 48 -3.82 -9.31 11.77
CA GLU A 48 -2.55 -9.54 11.11
C GLU A 48 -2.21 -8.37 10.18
N THR A 49 -1.31 -7.53 10.65
CA THR A 49 -0.89 -6.37 9.88
C THR A 49 -0.39 -6.80 8.50
N ALA A 50 -0.44 -5.86 7.57
CA ALA A 50 0.01 -6.14 6.21
C ALA A 50 1.14 -5.18 5.85
N HIS A 51 1.96 -5.62 4.91
CA HIS A 51 3.09 -4.81 4.47
C HIS A 51 3.31 -5.01 2.97
N VAL A 52 2.76 -4.10 2.19
CA VAL A 52 2.89 -4.16 0.75
C VAL A 52 3.86 -3.08 0.27
N ARG A 53 4.65 -3.44 -0.73
CA ARG A 53 5.62 -2.50 -1.28
C ARG A 53 4.98 -1.66 -2.38
N VAL A 54 4.30 -0.60 -1.96
CA VAL A 54 3.64 0.29 -2.90
C VAL A 54 4.64 1.33 -3.39
N PRO A 55 4.49 1.70 -4.69
CA PRO A 55 5.38 2.70 -5.29
C PRO A 55 5.01 4.10 -4.82
N PHE A 56 6.05 4.86 -4.46
CA PHE A 56 5.86 6.22 -3.99
C PHE A 56 4.94 7.00 -4.94
N VAL A 57 5.10 6.74 -6.23
CA VAL A 57 4.30 7.39 -7.23
C VAL A 57 2.85 6.93 -7.12
N ASN A 58 2.68 5.79 -6.45
CA ASN A 58 1.35 5.23 -6.27
C ASN A 58 1.08 5.09 -4.76
N VAL A 59 1.90 5.76 -3.97
CA VAL A 59 1.76 5.71 -2.53
C VAL A 59 0.60 6.61 -2.11
N GLN A 60 0.39 7.66 -2.91
CA GLN A 60 -0.68 8.60 -2.62
C GLN A 60 -2.04 7.95 -2.86
N ALA A 61 -2.27 7.57 -4.11
CA ALA A 61 -3.52 6.93 -4.48
C ALA A 61 -3.91 5.92 -3.42
N VAL A 62 -2.91 5.19 -2.94
CA VAL A 62 -3.13 4.18 -1.92
C VAL A 62 -3.43 4.87 -0.59
N LYS A 63 -2.63 5.88 -0.29
CA LYS A 63 -2.80 6.63 0.95
C LYS A 63 -4.22 7.18 1.02
N VAL A 64 -4.75 7.52 -0.15
CA VAL A 64 -6.09 8.06 -0.24
C VAL A 64 -7.10 6.92 -0.05
N PHE A 65 -6.75 5.77 -0.59
CA PHE A 65 -7.61 4.61 -0.49
C PHE A 65 -7.84 4.22 0.97
N LEU A 66 -6.74 3.99 1.66
CA LEU A 66 -6.81 3.61 3.07
C LEU A 66 -7.71 4.59 3.81
N GLU A 67 -7.34 5.85 3.75
CA GLU A 67 -8.11 6.90 4.41
C GLU A 67 -9.59 6.80 4.01
N SER A 68 -9.81 6.57 2.73
CA SER A 68 -11.16 6.45 2.22
C SER A 68 -11.91 5.34 2.95
N GLN A 69 -11.18 4.25 3.20
CA GLN A 69 -11.76 3.11 3.89
C GLN A 69 -11.59 3.26 5.41
N GLY A 70 -11.45 4.51 5.82
CA GLY A 70 -11.28 4.81 7.24
C GLY A 70 -10.46 3.72 7.93
N ILE A 71 -9.33 3.40 7.32
CA ILE A 71 -8.45 2.39 7.87
C ILE A 71 -7.25 3.06 8.57
N ALA A 72 -6.45 2.24 9.21
CA ALA A 72 -5.28 2.74 9.92
C ALA A 72 -4.02 2.07 9.38
N TYR A 73 -3.14 2.89 8.83
CA TYR A 73 -1.90 2.38 8.27
C TYR A 73 -0.69 3.12 8.86
N SER A 74 0.47 2.85 8.28
CA SER A 74 1.70 3.48 8.73
C SER A 74 2.76 3.41 7.64
N ILE A 75 3.63 4.42 7.63
CA ILE A 75 4.70 4.48 6.64
C ILE A 75 6.00 3.99 7.27
N MET A 76 6.47 2.85 6.77
CA MET A 76 7.70 2.27 7.27
C MET A 76 8.92 2.94 6.64
N ILE A 77 9.38 2.33 5.54
CA ILE A 77 10.54 2.86 4.84
C ILE A 77 10.10 4.02 3.95
N GLU A 78 11.09 4.66 3.34
CA GLU A 78 10.81 5.79 2.45
C GLU A 78 11.92 5.93 1.40
N ASP A 79 12.26 7.18 1.10
CA ASP A 79 13.29 7.46 0.13
C ASP A 79 13.63 8.95 0.15
N VAL A 80 13.90 9.44 1.35
CA VAL A 80 14.24 10.84 1.53
C VAL A 80 15.74 10.97 1.74
N GLN A 81 16.38 11.64 0.80
CA GLN A 81 17.82 11.86 0.86
C GLN A 81 18.22 12.37 2.24
N MET A 1 30.31 19.78 -19.28
CA MET A 1 29.10 19.01 -19.54
C MET A 1 28.10 19.18 -18.39
N ARG A 2 26.89 18.71 -18.63
CA ARG A 2 25.84 18.81 -17.64
C ARG A 2 25.64 17.46 -16.94
N SER A 3 24.97 17.52 -15.80
CA SER A 3 24.71 16.30 -15.03
C SER A 3 23.29 15.81 -15.32
N LEU A 4 23.01 14.60 -14.82
CA LEU A 4 21.71 14.00 -15.01
C LEU A 4 20.88 14.16 -13.74
N GLU A 5 19.61 13.80 -13.84
CA GLU A 5 18.71 13.90 -12.70
C GLU A 5 18.51 12.53 -12.06
N THR A 6 18.07 12.54 -10.81
CA THR A 6 17.83 11.32 -10.09
C THR A 6 16.34 10.99 -10.06
N PHE A 7 15.99 10.01 -9.24
CA PHE A 7 14.61 9.59 -9.10
C PHE A 7 14.30 9.14 -7.68
N VAL A 8 13.11 8.58 -7.52
CA VAL A 8 12.68 8.10 -6.21
C VAL A 8 12.73 6.57 -6.19
N GLY A 9 11.86 6.00 -5.38
CA GLY A 9 11.80 4.54 -5.26
C GLY A 9 10.47 4.11 -4.64
N ASP A 10 10.34 2.80 -4.49
CA ASP A 10 9.12 2.23 -3.91
C ASP A 10 9.11 2.52 -2.40
N GLN A 11 8.07 1.99 -1.74
CA GLN A 11 7.93 2.18 -0.32
C GLN A 11 6.87 1.23 0.25
N VAL A 12 7.10 0.79 1.47
CA VAL A 12 6.19 -0.12 2.12
C VAL A 12 5.28 0.67 3.07
N LEU A 13 4.24 -0.01 3.55
CA LEU A 13 3.30 0.61 4.47
C LEU A 13 2.69 -0.45 5.37
N GLU A 14 2.52 -0.09 6.64
CA GLU A 14 1.95 -1.01 7.61
C GLU A 14 0.46 -0.72 7.80
N ILE A 15 -0.34 -1.74 7.52
CA ILE A 15 -1.79 -1.61 7.65
C ILE A 15 -2.27 -2.51 8.80
N VAL A 16 -3.21 -1.98 9.56
CA VAL A 16 -3.75 -2.73 10.69
C VAL A 16 -5.27 -2.80 10.55
N PRO A 17 -5.74 -3.90 9.90
CA PRO A 17 -7.16 -4.11 9.70
C PRO A 17 -7.85 -4.53 11.01
N SER A 18 -9.13 -4.84 10.89
CA SER A 18 -9.91 -5.25 12.04
C SER A 18 -11.35 -5.59 11.61
N ASN A 19 -11.84 -4.81 10.66
CA ASN A 19 -13.19 -5.02 10.16
C ASN A 19 -13.12 -5.56 8.73
N GLU A 20 -14.06 -6.44 8.42
CA GLU A 20 -14.10 -7.04 7.09
C GLU A 20 -14.15 -5.96 6.02
N GLU A 21 -14.74 -4.84 6.39
CA GLU A 21 -14.85 -3.72 5.46
C GLU A 21 -13.46 -3.26 5.02
N GLN A 22 -12.53 -3.29 5.96
CA GLN A 22 -11.16 -2.88 5.67
C GLN A 22 -10.48 -3.91 4.77
N ILE A 23 -10.71 -5.18 5.09
CA ILE A 23 -10.13 -6.26 4.32
C ILE A 23 -10.83 -6.35 2.96
N LYS A 24 -12.13 -6.09 2.99
CA LYS A 24 -12.93 -6.15 1.78
C LYS A 24 -12.51 -5.00 0.84
N ASN A 25 -11.80 -4.05 1.41
CA ASN A 25 -11.32 -2.90 0.64
C ASN A 25 -10.02 -3.27 -0.06
N LEU A 26 -9.09 -3.79 0.72
CA LEU A 26 -7.80 -4.19 0.18
C LEU A 26 -8.01 -5.19 -0.95
N LEU A 27 -8.64 -6.31 -0.61
CA LEU A 27 -8.92 -7.34 -1.59
C LEU A 27 -9.43 -6.70 -2.88
N GLN A 28 -10.43 -5.84 -2.71
CA GLN A 28 -11.02 -5.15 -3.85
C GLN A 28 -9.95 -4.38 -4.62
N LEU A 29 -9.03 -3.78 -3.85
CA LEU A 29 -7.96 -3.01 -4.44
C LEU A 29 -7.07 -3.93 -5.28
N GLU A 30 -6.49 -4.90 -4.60
CA GLU A 30 -5.61 -5.85 -5.27
C GLU A 30 -6.23 -6.31 -6.59
N ALA A 31 -7.56 -6.22 -6.64
CA ALA A 31 -8.28 -6.62 -7.84
C ALA A 31 -8.11 -5.56 -8.92
N GLN A 32 -8.29 -4.31 -8.52
CA GLN A 32 -8.15 -3.19 -9.43
C GLN A 32 -7.02 -3.46 -10.43
N GLU A 33 -7.40 -3.60 -11.68
CA GLU A 33 -6.44 -3.86 -12.74
C GLU A 33 -5.54 -2.64 -12.96
N HIS A 34 -4.80 -2.29 -11.91
CA HIS A 34 -3.92 -1.14 -11.97
C HIS A 34 -3.12 -1.05 -10.66
N LEU A 35 -3.82 -1.31 -9.56
CA LEU A 35 -3.20 -1.26 -8.25
C LEU A 35 -2.85 -2.67 -7.80
N GLN A 36 -2.27 -3.43 -8.72
CA GLN A 36 -1.88 -4.80 -8.43
C GLN A 36 -0.73 -4.82 -7.43
N LEU A 37 -1.03 -4.35 -6.22
CA LEU A 37 -0.03 -4.31 -5.17
C LEU A 37 0.29 -5.73 -4.71
N ASP A 38 1.39 -5.86 -3.99
CA ASP A 38 1.81 -7.16 -3.49
C ASP A 38 1.89 -7.12 -1.96
N PHE A 39 1.04 -7.92 -1.34
CA PHE A 39 1.01 -7.98 0.11
C PHE A 39 1.95 -9.07 0.63
N TRP A 40 2.91 -8.64 1.44
CA TRP A 40 3.88 -9.55 2.02
C TRP A 40 3.11 -10.63 2.79
N LYS A 41 2.19 -10.17 3.62
CA LYS A 41 1.39 -11.07 4.42
C LYS A 41 -0.08 -10.95 4.00
N SER A 42 -0.53 -11.94 3.25
CA SER A 42 -1.91 -11.96 2.78
C SER A 42 -2.84 -11.45 3.88
N PRO A 43 -3.36 -10.20 3.66
CA PRO A 43 -4.27 -9.59 4.62
C PRO A 43 -5.65 -10.23 4.55
N THR A 44 -5.68 -11.55 4.68
CA THR A 44 -6.92 -12.29 4.63
C THR A 44 -7.82 -11.91 5.82
N THR A 45 -7.30 -12.15 7.01
CA THR A 45 -8.02 -11.84 8.22
C THR A 45 -7.36 -10.68 8.97
N PRO A 46 -8.13 -10.08 9.91
CA PRO A 46 -7.64 -8.96 10.69
C PRO A 46 -6.65 -9.43 11.76
N GLY A 47 -6.09 -8.47 12.48
CA GLY A 47 -5.14 -8.78 13.53
C GLY A 47 -3.72 -8.84 12.98
N GLU A 48 -3.60 -9.40 11.79
CA GLU A 48 -2.32 -9.53 11.13
C GLU A 48 -2.08 -8.36 10.17
N THR A 49 -1.26 -7.42 10.62
CA THR A 49 -0.95 -6.25 9.81
C THR A 49 -0.37 -6.67 8.46
N ALA A 50 -0.56 -5.81 7.48
CA ALA A 50 -0.06 -6.08 6.14
C ALA A 50 1.08 -5.12 5.82
N HIS A 51 1.92 -5.53 4.88
CA HIS A 51 3.06 -4.71 4.47
C HIS A 51 3.34 -4.93 2.99
N VAL A 52 2.82 -4.03 2.17
CA VAL A 52 3.02 -4.11 0.74
C VAL A 52 3.95 -2.99 0.28
N ARG A 53 4.81 -3.33 -0.66
CA ARG A 53 5.76 -2.36 -1.18
C ARG A 53 5.13 -1.56 -2.33
N VAL A 54 4.42 -0.51 -1.95
CA VAL A 54 3.77 0.35 -2.91
C VAL A 54 4.75 1.43 -3.39
N PRO A 55 4.60 1.82 -4.68
CA PRO A 55 5.46 2.84 -5.25
C PRO A 55 5.06 4.23 -4.76
N PHE A 56 6.08 5.01 -4.41
CA PHE A 56 5.86 6.36 -3.93
C PHE A 56 4.92 7.13 -4.85
N VAL A 57 5.11 6.90 -6.15
CA VAL A 57 4.29 7.57 -7.15
C VAL A 57 2.85 7.07 -7.04
N ASN A 58 2.70 5.93 -6.39
CA ASN A 58 1.39 5.34 -6.20
C ASN A 58 1.09 5.20 -4.71
N VAL A 59 1.92 5.86 -3.91
CA VAL A 59 1.76 5.81 -2.47
C VAL A 59 0.59 6.70 -2.06
N GLN A 60 0.36 7.73 -2.86
CA GLN A 60 -0.72 8.66 -2.60
C GLN A 60 -2.07 7.99 -2.86
N ALA A 61 -2.28 7.60 -4.11
CA ALA A 61 -3.51 6.95 -4.50
C ALA A 61 -3.89 5.93 -3.44
N VAL A 62 -2.90 5.20 -2.96
CA VAL A 62 -3.11 4.19 -1.94
C VAL A 62 -3.42 4.87 -0.61
N LYS A 63 -2.64 5.89 -0.31
CA LYS A 63 -2.83 6.64 0.93
C LYS A 63 -4.26 7.17 1.00
N VAL A 64 -4.77 7.53 -0.18
CA VAL A 64 -6.12 8.06 -0.27
C VAL A 64 -7.13 6.92 -0.08
N PHE A 65 -6.76 5.76 -0.62
CA PHE A 65 -7.62 4.59 -0.53
C PHE A 65 -7.86 4.21 0.93
N LEU A 66 -6.77 4.03 1.66
CA LEU A 66 -6.85 3.67 3.06
C LEU A 66 -7.76 4.66 3.79
N GLU A 67 -7.36 5.93 3.73
CA GLU A 67 -8.12 6.98 4.38
C GLU A 67 -9.60 6.88 3.99
N SER A 68 -9.83 6.60 2.72
CA SER A 68 -11.19 6.47 2.21
C SER A 68 -11.93 5.37 2.97
N GLN A 69 -11.22 4.29 3.23
CA GLN A 69 -11.79 3.17 3.95
C GLN A 69 -11.60 3.34 5.46
N GLY A 70 -11.45 4.60 5.86
CA GLY A 70 -11.26 4.91 7.26
C GLY A 70 -10.44 3.84 7.96
N ILE A 71 -9.37 3.44 7.30
CA ILE A 71 -8.49 2.42 7.85
C ILE A 71 -7.30 3.09 8.56
N ALA A 72 -6.49 2.27 9.19
CA ALA A 72 -5.33 2.77 9.91
C ALA A 72 -4.07 2.10 9.36
N TYR A 73 -3.18 2.92 8.82
CA TYR A 73 -1.94 2.42 8.26
C TYR A 73 -0.74 3.16 8.84
N SER A 74 0.41 2.90 8.25
CA SER A 74 1.65 3.53 8.70
C SER A 74 2.70 3.49 7.59
N ILE A 75 3.57 4.48 7.61
CA ILE A 75 4.64 4.56 6.62
C ILE A 75 5.95 4.06 7.24
N MET A 76 6.41 2.93 6.73
CA MET A 76 7.64 2.35 7.22
C MET A 76 8.86 3.06 6.63
N ILE A 77 9.34 2.51 5.51
CA ILE A 77 10.50 3.09 4.84
C ILE A 77 10.03 4.25 3.96
N GLU A 78 11.02 4.91 3.36
CA GLU A 78 10.72 6.04 2.49
C GLU A 78 11.87 6.23 1.48
N ASP A 79 12.16 7.49 1.20
CA ASP A 79 13.21 7.83 0.26
C ASP A 79 13.93 9.10 0.73
N VAL A 80 14.35 9.06 1.99
CA VAL A 80 15.05 10.19 2.57
C VAL A 80 16.55 9.93 2.53
N GLN A 81 17.24 10.75 1.73
CA GLN A 81 18.68 10.62 1.59
C GLN A 81 19.32 10.34 2.95
N MET A 1 7.68 -3.22 -20.94
CA MET A 1 8.87 -3.43 -21.74
C MET A 1 10.14 -3.34 -20.88
N ARG A 2 11.21 -3.91 -21.40
CA ARG A 2 12.48 -3.89 -20.70
C ARG A 2 12.91 -2.46 -20.39
N SER A 3 12.37 -1.54 -21.18
CA SER A 3 12.68 -0.13 -21.00
C SER A 3 11.44 0.71 -21.24
N LEU A 4 11.03 1.43 -20.20
CA LEU A 4 9.86 2.28 -20.28
C LEU A 4 10.21 3.67 -19.76
N GLU A 5 9.18 4.51 -19.67
CA GLU A 5 9.38 5.87 -19.20
C GLU A 5 9.99 5.87 -17.80
N THR A 6 10.80 6.88 -17.55
CA THR A 6 11.46 7.01 -16.26
C THR A 6 10.46 6.74 -15.12
N PHE A 7 11.00 6.60 -13.92
CA PHE A 7 10.18 6.34 -12.76
C PHE A 7 10.90 6.76 -11.47
N VAL A 8 10.29 6.41 -10.35
CA VAL A 8 10.86 6.73 -9.05
C VAL A 8 11.09 5.45 -8.26
N GLY A 9 11.01 5.58 -6.94
CA GLY A 9 11.21 4.45 -6.06
C GLY A 9 9.87 3.95 -5.50
N ASP A 10 9.93 2.84 -4.79
CA ASP A 10 8.74 2.26 -4.20
C ASP A 10 8.60 2.74 -2.75
N GLN A 11 7.54 2.28 -2.10
CA GLN A 11 7.29 2.66 -0.73
C GLN A 11 6.29 1.68 -0.09
N VAL A 12 6.68 1.16 1.07
CA VAL A 12 5.83 0.23 1.79
C VAL A 12 5.09 0.97 2.90
N LEU A 13 4.10 0.29 3.45
CA LEU A 13 3.30 0.87 4.52
C LEU A 13 2.69 -0.25 5.37
N GLU A 14 2.58 0.00 6.65
CA GLU A 14 2.02 -0.96 7.57
C GLU A 14 0.54 -0.64 7.86
N ILE A 15 -0.31 -1.62 7.60
CA ILE A 15 -1.73 -1.45 7.82
C ILE A 15 -2.18 -2.38 8.96
N VAL A 16 -3.16 -1.91 9.70
CA VAL A 16 -3.70 -2.69 10.82
C VAL A 16 -5.23 -2.74 10.72
N PRO A 17 -5.72 -3.80 10.01
CA PRO A 17 -7.14 -3.97 9.84
C PRO A 17 -7.81 -4.47 11.13
N SER A 18 -9.10 -4.73 11.04
CA SER A 18 -9.85 -5.22 12.18
C SER A 18 -11.16 -5.86 11.72
N ASN A 19 -11.81 -5.19 10.77
CA ASN A 19 -13.06 -5.68 10.24
C ASN A 19 -12.80 -6.41 8.92
N GLU A 20 -13.89 -6.80 8.27
CA GLU A 20 -13.79 -7.50 7.00
C GLU A 20 -13.81 -6.50 5.84
N GLU A 21 -14.49 -5.38 6.09
CA GLU A 21 -14.57 -4.34 5.07
C GLU A 21 -13.19 -3.78 4.74
N GLN A 22 -12.48 -3.40 5.78
CA GLN A 22 -11.14 -2.86 5.61
C GLN A 22 -10.23 -3.88 4.92
N ILE A 23 -10.48 -5.14 5.24
CA ILE A 23 -9.69 -6.22 4.65
C ILE A 23 -10.16 -6.48 3.22
N LYS A 24 -11.48 -6.42 3.05
CA LYS A 24 -12.07 -6.64 1.74
C LYS A 24 -11.81 -5.42 0.85
N ASN A 25 -11.35 -4.35 1.49
CA ASN A 25 -11.06 -3.12 0.78
C ASN A 25 -9.75 -3.28 0.01
N LEU A 26 -8.79 -3.93 0.65
CA LEU A 26 -7.49 -4.15 0.04
C LEU A 26 -7.66 -5.07 -1.17
N LEU A 27 -8.46 -6.11 -0.98
CA LEU A 27 -8.70 -7.07 -2.05
C LEU A 27 -9.15 -6.31 -3.31
N GLN A 28 -10.20 -5.53 -3.14
CA GLN A 28 -10.72 -4.75 -4.26
C GLN A 28 -9.63 -3.89 -4.88
N LEU A 29 -8.75 -3.38 -4.02
CA LEU A 29 -7.65 -2.55 -4.46
C LEU A 29 -6.67 -3.40 -5.26
N GLU A 30 -6.07 -4.36 -4.57
CA GLU A 30 -5.11 -5.25 -5.20
C GLU A 30 -5.72 -5.89 -6.45
N ALA A 31 -7.03 -5.95 -6.46
CA ALA A 31 -7.74 -6.54 -7.58
C ALA A 31 -7.57 -5.65 -8.82
N GLN A 32 -7.63 -4.35 -8.58
CA GLN A 32 -7.48 -3.38 -9.66
C GLN A 32 -6.16 -3.64 -10.41
N GLU A 33 -6.26 -4.45 -11.44
CA GLU A 33 -5.08 -4.77 -12.24
C GLU A 33 -4.20 -3.54 -12.42
N HIS A 34 -4.85 -2.43 -12.76
CA HIS A 34 -4.14 -1.18 -12.95
C HIS A 34 -3.05 -1.04 -11.90
N LEU A 35 -3.41 -1.38 -10.67
CA LEU A 35 -2.47 -1.29 -9.57
C LEU A 35 -1.68 -2.60 -9.47
N GLN A 36 -2.36 -3.63 -8.98
CA GLN A 36 -1.74 -4.94 -8.83
C GLN A 36 -0.63 -4.87 -7.77
N LEU A 37 -1.03 -4.46 -6.58
CA LEU A 37 -0.08 -4.36 -5.47
C LEU A 37 0.13 -5.74 -4.86
N ASP A 38 1.20 -5.85 -4.08
CA ASP A 38 1.53 -7.10 -3.44
C ASP A 38 1.49 -6.92 -1.92
N PHE A 39 0.78 -7.83 -1.26
CA PHE A 39 0.64 -7.78 0.18
C PHE A 39 1.65 -8.71 0.85
N TRP A 40 2.37 -8.16 1.82
CA TRP A 40 3.37 -8.93 2.56
C TRP A 40 2.62 -9.93 3.44
N LYS A 41 1.90 -9.40 4.41
CA LYS A 41 1.14 -10.22 5.33
C LYS A 41 -0.32 -10.29 4.87
N SER A 42 -0.70 -11.46 4.37
CA SER A 42 -2.06 -11.66 3.90
C SER A 42 -3.05 -10.96 4.83
N PRO A 43 -3.57 -9.80 4.36
CA PRO A 43 -4.53 -9.03 5.14
C PRO A 43 -5.91 -9.70 5.14
N THR A 44 -5.98 -10.83 4.45
CA THR A 44 -7.22 -11.57 4.36
C THR A 44 -7.92 -11.61 5.72
N THR A 45 -7.11 -11.59 6.76
CA THR A 45 -7.64 -11.62 8.12
C THR A 45 -7.06 -10.46 8.94
N PRO A 46 -7.86 -10.03 9.96
CA PRO A 46 -7.44 -8.93 10.82
C PRO A 46 -6.38 -9.40 11.81
N GLY A 47 -5.83 -8.43 12.53
CA GLY A 47 -4.79 -8.73 13.52
C GLY A 47 -3.41 -8.76 12.87
N GLU A 48 -3.35 -9.41 11.72
CA GLU A 48 -2.09 -9.51 10.98
C GLU A 48 -1.92 -8.30 10.06
N THR A 49 -1.09 -7.38 10.52
CA THR A 49 -0.82 -6.17 9.75
C THR A 49 -0.43 -6.54 8.32
N ALA A 50 -0.52 -5.55 7.44
CA ALA A 50 -0.17 -5.75 6.04
C ALA A 50 1.00 -4.83 5.68
N HIS A 51 1.71 -5.22 4.63
CA HIS A 51 2.85 -4.44 4.17
C HIS A 51 3.02 -4.64 2.67
N VAL A 52 2.46 -3.71 1.91
CA VAL A 52 2.55 -3.77 0.46
C VAL A 52 3.49 -2.66 -0.03
N ARG A 53 4.24 -3.00 -1.07
CA ARG A 53 5.18 -2.05 -1.65
C ARG A 53 4.46 -1.11 -2.62
N VAL A 54 3.86 -0.08 -2.07
CA VAL A 54 3.14 0.89 -2.87
C VAL A 54 4.14 1.81 -3.57
N PRO A 55 3.81 2.15 -4.84
CA PRO A 55 4.68 3.02 -5.63
C PRO A 55 4.56 4.48 -5.17
N PHE A 56 5.69 5.03 -4.79
CA PHE A 56 5.73 6.42 -4.34
C PHE A 56 4.78 7.30 -5.15
N VAL A 57 4.64 6.94 -6.42
CA VAL A 57 3.77 7.69 -7.31
C VAL A 57 2.32 7.45 -6.91
N ASN A 58 1.96 6.18 -6.78
CA ASN A 58 0.61 5.81 -6.40
C ASN A 58 0.52 5.72 -4.87
N VAL A 59 1.54 6.28 -4.22
CA VAL A 59 1.58 6.28 -2.77
C VAL A 59 0.32 6.97 -2.22
N GLN A 60 0.09 8.18 -2.72
CA GLN A 60 -1.07 8.95 -2.29
C GLN A 60 -2.35 8.18 -2.58
N ALA A 61 -2.49 7.76 -3.83
CA ALA A 61 -3.67 7.01 -4.25
C ALA A 61 -4.01 5.97 -3.18
N VAL A 62 -2.98 5.27 -2.73
CA VAL A 62 -3.15 4.25 -1.71
C VAL A 62 -3.47 4.91 -0.37
N LYS A 63 -2.67 5.92 -0.05
CA LYS A 63 -2.86 6.64 1.20
C LYS A 63 -4.30 7.16 1.27
N VAL A 64 -4.83 7.49 0.11
CA VAL A 64 -6.19 7.99 0.02
C VAL A 64 -7.18 6.85 0.24
N PHE A 65 -6.87 5.72 -0.39
CA PHE A 65 -7.70 4.54 -0.28
C PHE A 65 -7.91 4.15 1.18
N LEU A 66 -6.82 4.15 1.92
CA LEU A 66 -6.86 3.80 3.33
C LEU A 66 -7.82 4.75 4.06
N GLU A 67 -7.46 6.02 4.04
CA GLU A 67 -8.28 7.03 4.69
C GLU A 67 -9.73 6.93 4.22
N SER A 68 -9.89 6.56 2.96
CA SER A 68 -11.21 6.41 2.38
C SER A 68 -11.92 5.19 2.97
N GLN A 69 -11.16 4.11 3.09
CA GLN A 69 -11.69 2.88 3.64
C GLN A 69 -11.72 2.95 5.17
N GLY A 70 -11.45 4.14 5.68
CA GLY A 70 -11.44 4.35 7.12
C GLY A 70 -10.58 3.29 7.82
N ILE A 71 -9.34 3.17 7.35
CA ILE A 71 -8.41 2.22 7.93
C ILE A 71 -7.28 2.97 8.64
N ALA A 72 -6.44 2.20 9.31
CA ALA A 72 -5.33 2.78 10.04
C ALA A 72 -4.03 2.11 9.58
N TYR A 73 -3.14 2.93 9.04
CA TYR A 73 -1.86 2.43 8.57
C TYR A 73 -0.71 3.30 9.08
N SER A 74 0.47 3.07 8.49
CA SER A 74 1.65 3.82 8.88
C SER A 74 2.74 3.65 7.83
N ILE A 75 3.82 4.40 8.01
CA ILE A 75 4.93 4.35 7.09
C ILE A 75 6.03 3.47 7.69
N MET A 76 6.46 2.49 6.89
CA MET A 76 7.49 1.58 7.34
C MET A 76 8.86 1.99 6.77
N ILE A 77 8.89 2.17 5.46
CA ILE A 77 10.11 2.56 4.78
C ILE A 77 9.78 3.53 3.64
N GLU A 78 10.57 4.59 3.56
CA GLU A 78 10.38 5.59 2.53
C GLU A 78 11.65 5.76 1.70
N ASP A 79 11.89 7.00 1.30
CA ASP A 79 13.06 7.30 0.49
C ASP A 79 14.27 7.52 1.42
N VAL A 80 14.62 6.46 2.13
CA VAL A 80 15.74 6.53 3.05
C VAL A 80 17.05 6.52 2.26
N GLN A 81 17.67 7.70 2.22
CA GLN A 81 18.92 7.85 1.49
C GLN A 81 20.01 6.96 2.12
#